data_6M3A
#
_entry.id   6M3A
#
_entity_poly.entity_id   1
_entity_poly.type   'polypeptide(L)'
_entity_poly.pdbx_seq_one_letter_code
;HHHHHRSGGLVPRGSHMENLYFQGDAPTVNDVTSDATQVTGQAEPNSTVKLTFPDGTTATGTADDQGNYTIDIPSNVDLN
GGEELQVTATDKDGNTSESTNTTII
;
_entity_poly.pdbx_strand_id   A
#
# COMPACT_ATOMS: atom_id res chain seq x y z
N HIS A 1 36.94 27.49 -62.11
CA HIS A 1 37.83 27.83 -60.99
C HIS A 1 37.85 26.72 -59.92
N HIS A 2 36.66 26.33 -59.38
CA HIS A 2 36.51 25.33 -58.30
C HIS A 2 35.06 24.78 -58.28
N HIS A 3 34.83 23.76 -57.44
CA HIS A 3 33.47 23.20 -57.16
C HIS A 3 32.90 23.82 -55.87
N HIS A 4 31.60 23.58 -55.60
CA HIS A 4 30.91 24.08 -54.37
C HIS A 4 30.59 22.90 -53.44
N HIS A 5 30.80 23.10 -52.13
CA HIS A 5 30.51 22.09 -51.09
C HIS A 5 29.42 22.63 -50.15
N ARG A 6 28.32 21.88 -50.02
CA ARG A 6 27.19 22.20 -49.11
C ARG A 6 27.12 21.12 -48.01
N SER A 7 26.59 21.51 -46.85
CA SER A 7 26.38 20.60 -45.71
C SER A 7 24.93 20.07 -45.72
N GLY A 8 24.63 19.11 -44.83
CA GLY A 8 23.32 18.45 -44.77
C GLY A 8 22.73 18.41 -43.37
N GLY A 9 21.50 18.92 -43.22
CA GLY A 9 20.76 18.91 -41.95
C GLY A 9 19.58 17.96 -41.99
N LEU A 10 19.36 17.22 -40.88
CA LEU A 10 18.25 16.25 -40.76
C LEU A 10 17.60 16.38 -39.37
N VAL A 11 16.34 15.92 -39.26
CA VAL A 11 15.56 16.00 -38.01
C VAL A 11 15.88 14.78 -37.09
N PRO A 12 16.03 15.01 -35.75
CA PRO A 12 16.16 13.93 -34.75
C PRO A 12 14.84 13.12 -34.60
N ARG A 13 14.97 11.78 -34.49
CA ARG A 13 13.81 10.87 -34.35
C ARG A 13 13.32 10.83 -32.89
N GLY A 14 12.01 10.56 -32.72
CA GLY A 14 11.39 10.45 -31.40
C GLY A 14 11.62 9.09 -30.76
N SER A 15 11.90 9.09 -29.45
CA SER A 15 12.17 7.87 -28.66
C SER A 15 11.38 7.91 -27.34
N HIS A 16 11.65 6.96 -26.43
CA HIS A 16 11.04 6.93 -25.08
C HIS A 16 11.92 6.09 -24.14
N MET A 17 11.78 6.33 -22.83
CA MET A 17 12.42 5.51 -21.79
C MET A 17 11.42 4.47 -21.26
N GLU A 18 11.92 3.58 -20.38
CA GLU A 18 11.14 2.49 -19.78
C GLU A 18 11.58 2.29 -18.33
N ASN A 19 10.71 1.70 -17.50
CA ASN A 19 10.98 1.50 -16.06
C ASN A 19 10.07 0.42 -15.47
N LEU A 20 10.57 -0.26 -14.43
CA LEU A 20 9.77 -1.15 -13.57
C LEU A 20 8.95 -0.25 -12.62
N TYR A 21 7.72 -0.65 -12.30
CA TYR A 21 6.77 0.17 -11.53
C TYR A 21 7.21 0.31 -10.05
N PHE A 22 6.80 -0.64 -9.19
CA PHE A 22 7.19 -0.65 -7.77
C PHE A 22 8.41 -1.56 -7.57
N GLN A 23 9.43 -1.03 -6.86
CA GLN A 23 10.61 -1.79 -6.42
C GLN A 23 10.93 -1.38 -4.98
N GLY A 24 10.60 -2.27 -4.02
CA GLY A 24 10.85 -2.04 -2.61
C GLY A 24 10.50 -3.28 -1.79
N ASP A 25 9.39 -3.19 -1.02
CA ASP A 25 8.84 -4.32 -0.24
C ASP A 25 7.38 -4.02 0.18
N ALA A 26 6.72 -5.04 0.74
CA ALA A 26 5.32 -4.97 1.16
C ALA A 26 5.14 -4.16 2.46
N PRO A 27 3.98 -3.44 2.65
CA PRO A 27 3.72 -2.63 3.86
C PRO A 27 3.51 -3.51 5.12
N THR A 28 4.28 -3.21 6.17
CA THR A 28 4.23 -3.94 7.45
C THR A 28 2.89 -3.71 8.17
N VAL A 29 2.27 -4.79 8.65
CA VAL A 29 1.04 -4.72 9.48
C VAL A 29 1.46 -4.94 10.95
N ASN A 30 0.79 -4.24 11.87
CA ASN A 30 0.87 -4.54 13.31
C ASN A 30 -0.15 -5.63 13.64
N ASP A 31 0.05 -6.34 14.75
CA ASP A 31 -0.80 -7.47 15.15
C ASP A 31 -2.19 -6.99 15.61
N VAL A 32 -3.07 -6.72 14.63
CA VAL A 32 -4.46 -6.32 14.85
C VAL A 32 -5.31 -7.58 15.15
N THR A 33 -5.24 -8.01 16.41
CA THR A 33 -5.83 -9.26 16.89
C THR A 33 -7.30 -9.05 17.31
N SER A 34 -8.21 -9.18 16.33
CA SER A 34 -9.71 -9.22 16.49
C SER A 34 -10.30 -8.04 17.31
N ASP A 35 -10.12 -8.09 18.65
CA ASP A 35 -10.63 -7.10 19.61
C ASP A 35 -10.00 -5.71 19.36
N ALA A 36 -8.78 -5.72 18.77
CA ALA A 36 -8.09 -4.50 18.29
C ALA A 36 -8.98 -3.79 17.25
N THR A 37 -9.62 -2.69 17.68
CA THR A 37 -10.65 -1.96 16.90
C THR A 37 -10.07 -1.18 15.71
N GLN A 38 -8.73 -1.10 15.61
CA GLN A 38 -8.02 -0.37 14.53
C GLN A 38 -6.92 -1.25 13.95
N VAL A 39 -6.77 -1.19 12.61
CA VAL A 39 -5.62 -1.79 11.92
C VAL A 39 -4.55 -0.70 11.74
N THR A 40 -3.37 -0.93 12.32
CA THR A 40 -2.21 -0.03 12.16
C THR A 40 -1.03 -0.79 11.56
N GLY A 41 0.05 -0.06 11.26
CA GLY A 41 1.27 -0.64 10.71
C GLY A 41 2.14 0.40 10.05
N GLN A 42 3.18 -0.05 9.34
CA GLN A 42 4.06 0.83 8.54
C GLN A 42 3.82 0.60 7.04
N ALA A 43 3.71 1.71 6.29
CA ALA A 43 3.46 1.68 4.83
C ALA A 43 4.20 2.83 4.16
N GLU A 44 4.10 2.87 2.81
CA GLU A 44 4.63 3.97 1.99
C GLU A 44 4.01 5.33 2.46
N PRO A 45 4.85 6.32 2.90
CA PRO A 45 4.37 7.65 3.36
C PRO A 45 3.46 8.36 2.33
N ASN A 46 2.26 8.78 2.79
CA ASN A 46 1.27 9.56 2.00
C ASN A 46 0.74 8.78 0.77
N SER A 47 0.79 7.45 0.84
CA SER A 47 0.33 6.57 -0.25
C SER A 47 -1.02 5.99 0.13
N THR A 48 -1.92 5.88 -0.88
CA THR A 48 -3.27 5.39 -0.68
C THR A 48 -3.25 3.89 -0.32
N VAL A 49 -3.22 3.63 0.99
CA VAL A 49 -3.14 2.29 1.54
C VAL A 49 -4.55 1.71 1.73
N LYS A 50 -4.97 0.90 0.74
CA LYS A 50 -6.25 0.22 0.75
C LYS A 50 -6.22 -0.97 1.74
N LEU A 51 -7.11 -0.93 2.73
CA LEU A 51 -7.24 -1.98 3.74
C LEU A 51 -8.28 -3.00 3.24
N THR A 52 -7.80 -4.17 2.81
CA THR A 52 -8.65 -5.22 2.26
C THR A 52 -8.84 -6.32 3.32
N PHE A 53 -10.00 -6.26 4.00
CA PHE A 53 -10.44 -7.33 4.88
C PHE A 53 -10.77 -8.57 4.01
N PRO A 54 -10.38 -9.82 4.44
CA PRO A 54 -10.62 -11.07 3.67
C PRO A 54 -12.11 -11.52 3.67
N ASP A 55 -12.93 -10.76 4.40
CA ASP A 55 -14.39 -10.80 4.32
C ASP A 55 -14.85 -10.22 2.97
N GLY A 56 -14.09 -9.22 2.50
CA GLY A 56 -14.31 -8.55 1.22
C GLY A 56 -14.49 -7.05 1.40
N THR A 57 -14.79 -6.64 2.66
CA THR A 57 -14.89 -5.22 3.04
C THR A 57 -13.54 -4.51 2.80
N THR A 58 -13.52 -3.54 1.88
CA THR A 58 -12.32 -2.74 1.60
C THR A 58 -12.49 -1.30 2.13
N ALA A 59 -11.75 -1.00 3.21
CA ALA A 59 -11.72 0.31 3.84
C ALA A 59 -10.53 1.09 3.26
N THR A 60 -10.82 1.94 2.27
CA THR A 60 -9.80 2.71 1.54
C THR A 60 -9.30 3.88 2.41
N GLY A 61 -7.98 4.00 2.54
CA GLY A 61 -7.35 5.06 3.32
C GLY A 61 -6.03 5.47 2.73
N THR A 62 -5.32 6.38 3.41
CA THR A 62 -4.00 6.87 3.00
C THR A 62 -3.09 6.94 4.23
N ALA A 63 -1.83 6.49 4.06
CA ALA A 63 -0.80 6.52 5.10
C ALA A 63 -0.41 7.97 5.43
N ASP A 64 0.08 8.18 6.64
CA ASP A 64 0.43 9.51 7.19
C ASP A 64 1.66 10.14 6.46
N ASP A 65 1.99 11.39 6.82
CA ASP A 65 3.25 12.06 6.46
C ASP A 65 4.46 11.17 6.84
N GLN A 66 4.37 10.55 8.03
CA GLN A 66 5.29 9.49 8.48
C GLN A 66 4.95 8.17 7.77
N GLY A 67 5.88 7.21 7.76
CA GLY A 67 5.69 5.95 7.02
C GLY A 67 4.91 4.92 7.80
N ASN A 68 3.70 5.29 8.20
CA ASN A 68 2.78 4.42 8.93
C ASN A 68 1.35 4.70 8.47
N TYR A 69 0.43 3.78 8.78
CA TYR A 69 -1.00 3.99 8.53
C TYR A 69 -1.82 3.64 9.77
N THR A 70 -3.00 4.26 9.86
CA THR A 70 -4.01 3.97 10.88
C THR A 70 -5.37 3.97 10.18
N ILE A 71 -5.99 2.79 10.07
CA ILE A 71 -7.31 2.59 9.44
C ILE A 71 -8.15 1.74 10.39
N ASP A 72 -9.14 2.38 11.03
CA ASP A 72 -10.03 1.73 12.00
C ASP A 72 -10.94 0.68 11.32
N ILE A 73 -11.18 -0.44 12.02
CA ILE A 73 -12.09 -1.51 11.56
C ILE A 73 -13.55 -0.99 11.60
N PRO A 74 -14.27 -1.03 10.44
CA PRO A 74 -15.66 -0.57 10.37
C PRO A 74 -16.63 -1.58 11.00
N SER A 75 -17.71 -1.07 11.62
CA SER A 75 -18.70 -1.88 12.34
C SER A 75 -19.61 -2.62 11.34
N ASN A 76 -19.07 -3.73 10.81
CA ASN A 76 -19.76 -4.64 9.89
C ASN A 76 -18.89 -5.88 9.71
N VAL A 77 -17.58 -5.64 9.55
CA VAL A 77 -16.58 -6.70 9.42
C VAL A 77 -15.96 -7.03 10.79
N ASP A 78 -15.69 -8.32 11.01
CA ASP A 78 -15.03 -8.81 12.24
C ASP A 78 -13.85 -9.70 11.83
N LEU A 79 -12.70 -9.50 12.48
CA LEU A 79 -11.51 -10.34 12.26
C LEU A 79 -11.59 -11.60 13.15
N ASN A 80 -12.42 -12.55 12.71
CA ASN A 80 -12.62 -13.85 13.39
C ASN A 80 -11.47 -14.80 13.03
N GLY A 81 -11.22 -15.81 13.90
CA GLY A 81 -10.13 -16.78 13.71
C GLY A 81 -10.17 -17.47 12.34
N GLY A 82 -9.24 -17.07 11.45
CA GLY A 82 -9.16 -17.60 10.09
C GLY A 82 -9.03 -16.51 9.03
N GLU A 83 -9.17 -15.24 9.45
CA GLU A 83 -9.10 -14.07 8.53
C GLU A 83 -7.63 -13.69 8.22
N GLU A 84 -7.25 -13.80 6.93
CA GLU A 84 -5.92 -13.37 6.43
C GLU A 84 -6.02 -11.92 5.91
N LEU A 85 -5.73 -10.96 6.81
CA LEU A 85 -5.89 -9.54 6.52
C LEU A 85 -4.88 -9.08 5.45
N GLN A 86 -5.40 -8.61 4.30
CA GLN A 86 -4.60 -8.13 3.17
C GLN A 86 -4.51 -6.60 3.19
N VAL A 87 -3.29 -6.04 3.27
CA VAL A 87 -3.09 -4.58 3.17
C VAL A 87 -2.27 -4.28 1.90
N THR A 88 -2.63 -3.19 1.21
CA THR A 88 -2.01 -2.78 -0.06
C THR A 88 -1.79 -1.25 -0.07
N ALA A 89 -0.55 -0.82 0.16
CA ALA A 89 -0.17 0.60 -0.01
C ALA A 89 0.02 0.87 -1.50
N THR A 90 -0.51 2.00 -1.99
CA THR A 90 -0.38 2.40 -3.40
C THR A 90 0.23 3.79 -3.48
N ASP A 91 1.46 3.87 -4.03
CA ASP A 91 2.18 5.13 -4.30
C ASP A 91 1.30 6.12 -5.12
N LYS A 92 1.66 7.41 -5.05
CA LYS A 92 0.86 8.54 -5.60
C LYS A 92 0.79 8.48 -7.14
N ASP A 93 1.81 7.86 -7.75
CA ASP A 93 1.86 7.65 -9.21
C ASP A 93 1.03 6.41 -9.60
N GLY A 94 0.81 5.53 -8.62
CA GLY A 94 -0.05 4.34 -8.78
C GLY A 94 0.70 3.03 -8.60
N ASN A 95 1.92 3.11 -8.06
CA ASN A 95 2.80 1.93 -7.89
C ASN A 95 2.47 1.23 -6.56
N THR A 96 1.61 0.21 -6.65
CA THR A 96 1.16 -0.57 -5.48
C THR A 96 2.26 -1.54 -5.01
N SER A 97 2.47 -1.61 -3.69
CA SER A 97 3.38 -2.55 -3.03
C SER A 97 2.70 -3.93 -2.90
N GLU A 98 3.49 -4.96 -2.60
CA GLU A 98 3.00 -6.36 -2.51
C GLU A 98 1.90 -6.48 -1.43
N SER A 99 0.89 -7.33 -1.70
CA SER A 99 -0.26 -7.53 -0.81
C SER A 99 0.14 -8.36 0.41
N THR A 100 0.27 -7.70 1.57
CA THR A 100 0.55 -8.38 2.83
C THR A 100 -0.75 -9.01 3.39
N ASN A 101 -1.04 -10.22 2.88
CA ASN A 101 -2.18 -11.05 3.32
C ASN A 101 -1.69 -12.00 4.42
N THR A 102 -2.12 -11.75 5.66
CA THR A 102 -1.57 -12.41 6.86
C THR A 102 -2.67 -12.69 7.89
N THR A 103 -2.80 -13.97 8.31
CA THR A 103 -3.71 -14.38 9.38
C THR A 103 -3.16 -13.92 10.74
N ILE A 104 -3.62 -12.75 11.19
CA ILE A 104 -3.30 -12.23 12.54
C ILE A 104 -4.17 -12.97 13.59
N ILE A 105 -5.23 -13.59 13.05
CA ILE A 105 -6.29 -14.29 13.79
C ILE A 105 -6.53 -15.66 13.10
N HIS A 1 55.93 27.99 -10.90
CA HIS A 1 55.33 26.75 -10.37
C HIS A 1 53.88 27.04 -9.91
N HIS A 2 52.92 26.75 -10.80
CA HIS A 2 51.48 26.85 -10.55
C HIS A 2 50.76 25.77 -11.40
N HIS A 3 49.53 25.42 -10.98
CA HIS A 3 48.66 24.48 -11.72
C HIS A 3 47.22 25.01 -11.70
N HIS A 4 46.82 25.74 -12.76
CA HIS A 4 45.45 26.25 -12.90
C HIS A 4 44.59 25.25 -13.71
N HIS A 5 43.37 24.98 -13.24
CA HIS A 5 42.48 23.96 -13.83
C HIS A 5 41.01 24.29 -13.54
N ARG A 6 40.27 24.67 -14.59
CA ARG A 6 38.81 24.90 -14.51
C ARG A 6 38.06 23.60 -14.84
N SER A 7 36.89 23.42 -14.23
CA SER A 7 36.02 22.26 -14.43
C SER A 7 34.61 22.74 -14.79
N GLY A 8 34.17 22.45 -16.02
CA GLY A 8 32.85 22.86 -16.50
C GLY A 8 32.53 22.21 -17.83
N GLY A 9 31.75 21.12 -17.78
CA GLY A 9 31.31 20.40 -18.98
C GLY A 9 29.79 20.25 -19.03
N LEU A 10 29.31 19.42 -19.96
CA LEU A 10 27.87 19.16 -20.14
C LEU A 10 27.65 17.72 -20.62
N VAL A 11 26.41 17.23 -20.47
CA VAL A 11 25.99 15.90 -20.99
C VAL A 11 24.85 16.09 -22.02
N PRO A 12 24.73 15.17 -23.02
CA PRO A 12 23.57 15.15 -23.94
C PRO A 12 22.32 14.51 -23.28
N ARG A 13 21.23 14.43 -24.07
CA ARG A 13 19.98 13.78 -23.64
C ARG A 13 20.15 12.26 -23.55
N GLY A 14 19.30 11.59 -22.76
CA GLY A 14 19.43 10.15 -22.49
C GLY A 14 18.09 9.46 -22.34
N SER A 15 18.07 8.16 -22.65
CA SER A 15 16.89 7.30 -22.48
C SER A 15 16.75 6.88 -21.00
N HIS A 16 15.51 6.61 -20.57
CA HIS A 16 15.21 6.08 -19.23
C HIS A 16 14.54 4.71 -19.35
N MET A 17 14.27 4.05 -18.21
CA MET A 17 13.67 2.71 -18.18
C MET A 17 12.22 2.78 -17.65
N GLU A 18 11.46 1.69 -17.85
CA GLU A 18 10.09 1.55 -17.32
C GLU A 18 10.13 1.28 -15.81
N ASN A 19 9.03 1.56 -15.13
CA ASN A 19 8.91 1.36 -13.68
C ASN A 19 8.13 0.07 -13.39
N LEU A 20 8.50 -0.60 -12.29
CA LEU A 20 7.87 -1.85 -11.84
C LEU A 20 6.48 -1.54 -11.25
N TYR A 21 5.56 -2.52 -11.38
CA TYR A 21 4.19 -2.44 -10.85
C TYR A 21 4.18 -2.51 -9.30
N PHE A 22 5.30 -3.03 -8.74
CA PHE A 22 5.52 -3.10 -7.29
C PHE A 22 6.58 -2.07 -6.88
N GLN A 23 6.15 -0.80 -6.74
CA GLN A 23 7.01 0.28 -6.19
C GLN A 23 6.61 0.52 -4.73
N GLY A 24 7.38 -0.08 -3.82
CA GLY A 24 7.11 -0.07 -2.40
C GLY A 24 7.10 -1.47 -1.83
N ASP A 25 7.70 -1.65 -0.63
CA ASP A 25 7.74 -2.96 0.04
C ASP A 25 6.42 -3.23 0.78
N ALA A 26 6.29 -4.43 1.38
CA ALA A 26 5.07 -4.83 2.10
C ALA A 26 4.79 -3.89 3.29
N PRO A 27 3.52 -3.37 3.42
CA PRO A 27 3.08 -2.64 4.62
C PRO A 27 3.27 -3.50 5.89
N THR A 28 4.21 -3.09 6.76
CA THR A 28 4.50 -3.78 8.03
C THR A 28 3.33 -3.56 9.01
N VAL A 29 2.25 -4.33 8.80
CA VAL A 29 1.05 -4.25 9.62
C VAL A 29 1.29 -4.91 10.99
N ASN A 30 0.82 -4.24 12.04
CA ASN A 30 0.90 -4.76 13.42
C ASN A 30 -0.16 -5.87 13.61
N ASP A 31 -0.12 -6.57 14.75
CA ASP A 31 -1.04 -7.69 15.04
C ASP A 31 -2.49 -7.20 15.21
N VAL A 32 -3.20 -7.03 14.09
CA VAL A 32 -4.61 -6.62 14.08
C VAL A 32 -5.52 -7.87 14.06
N THR A 33 -5.92 -8.28 15.27
CA THR A 33 -6.83 -9.40 15.49
C THR A 33 -8.30 -8.89 15.50
N SER A 34 -9.25 -9.78 15.79
CA SER A 34 -10.69 -9.47 15.81
C SER A 34 -11.04 -8.48 16.95
N ASP A 35 -10.21 -8.47 18.02
CA ASP A 35 -10.37 -7.55 19.18
C ASP A 35 -9.50 -6.29 19.03
N ALA A 36 -8.84 -6.13 17.87
CA ALA A 36 -8.07 -4.92 17.53
C ALA A 36 -8.97 -4.00 16.69
N THR A 37 -9.25 -2.79 17.21
CA THR A 37 -10.28 -1.90 16.64
C THR A 37 -9.72 -1.02 15.50
N GLN A 38 -8.38 -0.91 15.41
CA GLN A 38 -7.71 -0.10 14.37
C GLN A 38 -6.56 -0.89 13.76
N VAL A 39 -6.40 -0.78 12.44
CA VAL A 39 -5.32 -1.40 11.68
C VAL A 39 -4.17 -0.40 11.54
N THR A 40 -3.18 -0.54 12.42
CA THR A 40 -1.98 0.30 12.43
C THR A 40 -0.79 -0.48 11.85
N GLY A 41 0.24 0.27 11.44
CA GLY A 41 1.46 -0.32 10.90
C GLY A 41 2.23 0.67 10.06
N GLN A 42 3.35 0.23 9.49
CA GLN A 42 4.19 1.04 8.61
C GLN A 42 3.82 0.77 7.14
N ALA A 43 3.85 1.83 6.32
CA ALA A 43 3.61 1.73 4.86
C ALA A 43 4.29 2.90 4.14
N GLU A 44 4.08 3.02 2.82
CA GLU A 44 4.64 4.12 2.02
C GLU A 44 4.07 5.48 2.50
N PRO A 45 4.96 6.47 2.88
CA PRO A 45 4.53 7.78 3.42
C PRO A 45 3.82 8.64 2.36
N ASN A 46 2.72 9.30 2.79
CA ASN A 46 1.91 10.22 1.97
C ASN A 46 1.20 9.49 0.81
N SER A 47 1.10 8.14 0.93
CA SER A 47 0.55 7.27 -0.10
C SER A 47 -0.73 6.60 0.42
N THR A 48 -1.71 6.35 -0.48
CA THR A 48 -2.99 5.75 -0.11
C THR A 48 -2.82 4.25 0.19
N VAL A 49 -2.97 3.88 1.46
CA VAL A 49 -2.90 2.48 1.90
C VAL A 49 -4.28 1.83 1.71
N LYS A 50 -4.38 0.96 0.68
CA LYS A 50 -5.55 0.13 0.44
C LYS A 50 -5.57 -1.02 1.47
N LEU A 51 -6.71 -1.22 2.12
CA LEU A 51 -6.88 -2.31 3.10
C LEU A 51 -8.01 -3.21 2.60
N THR A 52 -7.69 -4.47 2.28
CA THR A 52 -8.69 -5.47 1.90
C THR A 52 -8.91 -6.44 3.06
N PHE A 53 -9.98 -6.21 3.82
CA PHE A 53 -10.48 -7.16 4.81
C PHE A 53 -10.92 -8.46 4.07
N PRO A 54 -10.60 -9.65 4.64
CA PRO A 54 -10.74 -10.96 3.92
C PRO A 54 -12.20 -11.34 3.58
N ASP A 55 -13.17 -10.68 4.24
CA ASP A 55 -14.60 -10.90 4.02
C ASP A 55 -15.05 -10.22 2.71
N GLY A 56 -14.37 -9.12 2.35
CA GLY A 56 -14.61 -8.39 1.11
C GLY A 56 -14.60 -6.88 1.28
N THR A 57 -14.80 -6.41 2.55
CA THR A 57 -14.80 -4.98 2.89
C THR A 57 -13.42 -4.36 2.61
N THR A 58 -13.37 -3.26 1.84
CA THR A 58 -12.13 -2.54 1.55
C THR A 58 -12.19 -1.11 2.13
N ALA A 59 -11.35 -0.84 3.14
CA ALA A 59 -11.32 0.44 3.86
C ALA A 59 -10.01 1.18 3.53
N THR A 60 -10.09 2.18 2.64
CA THR A 60 -8.92 2.94 2.18
C THR A 60 -8.54 4.03 3.22
N GLY A 61 -7.22 4.20 3.44
CA GLY A 61 -6.70 5.20 4.36
C GLY A 61 -5.31 5.64 3.97
N THR A 62 -5.16 6.93 3.62
CA THR A 62 -3.87 7.53 3.26
C THR A 62 -2.93 7.59 4.47
N ALA A 63 -1.72 6.99 4.31
CA ALA A 63 -0.65 7.08 5.31
C ALA A 63 -0.19 8.54 5.49
N ASP A 64 0.25 8.86 6.71
CA ASP A 64 0.61 10.24 7.12
C ASP A 64 1.90 10.75 6.44
N ASP A 65 2.37 11.92 6.89
CA ASP A 65 3.69 12.47 6.52
C ASP A 65 4.81 11.46 6.86
N GLN A 66 4.64 10.80 8.02
CA GLN A 66 5.49 9.67 8.44
C GLN A 66 5.07 8.39 7.67
N GLY A 67 5.99 7.41 7.58
CA GLY A 67 5.74 6.16 6.87
C GLY A 67 4.96 5.16 7.69
N ASN A 68 3.75 5.57 8.13
CA ASN A 68 2.86 4.75 8.93
C ASN A 68 1.40 5.16 8.64
N TYR A 69 0.46 4.25 8.96
CA TYR A 69 -0.97 4.47 8.74
C TYR A 69 -1.78 4.02 9.97
N THR A 70 -2.99 4.58 10.11
CA THR A 70 -4.00 4.15 11.09
C THR A 70 -5.37 4.16 10.40
N ILE A 71 -5.83 2.98 9.97
CA ILE A 71 -7.14 2.82 9.34
C ILE A 71 -8.08 2.17 10.36
N ASP A 72 -9.00 2.99 10.90
CA ASP A 72 -9.99 2.56 11.89
C ASP A 72 -10.97 1.57 11.25
N ILE A 73 -11.18 0.42 11.90
CA ILE A 73 -12.04 -0.67 11.40
C ILE A 73 -13.52 -0.24 11.36
N PRO A 74 -14.24 -0.47 10.22
CA PRO A 74 -15.68 -0.19 10.13
C PRO A 74 -16.48 -1.21 10.96
N SER A 75 -17.43 -0.72 11.79
CA SER A 75 -18.21 -1.53 12.74
C SER A 75 -19.23 -2.42 11.99
N ASN A 76 -18.69 -3.45 11.33
CA ASN A 76 -19.42 -4.35 10.41
C ASN A 76 -18.54 -5.60 10.20
N VAL A 77 -17.25 -5.37 9.89
CA VAL A 77 -16.29 -6.45 9.62
C VAL A 77 -15.63 -6.95 10.93
N ASP A 78 -15.68 -8.28 11.13
CA ASP A 78 -14.94 -8.98 12.19
C ASP A 78 -13.95 -9.94 11.53
N LEU A 79 -13.04 -10.54 12.31
CA LEU A 79 -12.00 -11.44 11.80
C LEU A 79 -12.10 -12.83 12.47
N ASN A 80 -12.59 -13.83 11.74
CA ASN A 80 -12.72 -15.22 12.24
C ASN A 80 -11.38 -15.96 12.09
N GLY A 81 -11.21 -17.05 12.85
CA GLY A 81 -9.95 -17.80 12.86
C GLY A 81 -9.62 -18.43 11.51
N GLY A 82 -8.56 -17.92 10.86
CA GLY A 82 -8.14 -18.37 9.52
C GLY A 82 -8.27 -17.28 8.46
N GLU A 83 -8.84 -16.13 8.85
CA GLU A 83 -9.04 -14.97 7.95
C GLU A 83 -7.75 -14.14 7.82
N GLU A 84 -7.25 -14.02 6.56
CA GLU A 84 -6.04 -13.26 6.26
C GLU A 84 -6.38 -11.79 5.98
N LEU A 85 -6.13 -10.90 6.95
CA LEU A 85 -6.29 -9.45 6.75
C LEU A 85 -5.20 -8.96 5.78
N GLN A 86 -5.61 -8.65 4.55
CA GLN A 86 -4.72 -8.17 3.50
C GLN A 86 -4.65 -6.63 3.51
N VAL A 87 -3.44 -6.09 3.37
CA VAL A 87 -3.21 -4.65 3.29
C VAL A 87 -2.03 -4.37 2.35
N THR A 88 -2.23 -3.39 1.44
CA THR A 88 -1.30 -3.06 0.36
C THR A 88 -1.21 -1.53 0.20
N ALA A 89 0.02 -0.98 0.16
CA ALA A 89 0.24 0.46 -0.08
C ALA A 89 0.16 0.75 -1.59
N THR A 90 -0.31 1.96 -1.94
CA THR A 90 -0.49 2.38 -3.34
C THR A 90 -0.04 3.84 -3.48
N ASP A 91 0.84 4.12 -4.46
CA ASP A 91 1.40 5.46 -4.69
C ASP A 91 0.52 6.27 -5.68
N LYS A 92 0.99 7.50 -5.99
CA LYS A 92 0.32 8.45 -6.92
C LYS A 92 0.06 7.85 -8.34
N ASP A 93 0.96 6.96 -8.82
CA ASP A 93 0.84 6.32 -10.14
C ASP A 93 -0.12 5.11 -10.09
N GLY A 94 -0.22 4.49 -8.91
CA GLY A 94 -1.16 3.37 -8.69
C GLY A 94 -0.45 2.03 -8.53
N ASN A 95 0.88 2.07 -8.42
CA ASN A 95 1.71 0.88 -8.18
C ASN A 95 1.44 0.36 -6.75
N THR A 96 0.89 -0.85 -6.68
CA THR A 96 0.63 -1.54 -5.42
C THR A 96 1.88 -2.31 -4.97
N SER A 97 2.15 -2.26 -3.67
CA SER A 97 3.18 -3.08 -3.02
C SER A 97 2.80 -4.58 -3.05
N GLU A 98 3.65 -5.44 -2.50
CA GLU A 98 3.29 -6.84 -2.25
C GLU A 98 2.24 -6.89 -1.10
N SER A 99 1.17 -7.66 -1.34
CA SER A 99 -0.03 -7.69 -0.49
C SER A 99 0.23 -8.44 0.84
N THR A 100 0.30 -7.68 1.95
CA THR A 100 0.53 -8.26 3.30
C THR A 100 -0.79 -8.87 3.86
N ASN A 101 -0.99 -10.17 3.57
CA ASN A 101 -2.16 -10.94 4.04
C ASN A 101 -1.76 -11.80 5.25
N THR A 102 -2.23 -11.39 6.45
CA THR A 102 -1.79 -11.98 7.73
C THR A 102 -2.97 -12.54 8.55
N THR A 103 -2.85 -13.80 9.00
CA THR A 103 -3.76 -14.42 9.98
C THR A 103 -3.24 -14.13 11.40
N ILE A 104 -3.77 -13.05 12.01
CA ILE A 104 -3.50 -12.75 13.43
C ILE A 104 -4.45 -13.60 14.32
N ILE A 105 -5.48 -14.15 13.65
CA ILE A 105 -6.56 -14.93 14.24
C ILE A 105 -6.43 -16.40 13.78
N HIS A 1 66.59 2.17 -25.70
CA HIS A 1 65.65 1.22 -26.32
C HIS A 1 64.20 1.68 -26.05
N HIS A 2 63.33 1.55 -27.07
CA HIS A 2 61.96 2.07 -27.00
C HIS A 2 61.04 1.13 -26.20
N HIS A 3 60.51 1.63 -25.07
CA HIS A 3 59.47 0.94 -24.27
C HIS A 3 58.06 1.27 -24.81
N HIS A 4 57.04 0.57 -24.29
CA HIS A 4 55.63 0.80 -24.65
C HIS A 4 55.16 2.20 -24.19
N HIS A 5 54.17 2.75 -24.89
CA HIS A 5 53.58 4.07 -24.56
C HIS A 5 52.83 4.02 -23.21
N ARG A 6 52.71 5.19 -22.56
CA ARG A 6 52.11 5.30 -21.23
C ARG A 6 50.58 5.09 -21.29
N SER A 7 49.91 5.86 -22.13
CA SER A 7 48.43 5.85 -22.22
C SER A 7 47.97 6.04 -23.68
N GLY A 8 47.20 5.06 -24.19
CA GLY A 8 46.62 5.13 -25.54
C GLY A 8 45.24 5.77 -25.53
N GLY A 9 44.49 5.57 -26.62
CA GLY A 9 43.15 6.15 -26.79
C GLY A 9 42.03 5.27 -26.21
N LEU A 10 42.36 4.51 -25.14
CA LEU A 10 41.41 3.62 -24.47
C LEU A 10 40.66 4.41 -23.37
N VAL A 11 39.53 5.00 -23.77
CA VAL A 11 38.65 5.79 -22.89
C VAL A 11 37.49 4.91 -22.36
N PRO A 12 36.89 5.24 -21.17
CA PRO A 12 35.72 4.51 -20.63
C PRO A 12 34.42 4.91 -21.36
N ARG A 13 33.37 4.10 -21.19
CA ARG A 13 32.02 4.38 -21.73
C ARG A 13 31.06 4.67 -20.57
N GLY A 14 29.89 5.22 -20.88
CA GLY A 14 28.90 5.59 -19.88
C GLY A 14 27.67 4.70 -19.93
N SER A 15 27.27 4.17 -18.77
CA SER A 15 26.03 3.39 -18.59
C SER A 15 24.96 4.24 -17.88
N HIS A 16 23.67 3.92 -18.10
CA HIS A 16 22.55 4.59 -17.43
C HIS A 16 22.06 3.71 -16.25
N MET A 17 21.42 4.35 -15.26
CA MET A 17 20.87 3.68 -14.07
C MET A 17 19.60 2.89 -14.41
N GLU A 18 19.44 1.73 -13.74
CA GLU A 18 18.26 0.87 -13.89
C GLU A 18 17.12 1.37 -12.96
N ASN A 19 15.89 1.34 -13.49
CA ASN A 19 14.67 1.66 -12.72
C ASN A 19 14.41 0.59 -11.64
N LEU A 20 13.94 1.05 -10.47
CA LEU A 20 13.51 0.19 -9.36
C LEU A 20 12.14 0.71 -8.84
N TYR A 21 11.44 -0.14 -8.09
CA TYR A 21 10.14 0.21 -7.49
C TYR A 21 10.31 1.17 -6.28
N PHE A 22 9.31 2.04 -6.06
CA PHE A 22 9.22 2.88 -4.84
C PHE A 22 8.80 2.01 -3.65
N GLN A 23 7.80 1.14 -3.89
CA GLN A 23 7.19 0.23 -2.90
C GLN A 23 8.26 -0.63 -2.18
N GLY A 24 8.91 -1.56 -2.91
CA GLY A 24 9.92 -2.46 -2.36
C GLY A 24 9.37 -3.41 -1.30
N ASP A 25 9.19 -2.89 -0.07
CA ASP A 25 8.57 -3.61 1.05
C ASP A 25 7.04 -3.46 1.00
N ALA A 26 6.35 -4.49 1.51
CA ALA A 26 4.90 -4.48 1.73
C ALA A 26 4.59 -3.74 3.06
N PRO A 27 3.33 -3.23 3.26
CA PRO A 27 2.89 -2.64 4.56
C PRO A 27 3.21 -3.54 5.76
N THR A 28 4.14 -3.08 6.63
CA THR A 28 4.53 -3.81 7.84
C THR A 28 3.44 -3.64 8.92
N VAL A 29 2.42 -4.50 8.81
CA VAL A 29 1.23 -4.46 9.68
C VAL A 29 1.55 -5.09 11.03
N ASN A 30 1.10 -4.44 12.11
CA ASN A 30 1.28 -4.93 13.49
C ASN A 30 0.35 -6.12 13.76
N ASP A 31 0.43 -6.69 14.99
CA ASP A 31 -0.43 -7.80 15.41
C ASP A 31 -1.88 -7.29 15.66
N VAL A 32 -2.61 -7.11 14.54
CA VAL A 32 -3.98 -6.58 14.53
C VAL A 32 -4.99 -7.75 14.49
N THR A 33 -5.62 -7.98 15.65
CA THR A 33 -6.54 -9.09 15.86
C THR A 33 -8.01 -8.66 15.66
N SER A 34 -8.95 -9.57 16.02
CA SER A 34 -10.39 -9.27 16.02
C SER A 34 -10.75 -8.34 17.21
N ASP A 35 -9.90 -8.40 18.27
CA ASP A 35 -10.00 -7.52 19.45
C ASP A 35 -9.61 -6.09 19.07
N ALA A 36 -8.67 -5.98 18.09
CA ALA A 36 -8.20 -4.69 17.55
C ALA A 36 -9.28 -4.08 16.62
N THR A 37 -9.73 -2.86 16.96
CA THR A 37 -10.75 -2.13 16.19
C THR A 37 -10.11 -1.03 15.33
N GLN A 38 -8.76 -1.01 15.26
CA GLN A 38 -7.97 -0.09 14.43
C GLN A 38 -6.68 -0.81 13.99
N VAL A 39 -6.46 -0.87 12.67
CA VAL A 39 -5.25 -1.46 12.08
C VAL A 39 -4.18 -0.36 11.87
N THR A 40 -2.98 -0.60 12.42
CA THR A 40 -1.82 0.31 12.30
C THR A 40 -0.59 -0.47 11.82
N GLY A 41 0.44 0.29 11.44
CA GLY A 41 1.71 -0.27 11.00
C GLY A 41 2.45 0.69 10.08
N GLN A 42 3.55 0.21 9.50
CA GLN A 42 4.33 0.95 8.51
C GLN A 42 3.76 0.70 7.09
N ALA A 43 3.79 1.73 6.23
CA ALA A 43 3.35 1.64 4.82
C ALA A 43 4.09 2.72 3.99
N GLU A 44 3.78 2.77 2.67
CA GLU A 44 4.35 3.80 1.77
C GLU A 44 3.85 5.20 2.22
N PRO A 45 4.76 6.21 2.42
CA PRO A 45 4.39 7.56 2.90
C PRO A 45 3.68 8.39 1.81
N ASN A 46 2.62 9.12 2.20
CA ASN A 46 1.81 9.99 1.31
C ASN A 46 1.12 9.14 0.22
N SER A 47 0.77 7.90 0.59
CA SER A 47 0.25 6.89 -0.34
C SER A 47 -1.02 6.24 0.22
N THR A 48 -2.03 6.05 -0.64
CA THR A 48 -3.35 5.54 -0.23
C THR A 48 -3.29 4.03 0.06
N VAL A 49 -3.48 3.65 1.34
CA VAL A 49 -3.48 2.26 1.76
C VAL A 49 -4.89 1.65 1.59
N LYS A 50 -5.04 0.82 0.54
CA LYS A 50 -6.26 0.03 0.30
C LYS A 50 -6.23 -1.22 1.20
N LEU A 51 -7.16 -1.25 2.13
CA LEU A 51 -7.28 -2.32 3.13
C LEU A 51 -8.45 -3.24 2.75
N THR A 52 -8.12 -4.44 2.27
CA THR A 52 -9.09 -5.48 1.95
C THR A 52 -9.22 -6.46 3.13
N PHE A 53 -10.36 -6.38 3.82
CA PHE A 53 -10.74 -7.35 4.84
C PHE A 53 -11.10 -8.71 4.18
N PRO A 54 -10.76 -9.87 4.84
CA PRO A 54 -11.05 -11.23 4.29
C PRO A 54 -12.57 -11.54 4.18
N ASP A 55 -13.39 -10.73 4.87
CA ASP A 55 -14.85 -10.80 4.82
C ASP A 55 -15.36 -10.24 3.48
N GLY A 56 -14.63 -9.25 2.94
CA GLY A 56 -14.95 -8.61 1.65
C GLY A 56 -15.07 -7.10 1.77
N THR A 57 -15.26 -6.60 3.01
CA THR A 57 -15.25 -5.16 3.33
C THR A 57 -13.90 -4.53 2.93
N THR A 58 -13.91 -3.32 2.37
CA THR A 58 -12.70 -2.58 1.99
C THR A 58 -12.77 -1.13 2.52
N ALA A 59 -11.82 -0.77 3.41
CA ALA A 59 -11.68 0.57 3.96
C ALA A 59 -10.37 1.19 3.44
N THR A 60 -10.43 2.43 2.91
CA THR A 60 -9.25 3.12 2.35
C THR A 60 -8.79 4.24 3.28
N GLY A 61 -7.47 4.30 3.54
CA GLY A 61 -6.88 5.30 4.41
C GLY A 61 -5.48 5.67 3.94
N THR A 62 -5.28 6.93 3.55
CA THR A 62 -3.99 7.44 3.05
C THR A 62 -2.98 7.50 4.20
N ALA A 63 -1.84 6.81 4.03
CA ALA A 63 -0.72 6.86 4.97
C ALA A 63 -0.16 8.29 5.09
N ASP A 64 0.34 8.61 6.29
CA ASP A 64 0.82 9.95 6.67
C ASP A 64 2.07 10.36 5.84
N ASP A 65 2.54 11.62 6.04
CA ASP A 65 3.82 12.10 5.49
C ASP A 65 5.00 11.20 5.96
N GLN A 66 4.87 10.68 7.20
CA GLN A 66 5.72 9.58 7.72
C GLN A 66 5.22 8.24 7.16
N GLY A 67 6.09 7.23 7.09
CA GLY A 67 5.74 5.93 6.52
C GLY A 67 4.97 5.07 7.50
N ASN A 68 3.78 5.53 7.89
CA ASN A 68 2.87 4.81 8.78
C ASN A 68 1.41 5.11 8.37
N TYR A 69 0.47 4.27 8.80
CA TYR A 69 -0.98 4.46 8.53
C TYR A 69 -1.80 4.15 9.79
N THR A 70 -3.00 4.73 9.87
CA THR A 70 -3.99 4.42 10.91
C THR A 70 -5.38 4.38 10.24
N ILE A 71 -5.91 3.16 10.05
CA ILE A 71 -7.25 2.93 9.48
C ILE A 71 -8.13 2.29 10.56
N ASP A 72 -9.29 2.89 10.80
CA ASP A 72 -10.29 2.34 11.73
C ASP A 72 -10.95 1.10 11.10
N ILE A 73 -10.90 -0.03 11.83
CA ILE A 73 -11.62 -1.25 11.44
C ILE A 73 -13.11 -1.08 11.76
N PRO A 74 -13.99 -1.04 10.72
CA PRO A 74 -15.43 -0.82 10.89
C PRO A 74 -16.16 -2.05 11.49
N SER A 75 -17.31 -1.80 12.14
CA SER A 75 -18.17 -2.86 12.70
C SER A 75 -18.88 -3.64 11.57
N ASN A 76 -18.85 -3.06 10.34
CA ASN A 76 -19.39 -3.69 9.12
C ASN A 76 -18.68 -5.04 8.82
N VAL A 77 -17.40 -5.15 9.21
CA VAL A 77 -16.60 -6.39 9.04
C VAL A 77 -16.47 -7.14 10.37
N ASP A 78 -16.58 -8.48 10.30
CA ASP A 78 -16.23 -9.39 11.41
C ASP A 78 -14.93 -10.13 11.03
N LEU A 79 -13.95 -10.14 11.94
CA LEU A 79 -12.67 -10.84 11.73
C LEU A 79 -12.66 -12.16 12.50
N ASN A 80 -12.76 -13.29 11.78
CA ASN A 80 -12.70 -14.64 12.37
C ASN A 80 -11.32 -15.26 12.13
N GLY A 81 -10.89 -16.13 13.06
CA GLY A 81 -9.60 -16.81 12.98
C GLY A 81 -9.50 -17.76 11.80
N GLY A 82 -8.27 -17.91 11.27
CA GLY A 82 -8.03 -18.67 10.04
C GLY A 82 -7.88 -17.78 8.84
N GLU A 83 -8.68 -16.69 8.82
CA GLU A 83 -8.69 -15.69 7.74
C GLU A 83 -7.47 -14.75 7.85
N GLU A 84 -7.08 -14.15 6.70
CA GLU A 84 -5.91 -13.25 6.61
C GLU A 84 -6.37 -11.82 6.26
N LEU A 85 -5.83 -10.84 6.98
CA LEU A 85 -6.12 -9.42 6.74
C LEU A 85 -5.16 -8.89 5.66
N GLN A 86 -5.71 -8.57 4.46
CA GLN A 86 -4.92 -8.07 3.32
C GLN A 86 -4.82 -6.54 3.37
N VAL A 87 -3.66 -6.03 3.78
CA VAL A 87 -3.38 -4.59 3.82
C VAL A 87 -2.35 -4.26 2.73
N THR A 88 -2.72 -3.38 1.78
CA THR A 88 -1.83 -3.00 0.66
C THR A 88 -1.79 -1.47 0.52
N ALA A 89 -0.58 -0.91 0.43
CA ALA A 89 -0.39 0.53 0.14
C ALA A 89 -0.33 0.73 -1.38
N THR A 90 -0.61 1.95 -1.84
CA THR A 90 -0.48 2.32 -3.26
C THR A 90 0.06 3.75 -3.37
N ASP A 91 1.30 3.87 -3.85
CA ASP A 91 1.98 5.17 -4.05
C ASP A 91 1.22 6.09 -5.04
N LYS A 92 1.52 7.38 -4.92
CA LYS A 92 1.01 8.49 -5.78
C LYS A 92 1.24 8.23 -7.30
N ASP A 93 2.23 7.38 -7.62
CA ASP A 93 2.62 7.07 -9.02
C ASP A 93 1.83 5.84 -9.54
N GLY A 94 0.97 5.29 -8.69
CA GLY A 94 0.22 4.08 -9.00
C GLY A 94 1.03 2.82 -8.74
N ASN A 95 1.89 2.88 -7.71
CA ASN A 95 2.77 1.76 -7.31
C ASN A 95 2.07 0.98 -6.19
N THR A 96 1.19 0.04 -6.58
CA THR A 96 0.54 -0.87 -5.63
C THR A 96 1.58 -1.85 -5.07
N SER A 97 1.78 -1.79 -3.75
CA SER A 97 2.76 -2.61 -3.02
C SER A 97 2.33 -4.08 -3.00
N GLU A 98 3.13 -4.94 -2.38
CA GLU A 98 2.79 -6.35 -2.17
C GLU A 98 1.66 -6.43 -1.11
N SER A 99 0.72 -7.35 -1.34
CA SER A 99 -0.43 -7.53 -0.45
C SER A 99 0.02 -8.24 0.84
N THR A 100 0.04 -7.50 1.95
CA THR A 100 0.33 -8.07 3.28
C THR A 100 -0.93 -8.79 3.79
N ASN A 101 -1.08 -10.05 3.38
CA ASN A 101 -2.24 -10.89 3.72
C ASN A 101 -1.82 -11.89 4.83
N THR A 102 -1.74 -11.37 6.07
CA THR A 102 -1.24 -12.12 7.23
C THR A 102 -2.39 -12.59 8.15
N THR A 103 -2.38 -13.90 8.48
CA THR A 103 -3.33 -14.49 9.43
C THR A 103 -2.87 -14.18 10.87
N ILE A 104 -3.31 -13.02 11.40
CA ILE A 104 -2.98 -12.58 12.78
C ILE A 104 -3.97 -13.25 13.75
N ILE A 105 -5.16 -13.50 13.22
CA ILE A 105 -6.26 -14.21 13.89
C ILE A 105 -6.13 -15.72 13.57
N HIS A 1 55.75 21.93 -33.78
CA HIS A 1 55.09 20.62 -33.59
C HIS A 1 55.35 20.13 -32.15
N HIS A 2 54.34 20.26 -31.29
CA HIS A 2 54.36 19.76 -29.92
C HIS A 2 53.16 18.83 -29.72
N HIS A 3 53.35 17.74 -28.94
CA HIS A 3 52.27 16.79 -28.62
C HIS A 3 51.24 17.47 -27.69
N HIS A 4 50.24 18.08 -28.32
CA HIS A 4 49.15 18.77 -27.64
C HIS A 4 48.08 17.75 -27.21
N HIS A 5 47.82 17.69 -25.89
CA HIS A 5 46.84 16.75 -25.31
C HIS A 5 45.41 17.15 -25.72
N ARG A 6 44.79 16.34 -26.60
CA ARG A 6 43.44 16.60 -27.11
C ARG A 6 42.39 16.15 -26.08
N SER A 7 41.95 17.11 -25.24
CA SER A 7 41.02 16.87 -24.13
C SER A 7 39.61 17.40 -24.49
N GLY A 8 38.57 16.68 -24.02
CA GLY A 8 37.18 17.03 -24.29
C GLY A 8 36.24 15.86 -24.05
N GLY A 9 35.03 16.13 -23.54
CA GLY A 9 34.06 15.07 -23.21
C GLY A 9 32.63 15.50 -23.52
N LEU A 10 31.93 14.70 -24.33
CA LEU A 10 30.51 14.96 -24.69
C LEU A 10 29.58 14.42 -23.59
N VAL A 11 28.59 15.24 -23.20
CA VAL A 11 27.57 14.87 -22.20
C VAL A 11 26.35 14.23 -22.91
N PRO A 12 25.98 12.96 -22.55
CA PRO A 12 24.70 12.35 -22.99
C PRO A 12 23.49 13.09 -22.37
N ARG A 13 22.84 13.93 -23.18
CA ARG A 13 21.64 14.68 -22.76
C ARG A 13 20.39 13.94 -23.28
N GLY A 14 19.54 13.51 -22.33
CA GLY A 14 18.28 12.82 -22.66
C GLY A 14 17.51 12.40 -21.42
N SER A 15 16.17 12.42 -21.48
CA SER A 15 15.28 12.06 -20.36
C SER A 15 15.18 10.52 -20.19
N HIS A 16 14.71 10.09 -19.02
CA HIS A 16 14.60 8.66 -18.65
C HIS A 16 13.11 8.30 -18.38
N MET A 17 12.55 7.44 -19.23
CA MET A 17 11.14 7.01 -19.13
C MET A 17 11.05 5.72 -18.31
N GLU A 18 10.13 5.71 -17.32
CA GLU A 18 9.98 4.60 -16.37
C GLU A 18 9.31 3.39 -17.05
N ASN A 19 10.08 2.29 -17.19
CA ASN A 19 9.62 1.06 -17.85
C ASN A 19 8.83 0.19 -16.83
N LEU A 20 9.02 0.46 -15.54
CA LEU A 20 8.36 -0.26 -14.43
C LEU A 20 6.92 0.27 -14.19
N TYR A 21 6.11 -0.56 -13.54
CA TYR A 21 4.80 -0.16 -13.00
C TYR A 21 5.04 0.57 -11.66
N PHE A 22 5.90 -0.03 -10.82
CA PHE A 22 6.28 0.49 -9.50
C PHE A 22 7.64 -0.09 -9.07
N GLN A 23 8.11 0.31 -7.88
CA GLN A 23 9.33 -0.22 -7.27
C GLN A 23 9.35 0.18 -5.78
N GLY A 24 9.02 -0.77 -4.90
CA GLY A 24 8.96 -0.51 -3.46
C GLY A 24 8.88 -1.79 -2.64
N ASP A 25 7.95 -1.80 -1.67
CA ASP A 25 7.70 -2.96 -0.78
C ASP A 25 6.28 -2.88 -0.20
N ALA A 26 5.85 -3.97 0.42
CA ALA A 26 4.52 -4.09 1.01
C ALA A 26 4.49 -3.52 2.45
N PRO A 27 3.30 -3.01 2.92
CA PRO A 27 3.12 -2.54 4.32
C PRO A 27 3.43 -3.61 5.39
N THR A 28 4.26 -3.24 6.38
CA THR A 28 4.56 -4.10 7.53
C THR A 28 3.51 -3.82 8.63
N VAL A 29 2.32 -4.43 8.46
CA VAL A 29 1.17 -4.29 9.37
C VAL A 29 1.45 -4.91 10.76
N ASN A 30 0.92 -4.26 11.82
CA ASN A 30 1.06 -4.70 13.22
C ASN A 30 0.18 -5.94 13.52
N ASP A 31 0.21 -6.40 14.78
CA ASP A 31 -0.66 -7.49 15.28
C ASP A 31 -2.10 -6.97 15.41
N VAL A 32 -2.83 -6.97 14.29
CA VAL A 32 -4.21 -6.50 14.23
C VAL A 32 -5.16 -7.69 14.42
N THR A 33 -5.56 -7.86 15.68
CA THR A 33 -6.44 -8.93 16.11
C THR A 33 -7.91 -8.53 15.90
N SER A 34 -8.83 -9.42 16.32
CA SER A 34 -10.28 -9.16 16.32
C SER A 34 -10.63 -8.13 17.40
N ASP A 35 -9.82 -8.12 18.48
CA ASP A 35 -9.91 -7.12 19.55
C ASP A 35 -9.41 -5.74 19.05
N ALA A 36 -8.38 -5.75 18.17
CA ALA A 36 -7.84 -4.54 17.55
C ALA A 36 -8.87 -3.95 16.57
N THR A 37 -9.56 -2.90 17.01
CA THR A 37 -10.61 -2.21 16.24
C THR A 37 -10.03 -1.32 15.12
N GLN A 38 -8.70 -1.15 15.10
CA GLN A 38 -7.99 -0.41 14.04
C GLN A 38 -6.85 -1.27 13.51
N VAL A 39 -6.73 -1.30 12.19
CA VAL A 39 -5.58 -1.89 11.50
C VAL A 39 -4.52 -0.78 11.27
N THR A 40 -3.38 -0.94 11.94
CA THR A 40 -2.24 -0.01 11.87
C THR A 40 -0.98 -0.78 11.46
N GLY A 41 0.12 -0.03 11.24
CA GLY A 41 1.40 -0.62 10.86
C GLY A 41 2.22 0.33 10.01
N GLN A 42 3.39 -0.14 9.58
CA GLN A 42 4.26 0.58 8.65
C GLN A 42 3.71 0.47 7.23
N ALA A 43 3.81 1.57 6.48
CA ALA A 43 3.50 1.61 5.04
C ALA A 43 4.28 2.75 4.38
N GLU A 44 4.09 2.93 3.06
CA GLU A 44 4.72 4.03 2.32
C GLU A 44 4.06 5.39 2.71
N PRO A 45 4.87 6.37 3.24
CA PRO A 45 4.39 7.73 3.62
C PRO A 45 3.55 8.41 2.52
N ASN A 46 2.39 8.99 2.92
CA ASN A 46 1.51 9.81 2.06
C ASN A 46 0.92 9.03 0.86
N SER A 47 0.94 7.69 0.96
CA SER A 47 0.35 6.79 -0.05
C SER A 47 -0.86 6.07 0.57
N THR A 48 -1.94 5.92 -0.22
CA THR A 48 -3.21 5.37 0.27
C THR A 48 -3.10 3.84 0.43
N VAL A 49 -3.07 3.41 1.69
CA VAL A 49 -3.03 2.00 2.05
C VAL A 49 -4.41 1.38 1.84
N LYS A 50 -4.52 0.56 0.78
CA LYS A 50 -5.73 -0.19 0.50
C LYS A 50 -5.77 -1.44 1.38
N LEU A 51 -6.72 -1.46 2.31
CA LEU A 51 -6.93 -2.59 3.21
C LEU A 51 -7.98 -3.49 2.58
N THR A 52 -7.70 -4.78 2.48
CA THR A 52 -8.63 -5.78 1.96
C THR A 52 -8.91 -6.81 3.07
N PHE A 53 -10.19 -6.89 3.43
CA PHE A 53 -10.71 -7.87 4.40
C PHE A 53 -11.12 -9.16 3.64
N PRO A 54 -11.11 -10.36 4.34
CA PRO A 54 -11.47 -11.66 3.72
C PRO A 54 -12.98 -11.77 3.34
N ASP A 55 -13.76 -10.79 3.81
CA ASP A 55 -15.18 -10.64 3.48
C ASP A 55 -15.34 -10.08 2.06
N GLY A 56 -14.35 -9.27 1.64
CA GLY A 56 -14.41 -8.52 0.38
C GLY A 56 -14.47 -7.02 0.63
N THR A 57 -14.78 -6.63 1.90
CA THR A 57 -14.78 -5.23 2.35
C THR A 57 -13.37 -4.62 2.19
N THR A 58 -13.27 -3.47 1.51
CA THR A 58 -11.98 -2.79 1.28
C THR A 58 -12.05 -1.33 1.77
N ALA A 59 -11.28 -1.03 2.83
CA ALA A 59 -11.23 0.30 3.48
C ALA A 59 -9.88 0.96 3.16
N THR A 60 -9.92 2.08 2.43
CA THR A 60 -8.71 2.78 1.96
C THR A 60 -8.36 3.96 2.89
N GLY A 61 -7.14 3.95 3.43
CA GLY A 61 -6.68 4.98 4.36
C GLY A 61 -5.28 5.46 4.00
N THR A 62 -5.15 6.77 3.73
CA THR A 62 -3.86 7.39 3.35
C THR A 62 -2.91 7.42 4.57
N ALA A 63 -1.68 6.90 4.37
CA ALA A 63 -0.62 6.95 5.37
C ALA A 63 -0.17 8.40 5.59
N ASP A 64 0.35 8.68 6.79
CA ASP A 64 0.81 10.03 7.19
C ASP A 64 2.16 10.37 6.49
N ASP A 65 2.70 11.58 6.72
CA ASP A 65 4.07 11.96 6.29
C ASP A 65 5.12 11.00 6.89
N GLN A 66 4.81 10.47 8.09
CA GLN A 66 5.54 9.35 8.71
C GLN A 66 5.12 8.03 8.02
N GLY A 67 6.00 7.01 8.07
CA GLY A 67 5.76 5.75 7.38
C GLY A 67 4.90 4.79 8.20
N ASN A 68 3.69 5.22 8.52
CA ASN A 68 2.69 4.43 9.22
C ASN A 68 1.30 4.89 8.79
N TYR A 69 0.29 4.03 9.00
CA TYR A 69 -1.10 4.32 8.65
C TYR A 69 -2.01 3.96 9.83
N THR A 70 -3.22 4.53 9.83
CA THR A 70 -4.28 4.19 10.80
C THR A 70 -5.63 4.13 10.06
N ILE A 71 -6.10 2.89 9.80
CA ILE A 71 -7.42 2.63 9.23
C ILE A 71 -8.26 1.95 10.32
N ASP A 72 -9.42 2.50 10.66
CA ASP A 72 -10.34 1.83 11.60
C ASP A 72 -11.15 0.77 10.84
N ILE A 73 -11.24 -0.44 11.44
CA ILE A 73 -12.04 -1.54 10.89
C ILE A 73 -13.53 -1.15 10.93
N PRO A 74 -14.21 -1.03 9.74
CA PRO A 74 -15.60 -0.52 9.66
C PRO A 74 -16.60 -1.45 10.38
N SER A 75 -17.55 -0.83 11.13
CA SER A 75 -18.54 -1.55 11.95
C SER A 75 -19.55 -2.28 11.06
N ASN A 76 -19.11 -3.43 10.54
CA ASN A 76 -19.84 -4.28 9.59
C ASN A 76 -18.98 -5.52 9.38
N VAL A 77 -17.68 -5.30 9.13
CA VAL A 77 -16.68 -6.36 9.04
C VAL A 77 -15.99 -6.52 10.42
N ASP A 78 -15.53 -7.74 10.70
CA ASP A 78 -14.75 -8.06 11.90
C ASP A 78 -13.78 -9.20 11.54
N LEU A 79 -12.86 -9.50 12.46
CA LEU A 79 -11.87 -10.56 12.28
C LEU A 79 -12.21 -11.75 13.19
N ASN A 80 -11.71 -12.93 12.83
CA ASN A 80 -12.03 -14.20 13.51
C ASN A 80 -10.90 -15.21 13.25
N GLY A 81 -10.77 -16.25 14.10
CA GLY A 81 -9.71 -17.26 13.98
C GLY A 81 -9.74 -18.01 12.63
N GLY A 82 -8.95 -17.49 11.68
CA GLY A 82 -8.86 -18.04 10.31
C GLY A 82 -8.79 -16.93 9.25
N GLU A 83 -8.95 -15.69 9.69
CA GLU A 83 -9.02 -14.48 8.83
C GLU A 83 -7.65 -13.78 8.80
N GLU A 84 -7.43 -12.93 7.77
CA GLU A 84 -6.19 -12.17 7.62
C GLU A 84 -6.45 -10.74 7.14
N LEU A 85 -5.45 -9.88 7.38
CA LEU A 85 -5.41 -8.51 6.87
C LEU A 85 -4.60 -8.51 5.57
N GLN A 86 -5.27 -8.41 4.41
CA GLN A 86 -4.59 -8.27 3.12
C GLN A 86 -4.25 -6.79 2.88
N VAL A 87 -3.11 -6.37 3.44
CA VAL A 87 -2.69 -4.96 3.49
C VAL A 87 -1.75 -4.66 2.32
N THR A 88 -2.16 -3.71 1.45
CA THR A 88 -1.37 -3.31 0.27
C THR A 88 -1.31 -1.78 0.19
N ALA A 89 -0.11 -1.24 -0.13
CA ALA A 89 0.08 0.21 -0.28
C ALA A 89 -0.11 0.59 -1.75
N THR A 90 -1.17 1.38 -2.04
CA THR A 90 -1.32 2.03 -3.34
C THR A 90 -0.36 3.24 -3.37
N ASP A 91 0.74 3.08 -4.12
CA ASP A 91 1.88 4.01 -4.10
C ASP A 91 1.50 5.43 -4.58
N LYS A 92 2.44 6.38 -4.42
CA LYS A 92 2.21 7.83 -4.60
C LYS A 92 1.60 8.24 -5.97
N ASP A 93 1.81 7.43 -7.03
CA ASP A 93 1.32 7.75 -8.39
C ASP A 93 -0.07 7.14 -8.62
N GLY A 94 -0.38 6.10 -7.83
CA GLY A 94 -1.58 5.28 -8.00
C GLY A 94 -1.21 3.86 -8.38
N ASN A 95 0.01 3.44 -7.95
CA ASN A 95 0.57 2.11 -8.27
C ASN A 95 0.05 1.09 -7.24
N THR A 96 0.62 -0.13 -7.22
CA THR A 96 0.21 -1.18 -6.25
C THR A 96 1.42 -2.02 -5.88
N SER A 97 1.71 -2.13 -4.56
CA SER A 97 2.79 -2.97 -4.03
C SER A 97 2.30 -4.43 -3.84
N GLU A 98 3.10 -5.24 -3.13
CA GLU A 98 2.72 -6.61 -2.75
C GLU A 98 1.66 -6.59 -1.64
N SER A 99 0.85 -7.66 -1.54
CA SER A 99 -0.23 -7.76 -0.55
C SER A 99 0.23 -8.60 0.66
N THR A 100 0.56 -7.91 1.78
CA THR A 100 0.92 -8.56 3.03
C THR A 100 -0.34 -9.11 3.74
N ASN A 101 -0.65 -10.40 3.51
CA ASN A 101 -1.80 -11.07 4.14
C ASN A 101 -1.36 -11.65 5.48
N THR A 102 -1.75 -11.02 6.60
CA THR A 102 -1.33 -11.42 7.95
C THR A 102 -2.47 -12.07 8.75
N THR A 103 -2.39 -13.41 8.89
CA THR A 103 -3.27 -14.18 9.77
C THR A 103 -2.84 -13.95 11.24
N ILE A 104 -3.33 -12.85 11.83
CA ILE A 104 -3.04 -12.49 13.23
C ILE A 104 -3.96 -13.30 14.16
N ILE A 105 -5.15 -13.59 13.63
CA ILE A 105 -6.26 -14.25 14.32
C ILE A 105 -6.31 -15.72 13.86
N HIS A 1 -14.05 20.85 -30.27
CA HIS A 1 -12.70 21.25 -30.71
C HIS A 1 -11.63 20.34 -30.04
N HIS A 2 -11.06 19.43 -30.83
CA HIS A 2 -9.90 18.61 -30.43
C HIS A 2 -9.25 17.98 -31.68
N HIS A 3 -7.92 18.10 -31.79
CA HIS A 3 -7.17 17.63 -32.97
C HIS A 3 -6.98 16.10 -32.93
N HIS A 4 -6.78 15.57 -31.71
CA HIS A 4 -6.60 14.13 -31.48
C HIS A 4 -7.70 13.60 -30.54
N HIS A 5 -8.42 12.56 -31.00
CA HIS A 5 -9.32 11.78 -30.14
C HIS A 5 -8.48 10.81 -29.31
N ARG A 6 -8.28 11.14 -28.03
CA ARG A 6 -7.56 10.29 -27.09
C ARG A 6 -8.42 9.04 -26.77
N SER A 7 -7.78 7.87 -26.82
CA SER A 7 -8.43 6.58 -26.58
C SER A 7 -7.34 5.57 -26.20
N GLY A 8 -7.66 4.65 -25.26
CA GLY A 8 -6.69 3.67 -24.75
C GLY A 8 -5.56 4.32 -23.96
N GLY A 9 -4.48 4.70 -24.67
CA GLY A 9 -3.35 5.42 -24.07
C GLY A 9 -2.00 4.78 -24.37
N LEU A 10 -2.02 3.46 -24.64
CA LEU A 10 -0.80 2.66 -24.90
C LEU A 10 -0.29 2.96 -26.32
N VAL A 11 0.63 3.94 -26.41
CA VAL A 11 1.28 4.33 -27.67
C VAL A 11 2.20 3.18 -28.18
N PRO A 12 2.01 2.70 -29.47
CA PRO A 12 2.88 1.65 -30.07
C PRO A 12 4.39 2.00 -29.98
N ARG A 13 5.14 1.15 -29.27
CA ARG A 13 6.57 1.36 -28.99
C ARG A 13 7.24 -0.01 -28.73
N GLY A 14 8.51 -0.15 -29.14
CA GLY A 14 9.27 -1.40 -28.95
C GLY A 14 10.17 -1.35 -27.72
N SER A 15 9.62 -0.84 -26.60
CA SER A 15 10.36 -0.63 -25.34
C SER A 15 9.73 -1.43 -24.19
N HIS A 16 10.56 -1.78 -23.19
CA HIS A 16 10.13 -2.54 -21.99
C HIS A 16 9.63 -1.57 -20.90
N MET A 17 9.03 -2.14 -19.83
CA MET A 17 8.44 -1.37 -18.73
C MET A 17 9.53 -0.64 -17.92
N GLU A 18 9.42 0.70 -17.84
CA GLU A 18 10.38 1.55 -17.11
C GLU A 18 10.12 1.44 -15.59
N ASN A 19 8.83 1.32 -15.24
CA ASN A 19 8.38 1.23 -13.83
C ASN A 19 8.20 -0.24 -13.42
N LEU A 20 7.96 -0.44 -12.11
CA LEU A 20 7.83 -1.79 -11.52
C LEU A 20 6.35 -2.23 -11.43
N TYR A 21 5.43 -1.24 -11.41
CA TYR A 21 3.97 -1.41 -11.11
C TYR A 21 3.73 -1.73 -9.61
N PHE A 22 4.54 -2.62 -9.03
CA PHE A 22 4.65 -2.80 -7.58
C PHE A 22 5.99 -2.18 -7.11
N GLN A 23 6.02 -0.83 -7.08
CA GLN A 23 7.19 -0.08 -6.60
C GLN A 23 7.23 -0.17 -5.07
N GLY A 24 7.89 -1.23 -4.57
CA GLY A 24 7.89 -1.57 -3.16
C GLY A 24 7.06 -2.83 -2.91
N ASP A 25 7.57 -3.69 -2.03
CA ASP A 25 6.91 -4.98 -1.68
C ASP A 25 5.83 -4.77 -0.60
N ALA A 26 5.38 -5.88 0.01
CA ALA A 26 4.30 -5.92 1.00
C ALA A 26 4.62 -5.06 2.26
N PRO A 27 3.75 -4.05 2.61
CA PRO A 27 3.87 -3.23 3.84
C PRO A 27 3.81 -4.07 5.14
N THR A 28 4.35 -3.53 6.24
CA THR A 28 4.34 -4.20 7.55
C THR A 28 2.98 -4.00 8.24
N VAL A 29 2.45 -5.09 8.85
CA VAL A 29 1.21 -5.05 9.65
C VAL A 29 1.57 -5.33 11.12
N ASN A 30 1.12 -4.45 12.03
CA ASN A 30 1.22 -4.69 13.49
C ASN A 30 0.16 -5.74 13.89
N ASP A 31 0.33 -6.34 15.10
CA ASP A 31 -0.60 -7.39 15.58
C ASP A 31 -2.00 -6.78 15.87
N VAL A 32 -2.83 -6.80 14.83
CA VAL A 32 -4.20 -6.27 14.86
C VAL A 32 -5.22 -7.44 14.95
N THR A 33 -5.61 -7.75 16.19
CA THR A 33 -6.62 -8.77 16.46
C THR A 33 -8.03 -8.17 16.31
N SER A 34 -9.05 -9.01 16.55
CA SER A 34 -10.47 -8.57 16.53
C SER A 34 -10.76 -7.63 17.71
N ASP A 35 -9.96 -7.79 18.79
CA ASP A 35 -10.00 -6.92 19.98
C ASP A 35 -9.68 -5.46 19.59
N ALA A 36 -8.74 -5.33 18.63
CA ALA A 36 -8.34 -4.02 18.06
C ALA A 36 -9.41 -3.52 17.07
N THR A 37 -9.81 -2.25 17.22
CA THR A 37 -10.83 -1.61 16.38
C THR A 37 -10.18 -0.86 15.20
N GLN A 38 -8.83 -0.83 15.16
CA GLN A 38 -8.04 -0.19 14.08
C GLN A 38 -6.83 -1.08 13.73
N VAL A 39 -6.42 -1.04 12.46
CA VAL A 39 -5.18 -1.64 11.97
C VAL A 39 -4.08 -0.57 11.87
N THR A 40 -2.87 -0.93 12.27
CA THR A 40 -1.68 -0.09 12.13
C THR A 40 -0.53 -0.93 11.55
N GLY A 41 0.59 -0.26 11.27
CA GLY A 41 1.77 -0.90 10.68
C GLY A 41 2.65 0.12 9.98
N GLN A 42 3.62 -0.36 9.20
CA GLN A 42 4.56 0.50 8.46
C GLN A 42 4.25 0.46 6.96
N ALA A 43 4.07 1.64 6.37
CA ALA A 43 3.86 1.84 4.93
C ALA A 43 4.29 3.25 4.55
N GLU A 44 4.85 3.40 3.33
CA GLU A 44 5.45 4.66 2.81
C GLU A 44 4.53 5.90 3.02
N PRO A 45 5.08 7.00 3.65
CA PRO A 45 4.34 8.24 3.97
C PRO A 45 3.51 8.79 2.79
N ASN A 46 2.25 9.19 3.08
CA ASN A 46 1.36 9.89 2.13
C ASN A 46 0.97 9.01 0.91
N SER A 47 1.08 7.67 1.06
CA SER A 47 0.63 6.69 0.04
C SER A 47 -0.70 6.10 0.51
N THR A 48 -1.73 6.10 -0.37
CA THR A 48 -3.08 5.63 0.00
C THR A 48 -3.09 4.10 0.20
N VAL A 49 -2.95 3.68 1.47
CA VAL A 49 -2.94 2.26 1.86
C VAL A 49 -4.36 1.71 1.82
N LYS A 50 -4.69 0.96 0.75
CA LYS A 50 -5.97 0.26 0.64
C LYS A 50 -5.92 -1.03 1.46
N LEU A 51 -6.90 -1.17 2.35
CA LEU A 51 -7.08 -2.36 3.20
C LEU A 51 -8.24 -3.21 2.66
N THR A 52 -7.92 -4.35 2.03
CA THR A 52 -8.92 -5.33 1.59
C THR A 52 -8.99 -6.48 2.62
N PHE A 53 -10.06 -6.47 3.40
CA PHE A 53 -10.37 -7.53 4.36
C PHE A 53 -10.69 -8.88 3.63
N PRO A 54 -10.44 -10.06 4.31
CA PRO A 54 -10.55 -11.41 3.67
C PRO A 54 -11.97 -11.77 3.14
N ASP A 55 -13.01 -11.08 3.66
CA ASP A 55 -14.40 -11.31 3.24
C ASP A 55 -14.74 -10.50 1.97
N GLY A 56 -14.11 -9.31 1.86
CA GLY A 56 -14.31 -8.41 0.71
C GLY A 56 -14.50 -6.96 1.10
N THR A 57 -14.74 -6.69 2.41
CA THR A 57 -14.89 -5.31 2.94
C THR A 57 -13.57 -4.54 2.72
N THR A 58 -13.67 -3.30 2.22
CA THR A 58 -12.50 -2.46 1.91
C THR A 58 -12.61 -1.11 2.62
N ALA A 59 -11.47 -0.61 3.09
CA ALA A 59 -11.35 0.65 3.81
C ALA A 59 -9.98 1.28 3.50
N THR A 60 -9.97 2.34 2.68
CA THR A 60 -8.73 3.04 2.31
C THR A 60 -8.30 4.01 3.42
N GLY A 61 -6.98 4.16 3.58
CA GLY A 61 -6.40 5.06 4.56
C GLY A 61 -5.03 5.49 4.12
N THR A 62 -4.90 6.77 3.75
CA THR A 62 -3.62 7.35 3.31
C THR A 62 -2.65 7.39 4.49
N ALA A 63 -1.44 6.82 4.27
CA ALA A 63 -0.38 6.78 5.27
C ALA A 63 -0.01 8.21 5.73
N ASP A 64 0.35 8.32 7.01
CA ASP A 64 0.68 9.59 7.68
C ASP A 64 1.93 10.27 7.06
N ASP A 65 2.30 11.45 7.58
CA ASP A 65 3.58 12.12 7.24
C ASP A 65 4.78 11.25 7.67
N GLN A 66 4.55 10.44 8.71
CA GLN A 66 5.46 9.37 9.12
C GLN A 66 5.11 8.09 8.33
N GLY A 67 6.02 7.09 8.32
CA GLY A 67 5.85 5.88 7.54
C GLY A 67 5.00 4.83 8.24
N ASN A 68 3.80 5.23 8.61
CA ASN A 68 2.80 4.36 9.24
C ASN A 68 1.44 4.64 8.61
N TYR A 69 0.49 3.73 8.81
CA TYR A 69 -0.91 3.94 8.41
C TYR A 69 -1.83 3.66 9.61
N THR A 70 -2.99 4.34 9.63
CA THR A 70 -4.00 4.17 10.68
C THR A 70 -5.38 4.12 10.02
N ILE A 71 -5.88 2.89 9.81
CA ILE A 71 -7.17 2.64 9.15
C ILE A 71 -8.09 1.98 10.19
N ASP A 72 -9.31 2.52 10.39
CA ASP A 72 -10.24 1.97 11.39
C ASP A 72 -11.05 0.82 10.76
N ILE A 73 -11.14 -0.29 11.52
CA ILE A 73 -11.87 -1.50 11.12
C ILE A 73 -13.40 -1.25 11.25
N PRO A 74 -14.17 -1.34 10.14
CA PRO A 74 -15.64 -1.18 10.16
C PRO A 74 -16.35 -2.42 10.75
N SER A 75 -17.61 -2.21 11.18
CA SER A 75 -18.48 -3.29 11.72
C SER A 75 -19.04 -4.17 10.58
N ASN A 76 -18.70 -3.83 9.33
CA ASN A 76 -19.05 -4.59 8.12
C ASN A 76 -18.27 -5.92 8.04
N VAL A 77 -17.07 -5.94 8.63
CA VAL A 77 -16.17 -7.10 8.61
C VAL A 77 -16.08 -7.75 10.02
N ASP A 78 -15.87 -9.07 10.02
CA ASP A 78 -15.63 -9.88 11.23
C ASP A 78 -14.24 -10.52 11.13
N LEU A 79 -13.38 -10.29 12.15
CA LEU A 79 -12.03 -10.91 12.21
C LEU A 79 -12.07 -12.17 13.09
N ASN A 80 -12.54 -13.28 12.51
CA ASN A 80 -12.59 -14.61 13.17
C ASN A 80 -11.20 -15.28 13.12
N GLY A 81 -10.92 -16.18 14.08
CA GLY A 81 -9.62 -16.85 14.19
C GLY A 81 -9.23 -17.66 12.95
N GLY A 82 -8.48 -17.02 12.03
CA GLY A 82 -8.05 -17.64 10.76
C GLY A 82 -8.06 -16.65 9.60
N GLU A 83 -8.66 -15.47 9.81
CA GLU A 83 -8.80 -14.43 8.79
C GLU A 83 -7.46 -13.69 8.56
N GLU A 84 -7.18 -13.37 7.30
CA GLU A 84 -5.95 -12.65 6.89
C GLU A 84 -6.34 -11.35 6.17
N LEU A 85 -6.06 -10.20 6.79
CA LEU A 85 -6.43 -8.88 6.22
C LEU A 85 -5.26 -8.35 5.38
N GLN A 86 -5.58 -7.89 4.15
CA GLN A 86 -4.60 -7.45 3.15
C GLN A 86 -4.42 -5.92 3.20
N VAL A 87 -3.25 -5.45 3.64
CA VAL A 87 -2.90 -4.02 3.55
C VAL A 87 -2.02 -3.82 2.31
N THR A 88 -2.25 -2.73 1.57
CA THR A 88 -1.53 -2.47 0.31
C THR A 88 -1.36 -0.97 0.10
N ALA A 89 -0.12 -0.47 0.29
CA ALA A 89 0.21 0.95 0.10
C ALA A 89 0.26 1.27 -1.40
N THR A 90 -0.84 1.87 -1.90
CA THR A 90 -0.93 2.32 -3.29
C THR A 90 -0.29 3.71 -3.42
N ASP A 91 0.87 3.73 -4.07
CA ASP A 91 1.59 4.95 -4.45
C ASP A 91 0.72 5.79 -5.42
N LYS A 92 0.80 7.12 -5.30
CA LYS A 92 -0.12 8.06 -5.98
C LYS A 92 0.08 8.13 -7.51
N ASP A 93 1.14 7.47 -8.04
CA ASP A 93 1.35 7.37 -9.50
C ASP A 93 0.47 6.24 -10.08
N GLY A 94 0.18 5.26 -9.23
CA GLY A 94 -0.59 4.07 -9.61
C GLY A 94 0.08 2.78 -9.15
N ASN A 95 1.34 2.90 -8.66
CA ASN A 95 2.15 1.76 -8.21
C ASN A 95 1.54 1.12 -6.94
N THR A 96 1.01 -0.09 -7.10
CA THR A 96 0.31 -0.80 -6.02
C THR A 96 1.22 -1.93 -5.48
N SER A 97 1.52 -1.90 -4.15
CA SER A 97 2.45 -2.87 -3.51
C SER A 97 1.84 -4.28 -3.46
N GLU A 98 2.57 -5.23 -2.88
CA GLU A 98 2.06 -6.57 -2.59
C GLU A 98 1.02 -6.51 -1.46
N SER A 99 -0.09 -7.26 -1.62
CA SER A 99 -1.19 -7.31 -0.66
C SER A 99 -0.80 -8.21 0.54
N THR A 100 -0.42 -7.56 1.65
CA THR A 100 0.05 -8.25 2.86
C THR A 100 -1.12 -8.91 3.60
N ASN A 101 -1.41 -10.15 3.23
CA ASN A 101 -2.46 -10.96 3.87
C ASN A 101 -1.85 -11.56 5.14
N THR A 102 -2.28 -11.08 6.32
CA THR A 102 -1.65 -11.45 7.61
C THR A 102 -2.69 -11.99 8.60
N THR A 103 -2.54 -13.28 8.98
CA THR A 103 -3.37 -13.92 9.99
C THR A 103 -2.86 -13.54 11.40
N ILE A 104 -3.48 -12.52 12.00
CA ILE A 104 -3.16 -12.13 13.38
C ILE A 104 -4.05 -12.94 14.33
N ILE A 105 -5.34 -12.94 13.97
CA ILE A 105 -6.40 -13.71 14.64
C ILE A 105 -6.24 -15.22 14.34
N HIS A 1 26.11 49.19 -42.69
CA HIS A 1 25.59 49.78 -41.43
C HIS A 1 24.06 49.61 -41.40
N HIS A 2 23.61 48.41 -41.05
CA HIS A 2 22.19 48.08 -40.85
C HIS A 2 22.11 46.95 -39.82
N HIS A 3 21.10 47.02 -38.94
CA HIS A 3 20.83 45.97 -37.94
C HIS A 3 20.32 44.71 -38.64
N HIS A 4 21.00 43.58 -38.43
CA HIS A 4 20.76 42.31 -39.15
C HIS A 4 19.43 41.67 -38.69
N HIS A 5 19.09 41.91 -37.40
CA HIS A 5 17.86 41.38 -36.74
C HIS A 5 17.91 39.84 -36.55
N ARG A 6 19.09 39.24 -36.80
CA ARG A 6 19.31 37.78 -36.74
C ARG A 6 19.83 37.35 -35.36
N SER A 7 20.21 38.33 -34.51
CA SER A 7 20.72 38.08 -33.16
C SER A 7 19.58 37.61 -32.22
N GLY A 8 19.60 36.31 -31.85
CA GLY A 8 18.59 35.73 -30.97
C GLY A 8 19.13 34.51 -30.24
N GLY A 9 18.49 33.34 -30.44
CA GLY A 9 18.89 32.10 -29.78
C GLY A 9 18.16 30.88 -30.35
N LEU A 10 18.16 29.80 -29.58
CA LEU A 10 17.48 28.54 -29.94
C LEU A 10 16.80 27.96 -28.70
N VAL A 11 15.64 27.28 -28.92
CA VAL A 11 14.84 26.71 -27.84
C VAL A 11 15.31 25.26 -27.51
N PRO A 12 15.83 25.00 -26.25
CA PRO A 12 16.32 23.66 -25.83
C PRO A 12 15.17 22.66 -25.62
N ARG A 13 15.32 21.44 -26.16
CA ARG A 13 14.37 20.33 -25.93
C ARG A 13 14.47 19.83 -24.47
N GLY A 14 13.38 19.20 -24.00
CA GLY A 14 13.30 18.73 -22.63
C GLY A 14 12.25 17.64 -22.48
N SER A 15 12.47 16.52 -23.19
CA SER A 15 11.61 15.34 -23.11
C SER A 15 11.71 14.69 -21.71
N HIS A 16 10.55 14.24 -21.19
CA HIS A 16 10.41 13.75 -19.80
C HIS A 16 11.28 12.50 -19.56
N MET A 17 11.63 12.28 -18.29
CA MET A 17 12.34 11.05 -17.86
C MET A 17 11.28 10.00 -17.45
N GLU A 18 11.21 8.90 -18.22
CA GLU A 18 10.14 7.88 -18.07
C GLU A 18 10.26 7.14 -16.72
N ASN A 19 9.24 7.30 -15.86
CA ASN A 19 9.23 6.71 -14.50
C ASN A 19 8.94 5.20 -14.56
N LEU A 20 9.51 4.46 -13.59
CA LEU A 20 9.31 3.01 -13.45
C LEU A 20 8.40 2.73 -12.23
N TYR A 21 8.23 1.44 -11.87
CA TYR A 21 7.28 1.02 -10.81
C TYR A 21 7.89 1.12 -9.40
N PHE A 22 7.07 0.75 -8.39
CA PHE A 22 7.42 0.82 -6.96
C PHE A 22 8.61 -0.10 -6.61
N GLN A 23 9.43 0.34 -5.66
CA GLN A 23 10.49 -0.47 -5.03
C GLN A 23 10.08 -0.80 -3.58
N GLY A 24 9.14 -0.01 -3.04
CA GLY A 24 8.55 -0.24 -1.72
C GLY A 24 7.62 -1.43 -1.76
N ASP A 25 8.19 -2.61 -1.45
CA ASP A 25 7.46 -3.92 -1.46
C ASP A 25 6.43 -4.01 -0.32
N ALA A 26 5.85 -5.22 -0.15
CA ALA A 26 4.72 -5.50 0.78
C ALA A 26 4.84 -4.77 2.15
N PRO A 27 3.77 -4.04 2.59
CA PRO A 27 3.69 -3.37 3.93
C PRO A 27 3.98 -4.31 5.13
N THR A 28 4.37 -3.72 6.26
CA THR A 28 4.47 -4.41 7.56
C THR A 28 3.27 -4.01 8.44
N VAL A 29 2.70 -5.00 9.13
CA VAL A 29 1.42 -4.86 9.86
C VAL A 29 1.65 -5.28 11.31
N ASN A 30 0.96 -4.60 12.24
CA ASN A 30 1.00 -4.94 13.67
C ASN A 30 0.00 -6.07 13.99
N ASP A 31 0.03 -6.60 15.22
CA ASP A 31 -0.83 -7.74 15.63
C ASP A 31 -2.28 -7.27 15.88
N VAL A 32 -2.98 -7.01 14.77
CA VAL A 32 -4.37 -6.51 14.77
C VAL A 32 -5.37 -7.66 14.98
N THR A 33 -5.82 -7.82 16.23
CA THR A 33 -6.78 -8.85 16.65
C THR A 33 -8.24 -8.42 16.39
N SER A 34 -9.20 -9.30 16.75
CA SER A 34 -10.64 -9.07 16.51
C SER A 34 -11.17 -7.88 17.33
N ASP A 35 -10.58 -7.67 18.53
CA ASP A 35 -10.96 -6.55 19.44
C ASP A 35 -10.20 -5.24 19.09
N ALA A 36 -9.27 -5.30 18.12
CA ALA A 36 -8.55 -4.12 17.62
C ALA A 36 -9.46 -3.33 16.67
N THR A 37 -9.79 -2.09 17.07
CA THR A 37 -10.71 -1.21 16.35
C THR A 37 -10.05 -0.55 15.12
N GLN A 38 -8.70 -0.43 15.16
CA GLN A 38 -7.91 0.20 14.08
C GLN A 38 -6.67 -0.66 13.77
N VAL A 39 -6.44 -0.92 12.48
CA VAL A 39 -5.23 -1.61 12.00
C VAL A 39 -4.12 -0.58 11.76
N THR A 40 -2.96 -0.83 12.36
CA THR A 40 -1.77 0.04 12.26
C THR A 40 -0.57 -0.77 11.75
N GLY A 41 0.46 -0.04 11.30
CA GLY A 41 1.69 -0.63 10.76
C GLY A 41 2.44 0.36 9.91
N GLN A 42 3.52 -0.11 9.25
CA GLN A 42 4.37 0.72 8.37
C GLN A 42 4.13 0.31 6.91
N ALA A 43 4.00 1.29 6.01
CA ALA A 43 3.79 1.04 4.57
C ALA A 43 4.53 2.09 3.71
N GLU A 44 3.83 3.15 3.25
CA GLU A 44 4.39 4.20 2.37
C GLU A 44 3.83 5.59 2.79
N PRO A 45 4.69 6.64 2.95
CA PRO A 45 4.26 7.98 3.47
C PRO A 45 3.33 8.74 2.50
N ASN A 46 2.14 9.12 2.98
CA ASN A 46 1.13 9.91 2.23
C ASN A 46 0.59 9.14 1.00
N SER A 47 0.79 7.82 0.99
CA SER A 47 0.29 6.92 -0.05
C SER A 47 -0.95 6.20 0.47
N THR A 48 -1.94 6.00 -0.41
CA THR A 48 -3.24 5.44 -0.02
C THR A 48 -3.13 3.93 0.25
N VAL A 49 -3.07 3.56 1.54
CA VAL A 49 -3.05 2.17 1.97
C VAL A 49 -4.49 1.62 1.99
N LYS A 50 -4.83 0.85 0.96
CA LYS A 50 -6.12 0.15 0.87
C LYS A 50 -6.07 -1.11 1.74
N LEU A 51 -6.95 -1.18 2.73
CA LEU A 51 -7.07 -2.36 3.60
C LEU A 51 -8.18 -3.26 3.05
N THR A 52 -7.77 -4.35 2.40
CA THR A 52 -8.69 -5.35 1.86
C THR A 52 -8.85 -6.48 2.89
N PHE A 53 -9.97 -6.46 3.61
CA PHE A 53 -10.31 -7.49 4.59
C PHE A 53 -10.69 -8.82 3.86
N PRO A 54 -10.46 -10.01 4.52
CA PRO A 54 -10.63 -11.36 3.88
C PRO A 54 -12.09 -11.65 3.45
N ASP A 55 -13.02 -10.95 4.12
CA ASP A 55 -14.46 -11.03 3.87
C ASP A 55 -14.82 -10.41 2.50
N GLY A 56 -14.04 -9.39 2.11
CA GLY A 56 -14.26 -8.62 0.90
C GLY A 56 -14.51 -7.15 1.18
N THR A 57 -14.87 -6.84 2.46
CA THR A 57 -15.00 -5.45 2.93
C THR A 57 -13.64 -4.74 2.82
N THR A 58 -13.62 -3.49 2.35
CA THR A 58 -12.37 -2.73 2.14
C THR A 58 -12.48 -1.34 2.81
N ALA A 59 -11.32 -0.83 3.27
CA ALA A 59 -11.21 0.46 3.98
C ALA A 59 -9.94 1.19 3.48
N THR A 60 -10.13 2.15 2.56
CA THR A 60 -9.03 2.96 2.02
C THR A 60 -8.62 4.03 3.03
N GLY A 61 -7.39 3.89 3.54
CA GLY A 61 -6.82 4.80 4.53
C GLY A 61 -5.45 5.28 4.09
N THR A 62 -5.38 6.54 3.66
CA THR A 62 -4.13 7.17 3.24
C THR A 62 -3.20 7.36 4.45
N ALA A 63 -1.96 6.85 4.32
CA ALA A 63 -0.96 6.86 5.39
C ALA A 63 -0.53 8.30 5.76
N ASP A 64 0.05 8.41 6.96
CA ASP A 64 0.48 9.69 7.57
C ASP A 64 1.65 10.33 6.77
N ASP A 65 2.11 11.53 7.19
CA ASP A 65 3.33 12.17 6.65
C ASP A 65 4.56 11.27 6.87
N GLN A 66 4.54 10.57 8.01
CA GLN A 66 5.46 9.45 8.30
C GLN A 66 5.00 8.20 7.52
N GLY A 67 5.92 7.25 7.26
CA GLY A 67 5.63 6.07 6.43
C GLY A 67 4.90 4.95 7.16
N ASN A 68 3.82 5.32 7.86
CA ASN A 68 3.02 4.43 8.69
C ASN A 68 1.54 4.80 8.53
N TYR A 69 0.64 3.80 8.61
CA TYR A 69 -0.80 4.00 8.43
C TYR A 69 -1.56 3.71 9.74
N THR A 70 -2.74 4.31 9.86
CA THR A 70 -3.75 3.99 10.87
C THR A 70 -5.10 4.01 10.16
N ILE A 71 -5.60 2.83 9.82
CA ILE A 71 -6.89 2.65 9.13
C ILE A 71 -7.92 2.14 10.15
N ASP A 72 -9.03 2.86 10.29
CA ASP A 72 -10.13 2.46 11.18
C ASP A 72 -10.90 1.30 10.55
N ILE A 73 -10.96 0.17 11.28
CA ILE A 73 -11.67 -1.04 10.86
C ILE A 73 -13.19 -0.81 10.96
N PRO A 74 -13.96 -1.05 9.85
CA PRO A 74 -15.42 -0.88 9.85
C PRO A 74 -16.12 -2.03 10.63
N SER A 75 -17.21 -1.69 11.33
CA SER A 75 -18.01 -2.65 12.11
C SER A 75 -18.78 -3.63 11.19
N ASN A 76 -18.77 -3.34 9.88
CA ASN A 76 -19.31 -4.23 8.84
C ASN A 76 -18.54 -5.56 8.81
N VAL A 77 -17.22 -5.49 9.02
CA VAL A 77 -16.33 -6.68 8.94
C VAL A 77 -15.86 -7.08 10.36
N ASP A 78 -15.76 -8.40 10.58
CA ASP A 78 -15.17 -8.99 11.79
C ASP A 78 -13.78 -9.56 11.45
N LEU A 79 -13.06 -10.01 12.48
CA LEU A 79 -11.79 -10.75 12.29
C LEU A 79 -11.91 -12.10 13.01
N ASN A 80 -12.46 -13.09 12.28
CA ASN A 80 -12.72 -14.45 12.78
C ASN A 80 -11.42 -15.27 12.76
N GLY A 81 -11.24 -16.13 13.77
CA GLY A 81 -10.03 -16.93 13.93
C GLY A 81 -9.74 -17.85 12.75
N GLY A 82 -8.77 -17.43 11.92
CA GLY A 82 -8.34 -18.16 10.73
C GLY A 82 -8.50 -17.32 9.47
N GLU A 83 -8.22 -16.01 9.59
CA GLU A 83 -8.32 -15.05 8.46
C GLU A 83 -7.05 -14.19 8.29
N GLU A 84 -6.75 -13.86 7.03
CA GLU A 84 -5.68 -12.94 6.63
C GLU A 84 -6.29 -11.62 6.15
N LEU A 85 -5.96 -10.50 6.80
CA LEU A 85 -6.35 -9.18 6.27
C LEU A 85 -5.25 -8.70 5.28
N GLN A 86 -5.67 -8.57 4.01
CA GLN A 86 -4.79 -8.23 2.87
C GLN A 86 -4.50 -6.73 2.86
N VAL A 87 -3.28 -6.35 3.25
CA VAL A 87 -2.85 -4.96 3.32
C VAL A 87 -2.10 -4.59 2.03
N THR A 88 -2.69 -3.68 1.25
CA THR A 88 -2.12 -3.21 -0.02
C THR A 88 -1.97 -1.69 0.02
N ALA A 89 -0.73 -1.22 0.17
CA ALA A 89 -0.40 0.20 0.01
C ALA A 89 -0.48 0.57 -1.48
N THR A 90 -0.71 1.86 -1.79
CA THR A 90 -0.69 2.36 -3.17
C THR A 90 -0.01 3.72 -3.21
N ASP A 91 1.23 3.72 -3.71
CA ASP A 91 2.03 4.93 -3.97
C ASP A 91 1.24 5.97 -4.80
N LYS A 92 1.43 7.24 -4.43
CA LYS A 92 0.88 8.46 -5.07
C LYS A 92 0.91 8.46 -6.63
N ASP A 93 1.88 7.76 -7.23
CA ASP A 93 2.06 7.69 -8.70
C ASP A 93 1.39 6.42 -9.26
N GLY A 94 0.38 5.91 -8.54
CA GLY A 94 -0.42 4.77 -8.98
C GLY A 94 0.33 3.45 -8.97
N ASN A 95 1.21 3.26 -7.96
CA ASN A 95 2.00 2.02 -7.81
C ASN A 95 1.55 1.26 -6.56
N THR A 96 0.66 0.27 -6.77
CA THR A 96 0.15 -0.59 -5.70
C THR A 96 1.26 -1.54 -5.21
N SER A 97 1.60 -1.44 -3.92
CA SER A 97 2.52 -2.34 -3.23
C SER A 97 1.87 -3.74 -3.08
N GLU A 98 2.70 -4.75 -2.75
CA GLU A 98 2.28 -6.15 -2.71
C GLU A 98 1.27 -6.43 -1.57
N SER A 99 0.54 -7.53 -1.73
CA SER A 99 -0.53 -7.94 -0.82
C SER A 99 0.05 -8.64 0.41
N THR A 100 0.15 -7.91 1.53
CA THR A 100 0.53 -8.48 2.81
C THR A 100 -0.70 -9.11 3.48
N ASN A 101 -0.95 -10.38 3.16
CA ASN A 101 -2.08 -11.14 3.68
C ASN A 101 -1.69 -11.66 5.08
N THR A 102 -2.00 -10.84 6.10
CA THR A 102 -1.47 -11.02 7.46
C THR A 102 -2.46 -11.77 8.34
N THR A 103 -2.03 -12.91 8.91
CA THR A 103 -2.84 -13.72 9.83
C THR A 103 -2.48 -13.37 11.27
N ILE A 104 -3.44 -12.85 12.02
CA ILE A 104 -3.29 -12.54 13.45
C ILE A 104 -4.28 -13.42 14.22
N ILE A 105 -5.53 -13.31 13.77
CA ILE A 105 -6.66 -14.11 14.23
C ILE A 105 -6.57 -15.53 13.62
N HIS A 1 -4.96 -25.59 -43.79
CA HIS A 1 -5.24 -26.52 -42.66
C HIS A 1 -5.28 -25.78 -41.32
N HIS A 2 -5.43 -26.54 -40.23
CA HIS A 2 -5.50 -26.01 -38.86
C HIS A 2 -4.11 -25.64 -38.33
N HIS A 3 -4.08 -24.70 -37.38
CA HIS A 3 -2.85 -24.36 -36.63
C HIS A 3 -2.47 -25.55 -35.73
N HIS A 4 -1.16 -25.85 -35.67
CA HIS A 4 -0.62 -26.94 -34.84
C HIS A 4 -0.62 -26.52 -33.37
N HIS A 5 -0.38 -25.20 -33.14
CA HIS A 5 -0.15 -24.55 -31.82
C HIS A 5 1.26 -24.91 -31.24
N ARG A 6 1.92 -25.92 -31.85
CA ARG A 6 3.19 -26.49 -31.38
C ARG A 6 4.31 -25.48 -31.64
N SER A 7 4.91 -24.97 -30.53
CA SER A 7 5.99 -23.96 -30.54
C SER A 7 5.55 -22.64 -31.20
N GLY A 8 4.22 -22.38 -31.20
CA GLY A 8 3.63 -21.13 -31.69
C GLY A 8 3.49 -20.12 -30.58
N GLY A 9 4.57 -19.98 -29.80
CA GLY A 9 4.55 -19.22 -28.57
C GLY A 9 3.89 -19.97 -27.42
N LEU A 10 3.59 -19.26 -26.33
CA LEU A 10 3.00 -19.84 -25.11
C LEU A 10 2.09 -18.83 -24.42
N VAL A 11 2.55 -17.58 -24.35
CA VAL A 11 1.81 -16.45 -23.76
C VAL A 11 1.44 -15.45 -24.87
N PRO A 12 0.28 -14.73 -24.78
CA PRO A 12 -0.05 -13.64 -25.72
C PRO A 12 0.94 -12.46 -25.58
N ARG A 13 1.71 -12.21 -26.66
CA ARG A 13 2.74 -11.14 -26.71
C ARG A 13 2.10 -9.73 -26.71
N GLY A 14 2.94 -8.72 -26.44
CA GLY A 14 2.49 -7.32 -26.34
C GLY A 14 2.14 -6.96 -24.90
N SER A 15 3.17 -6.97 -24.04
CA SER A 15 3.05 -6.65 -22.60
C SER A 15 4.29 -5.86 -22.13
N HIS A 16 4.13 -5.14 -20.99
CA HIS A 16 5.21 -4.29 -20.42
C HIS A 16 6.27 -5.14 -19.67
N MET A 17 7.33 -4.46 -19.21
CA MET A 17 8.38 -5.08 -18.38
C MET A 17 7.99 -4.98 -16.89
N GLU A 18 8.10 -6.10 -16.16
CA GLU A 18 7.79 -6.18 -14.71
C GLU A 18 8.94 -5.61 -13.84
N ASN A 19 9.92 -4.92 -14.48
CA ASN A 19 10.92 -4.08 -13.79
C ASN A 19 10.20 -3.05 -12.89
N LEU A 20 9.19 -2.41 -13.48
CA LEU A 20 8.26 -1.53 -12.77
C LEU A 20 6.93 -2.30 -12.59
N TYR A 21 6.76 -2.90 -11.41
CA TYR A 21 5.53 -3.62 -11.03
C TYR A 21 5.48 -3.73 -9.50
N PHE A 22 6.33 -4.60 -8.93
CA PHE A 22 6.55 -4.67 -7.46
C PHE A 22 7.72 -3.74 -7.11
N GLN A 23 7.41 -2.52 -6.64
CA GLN A 23 8.41 -1.53 -6.21
C GLN A 23 8.22 -1.20 -4.72
N GLY A 24 9.29 -0.71 -4.08
CA GLY A 24 9.32 -0.46 -2.63
C GLY A 24 9.43 -1.75 -1.84
N ASP A 25 8.45 -2.00 -0.96
CA ASP A 25 8.37 -3.23 -0.14
C ASP A 25 6.95 -3.42 0.40
N ALA A 26 6.72 -4.57 1.06
CA ALA A 26 5.42 -4.94 1.61
C ALA A 26 5.12 -4.16 2.92
N PRO A 27 3.87 -3.61 3.08
CA PRO A 27 3.41 -2.95 4.33
C PRO A 27 3.57 -3.85 5.57
N THR A 28 4.35 -3.38 6.56
CA THR A 28 4.51 -4.08 7.84
C THR A 28 3.20 -3.95 8.65
N VAL A 29 2.51 -5.07 8.84
CA VAL A 29 1.24 -5.12 9.56
C VAL A 29 1.52 -5.21 11.07
N ASN A 30 0.77 -4.44 11.88
CA ASN A 30 0.74 -4.62 13.35
C ASN A 30 -0.19 -5.79 13.68
N ASP A 31 -0.03 -6.38 14.89
CA ASP A 31 -0.91 -7.47 15.35
C ASP A 31 -2.27 -6.90 15.83
N VAL A 32 -3.08 -6.51 14.85
CA VAL A 32 -4.45 -6.02 15.04
C VAL A 32 -5.42 -7.21 14.96
N THR A 33 -5.78 -7.71 16.13
CA THR A 33 -6.63 -8.89 16.29
C THR A 33 -8.11 -8.51 16.36
N SER A 34 -8.96 -9.49 16.74
CA SER A 34 -10.42 -9.31 16.85
C SER A 34 -10.83 -8.31 17.96
N ASP A 35 -10.00 -8.19 19.01
CA ASP A 35 -10.23 -7.22 20.12
C ASP A 35 -9.65 -5.82 19.78
N ALA A 36 -8.94 -5.71 18.65
CA ALA A 36 -8.39 -4.43 18.14
C ALA A 36 -9.34 -3.83 17.09
N THR A 37 -9.54 -2.50 17.17
CA THR A 37 -10.54 -1.77 16.36
C THR A 37 -9.90 -1.01 15.18
N GLN A 38 -8.55 -0.87 15.15
CA GLN A 38 -7.85 -0.12 14.08
C GLN A 38 -6.62 -0.89 13.59
N VAL A 39 -6.53 -1.05 12.26
CA VAL A 39 -5.39 -1.70 11.59
C VAL A 39 -4.26 -0.69 11.39
N THR A 40 -3.26 -0.76 12.27
CA THR A 40 -2.06 0.07 12.22
C THR A 40 -0.90 -0.68 11.55
N GLY A 41 0.17 0.06 11.22
CA GLY A 41 1.37 -0.53 10.65
C GLY A 41 2.27 0.52 10.02
N GLN A 42 3.10 0.08 9.07
CA GLN A 42 4.03 0.93 8.30
C GLN A 42 3.92 0.56 6.81
N ALA A 43 4.05 1.55 5.92
CA ALA A 43 3.83 1.41 4.47
C ALA A 43 4.38 2.64 3.71
N GLU A 44 3.99 2.80 2.43
CA GLU A 44 4.38 3.96 1.61
C GLU A 44 3.76 5.27 2.19
N PRO A 45 4.61 6.25 2.67
CA PRO A 45 4.12 7.50 3.32
C PRO A 45 3.44 8.44 2.30
N ASN A 46 2.40 9.16 2.78
CA ASN A 46 1.62 10.15 1.99
C ASN A 46 0.92 9.49 0.79
N SER A 47 0.72 8.15 0.88
CA SER A 47 0.16 7.32 -0.20
C SER A 47 -0.96 6.41 0.36
N THR A 48 -1.96 6.11 -0.48
CA THR A 48 -3.17 5.36 -0.09
C THR A 48 -2.87 3.88 0.20
N VAL A 49 -2.87 3.51 1.48
CA VAL A 49 -2.81 2.11 1.90
C VAL A 49 -4.23 1.53 1.83
N LYS A 50 -4.51 0.74 0.78
CA LYS A 50 -5.79 0.07 0.61
C LYS A 50 -5.84 -1.19 1.49
N LEU A 51 -6.73 -1.17 2.46
CA LEU A 51 -6.99 -2.29 3.38
C LEU A 51 -8.04 -3.21 2.70
N THR A 52 -7.67 -4.47 2.45
CA THR A 52 -8.59 -5.47 1.90
C THR A 52 -8.83 -6.58 2.96
N PHE A 53 -9.95 -6.48 3.66
CA PHE A 53 -10.38 -7.51 4.63
C PHE A 53 -10.62 -8.85 3.89
N PRO A 54 -10.27 -10.03 4.51
CA PRO A 54 -10.41 -11.37 3.88
C PRO A 54 -11.88 -11.74 3.54
N ASP A 55 -12.82 -10.99 4.12
CA ASP A 55 -14.26 -11.08 3.80
C ASP A 55 -14.49 -10.65 2.35
N GLY A 56 -13.89 -9.50 2.01
CA GLY A 56 -14.11 -8.83 0.74
C GLY A 56 -14.34 -7.34 0.94
N THR A 57 -14.67 -6.96 2.20
CA THR A 57 -14.81 -5.55 2.61
C THR A 57 -13.47 -4.80 2.41
N THR A 58 -13.49 -3.72 1.64
CA THR A 58 -12.28 -2.95 1.33
C THR A 58 -12.39 -1.51 1.85
N ALA A 59 -11.49 -1.19 2.81
CA ALA A 59 -11.30 0.17 3.35
C ALA A 59 -10.04 0.80 2.70
N THR A 60 -9.93 2.13 2.79
CA THR A 60 -8.74 2.87 2.28
C THR A 60 -8.29 3.90 3.33
N GLY A 61 -6.97 3.98 3.54
CA GLY A 61 -6.38 4.89 4.52
C GLY A 61 -5.00 5.34 4.09
N THR A 62 -4.88 6.63 3.76
CA THR A 62 -3.62 7.23 3.32
C THR A 62 -2.62 7.29 4.49
N ALA A 63 -1.45 6.65 4.33
CA ALA A 63 -0.36 6.73 5.32
C ALA A 63 0.10 8.20 5.50
N ASP A 64 0.55 8.51 6.72
CA ASP A 64 0.87 9.90 7.13
C ASP A 64 2.18 10.41 6.48
N ASP A 65 2.69 11.57 6.95
CA ASP A 65 4.04 12.07 6.58
C ASP A 65 5.11 11.02 6.95
N GLN A 66 4.91 10.43 8.15
CA GLN A 66 5.63 9.23 8.59
C GLN A 66 5.02 8.01 7.87
N GLY A 67 5.85 6.98 7.57
CA GLY A 67 5.42 5.81 6.77
C GLY A 67 4.28 5.02 7.39
N ASN A 68 4.05 5.23 8.70
CA ASN A 68 3.00 4.58 9.48
C ASN A 68 1.59 4.87 8.91
N TYR A 69 0.69 3.92 9.06
CA TYR A 69 -0.73 4.08 8.70
C TYR A 69 -1.62 3.64 9.87
N THR A 70 -2.82 4.23 9.94
CA THR A 70 -3.87 3.82 10.87
C THR A 70 -5.20 3.86 10.11
N ILE A 71 -5.71 2.67 9.75
CA ILE A 71 -6.99 2.53 9.03
C ILE A 71 -8.02 1.88 9.98
N ASP A 72 -9.09 2.63 10.29
CA ASP A 72 -10.15 2.20 11.22
C ASP A 72 -10.99 1.06 10.60
N ILE A 73 -11.24 0.01 11.39
CA ILE A 73 -12.08 -1.13 10.97
C ILE A 73 -13.56 -0.69 10.96
N PRO A 74 -14.25 -0.77 9.77
CA PRO A 74 -15.65 -0.29 9.62
C PRO A 74 -16.65 -1.23 10.33
N SER A 75 -17.67 -0.62 10.97
CA SER A 75 -18.78 -1.35 11.64
C SER A 75 -19.65 -2.06 10.57
N ASN A 76 -19.15 -3.23 10.13
CA ASN A 76 -19.66 -3.98 8.99
C ASN A 76 -18.95 -5.34 8.95
N VAL A 77 -17.61 -5.28 8.92
CA VAL A 77 -16.74 -6.48 8.86
C VAL A 77 -16.28 -6.86 10.28
N ASP A 78 -16.17 -8.17 10.53
CA ASP A 78 -15.72 -8.73 11.84
C ASP A 78 -14.56 -9.69 11.59
N LEU A 79 -13.68 -9.86 12.61
CA LEU A 79 -12.45 -10.70 12.52
C LEU A 79 -12.57 -11.93 13.45
N ASN A 80 -12.29 -13.14 12.91
CA ASN A 80 -12.26 -14.39 13.70
C ASN A 80 -11.02 -15.21 13.32
N GLY A 81 -10.78 -16.31 14.08
CA GLY A 81 -9.62 -17.17 13.88
C GLY A 81 -9.59 -17.85 12.50
N GLY A 82 -8.50 -17.60 11.74
CA GLY A 82 -8.30 -18.19 10.41
C GLY A 82 -8.51 -17.19 9.27
N GLU A 83 -8.44 -15.88 9.59
CA GLU A 83 -8.64 -14.80 8.61
C GLU A 83 -7.30 -14.08 8.30
N GLU A 84 -6.91 -14.08 7.00
CA GLU A 84 -5.70 -13.39 6.53
C GLU A 84 -6.04 -11.93 6.20
N LEU A 85 -5.78 -11.05 7.17
CA LEU A 85 -5.99 -9.62 7.03
C LEU A 85 -5.00 -9.05 6.00
N GLN A 86 -5.50 -8.79 4.79
CA GLN A 86 -4.70 -8.24 3.69
C GLN A 86 -4.66 -6.71 3.76
N VAL A 87 -3.46 -6.16 3.74
CA VAL A 87 -3.22 -4.72 3.59
C VAL A 87 -2.26 -4.53 2.42
N THR A 88 -2.45 -3.47 1.64
CA THR A 88 -1.64 -3.22 0.45
C THR A 88 -1.48 -1.71 0.27
N ALA A 89 -0.24 -1.23 0.28
CA ALA A 89 0.05 0.18 0.04
C ALA A 89 -0.07 0.47 -1.46
N THR A 90 -0.47 1.69 -1.79
CA THR A 90 -0.54 2.16 -3.16
C THR A 90 -0.01 3.59 -3.19
N ASP A 91 1.17 3.75 -3.83
CA ASP A 91 1.78 5.05 -4.15
C ASP A 91 0.74 6.05 -4.68
N LYS A 92 0.97 7.34 -4.36
CA LYS A 92 0.07 8.46 -4.70
C LYS A 92 -0.18 8.57 -6.24
N ASP A 93 0.81 8.17 -7.05
CA ASP A 93 0.74 8.22 -8.52
C ASP A 93 0.09 6.94 -9.09
N GLY A 94 -0.32 6.05 -8.19
CA GLY A 94 -1.13 4.88 -8.51
C GLY A 94 -0.34 3.61 -8.75
N ASN A 95 0.65 3.34 -7.88
CA ASN A 95 1.50 2.11 -7.96
C ASN A 95 1.27 1.24 -6.72
N THR A 96 0.65 0.07 -6.92
CA THR A 96 0.28 -0.85 -5.84
C THR A 96 1.44 -1.82 -5.52
N SER A 97 1.66 -2.07 -4.20
CA SER A 97 2.68 -3.01 -3.70
C SER A 97 2.12 -4.44 -3.67
N GLU A 98 2.91 -5.39 -3.15
CA GLU A 98 2.46 -6.78 -2.95
C GLU A 98 1.44 -6.86 -1.80
N SER A 99 0.37 -7.63 -2.02
CA SER A 99 -0.78 -7.73 -1.11
C SER A 99 -0.44 -8.52 0.16
N THR A 100 -0.04 -7.80 1.22
CA THR A 100 0.41 -8.41 2.49
C THR A 100 -0.77 -8.97 3.30
N ASN A 101 -1.13 -10.23 2.99
CA ASN A 101 -2.17 -10.97 3.70
C ASN A 101 -1.53 -11.68 4.91
N THR A 102 -1.93 -11.29 6.12
CA THR A 102 -1.36 -11.80 7.38
C THR A 102 -2.46 -12.35 8.29
N THR A 103 -2.33 -13.63 8.66
CA THR A 103 -3.27 -14.29 9.57
C THR A 103 -2.94 -13.83 11.00
N ILE A 104 -3.49 -12.66 11.39
CA ILE A 104 -3.26 -12.08 12.74
C ILE A 104 -4.22 -12.77 13.73
N ILE A 105 -5.40 -13.03 13.18
CA ILE A 105 -6.50 -13.78 13.81
C ILE A 105 -6.51 -15.18 13.15
N HIS A 1 55.20 -16.62 -15.97
CA HIS A 1 54.60 -15.38 -16.53
C HIS A 1 53.12 -15.28 -16.09
N HIS A 2 52.91 -14.57 -14.97
CA HIS A 2 51.58 -14.25 -14.43
C HIS A 2 51.59 -12.83 -13.85
N HIS A 3 50.39 -12.28 -13.62
CA HIS A 3 50.20 -10.93 -13.06
C HIS A 3 48.74 -10.76 -12.63
N HIS A 4 48.41 -9.55 -12.13
CA HIS A 4 47.05 -9.14 -11.79
C HIS A 4 46.77 -7.77 -12.42
N HIS A 5 45.54 -7.27 -12.23
CA HIS A 5 45.10 -5.98 -12.77
C HIS A 5 44.00 -5.40 -11.87
N ARG A 6 44.20 -4.15 -11.41
CA ARG A 6 43.31 -3.47 -10.46
C ARG A 6 41.93 -3.18 -11.11
N SER A 7 40.91 -3.87 -10.58
CA SER A 7 39.52 -3.73 -11.01
C SER A 7 38.65 -3.30 -9.81
N GLY A 8 38.04 -2.11 -9.92
CA GLY A 8 37.18 -1.57 -8.85
C GLY A 8 35.73 -1.95 -9.02
N GLY A 9 34.87 -1.42 -8.12
CA GLY A 9 33.44 -1.72 -8.12
C GLY A 9 32.60 -0.55 -8.61
N LEU A 10 31.34 -0.82 -8.94
CA LEU A 10 30.35 0.21 -9.36
C LEU A 10 29.33 0.40 -8.22
N VAL A 11 28.97 1.67 -7.93
CA VAL A 11 27.89 2.01 -6.98
C VAL A 11 26.71 2.66 -7.74
N PRO A 12 25.71 1.84 -8.21
CA PRO A 12 24.50 2.36 -8.90
C PRO A 12 23.52 3.07 -7.94
N ARG A 13 23.78 2.91 -6.62
CA ARG A 13 23.02 3.57 -5.55
C ARG A 13 23.23 5.09 -5.60
N GLY A 14 22.28 5.77 -6.25
CA GLY A 14 22.29 7.21 -6.41
C GLY A 14 20.96 7.67 -7.01
N SER A 15 20.22 8.51 -6.27
CA SER A 15 18.85 8.89 -6.63
C SER A 15 18.82 10.32 -7.21
N HIS A 16 18.72 10.40 -8.55
CA HIS A 16 18.46 11.68 -9.26
C HIS A 16 17.05 12.20 -8.89
N MET A 17 16.15 11.25 -8.63
CA MET A 17 14.78 11.50 -8.18
C MET A 17 14.78 11.68 -6.65
N GLU A 18 14.27 12.83 -6.18
CA GLU A 18 14.05 13.09 -4.75
C GLU A 18 12.78 12.35 -4.29
N ASN A 19 11.75 12.42 -5.14
CA ASN A 19 10.46 11.78 -4.91
C ASN A 19 10.49 10.31 -5.39
N LEU A 20 10.08 9.38 -4.50
CA LEU A 20 9.92 7.97 -4.84
C LEU A 20 8.50 7.75 -5.42
N TYR A 21 8.42 6.97 -6.49
CA TYR A 21 7.14 6.56 -7.10
C TYR A 21 6.68 5.21 -6.53
N PHE A 22 7.58 4.55 -5.80
CA PHE A 22 7.34 3.23 -5.20
C PHE A 22 8.48 2.94 -4.20
N GLN A 23 8.15 2.84 -2.91
CA GLN A 23 9.14 2.55 -1.85
C GLN A 23 9.67 1.11 -1.97
N GLY A 24 8.79 0.20 -2.45
CA GLY A 24 9.16 -1.18 -2.73
C GLY A 24 8.69 -2.14 -1.65
N ASP A 25 8.73 -1.65 -0.39
CA ASP A 25 8.36 -2.45 0.79
C ASP A 25 6.86 -2.74 0.84
N ALA A 26 6.51 -3.92 1.35
CA ALA A 26 5.12 -4.32 1.61
C ALA A 26 4.67 -3.73 2.97
N PRO A 27 3.37 -3.31 3.09
CA PRO A 27 2.81 -2.76 4.36
C PRO A 27 2.95 -3.74 5.53
N THR A 28 3.87 -3.43 6.45
CA THR A 28 4.17 -4.26 7.61
C THR A 28 3.10 -4.05 8.71
N VAL A 29 1.97 -4.75 8.53
CA VAL A 29 0.83 -4.70 9.46
C VAL A 29 1.20 -5.30 10.82
N ASN A 30 0.86 -4.58 11.89
CA ASN A 30 1.07 -5.02 13.28
C ASN A 30 0.04 -6.07 13.67
N ASP A 31 0.21 -6.72 14.85
CA ASP A 31 -0.71 -7.76 15.33
C ASP A 31 -2.06 -7.14 15.78
N VAL A 32 -2.92 -6.92 14.76
CA VAL A 32 -4.27 -6.34 14.93
C VAL A 32 -5.31 -7.45 14.75
N THR A 33 -5.84 -7.90 15.88
CA THR A 33 -6.86 -8.95 15.93
C THR A 33 -8.26 -8.31 16.01
N SER A 34 -9.29 -9.14 16.25
CA SER A 34 -10.68 -8.68 16.46
C SER A 34 -10.79 -7.79 17.73
N ASP A 35 -9.82 -7.96 18.66
CA ASP A 35 -9.74 -7.17 19.91
C ASP A 35 -9.53 -5.67 19.62
N ALA A 36 -8.82 -5.38 18.52
CA ALA A 36 -8.50 -4.00 18.09
C ALA A 36 -9.63 -3.44 17.18
N THR A 37 -9.93 -2.13 17.36
CA THR A 37 -10.95 -1.41 16.58
C THR A 37 -10.32 -0.61 15.42
N GLN A 38 -8.97 -0.54 15.41
CA GLN A 38 -8.18 0.13 14.36
C GLN A 38 -6.94 -0.70 14.05
N VAL A 39 -6.49 -0.65 12.79
CA VAL A 39 -5.28 -1.31 12.33
C VAL A 39 -4.16 -0.28 12.10
N THR A 40 -2.96 -0.63 12.55
CA THR A 40 -1.74 0.16 12.32
C THR A 40 -0.64 -0.74 11.75
N GLY A 41 0.39 -0.10 11.24
CA GLY A 41 1.57 -0.78 10.72
C GLY A 41 2.42 0.15 9.89
N GLN A 42 3.58 -0.33 9.46
CA GLN A 42 4.47 0.43 8.58
C GLN A 42 3.94 0.37 7.13
N ALA A 43 4.04 1.47 6.39
CA ALA A 43 3.63 1.56 4.97
C ALA A 43 4.44 2.61 4.22
N GLU A 44 4.17 2.73 2.90
CA GLU A 44 4.77 3.77 2.05
C GLU A 44 4.15 5.13 2.45
N PRO A 45 4.98 6.16 2.82
CA PRO A 45 4.47 7.43 3.42
C PRO A 45 3.61 8.25 2.44
N ASN A 46 2.45 8.72 2.95
CA ASN A 46 1.49 9.56 2.17
C ASN A 46 0.96 8.83 0.93
N SER A 47 0.88 7.49 1.03
CA SER A 47 0.39 6.61 -0.04
C SER A 47 -0.91 5.92 0.42
N THR A 48 -1.94 5.92 -0.45
CA THR A 48 -3.27 5.41 -0.10
C THR A 48 -3.24 3.87 0.07
N VAL A 49 -3.22 3.43 1.35
CA VAL A 49 -3.20 1.99 1.69
C VAL A 49 -4.61 1.41 1.55
N LYS A 50 -4.83 0.71 0.43
CA LYS A 50 -6.03 -0.07 0.20
C LYS A 50 -6.01 -1.30 1.13
N LEU A 51 -6.95 -1.31 2.07
CA LEU A 51 -7.10 -2.39 3.04
C LEU A 51 -8.24 -3.29 2.56
N THR A 52 -7.91 -4.52 2.16
CA THR A 52 -8.90 -5.55 1.84
C THR A 52 -9.02 -6.50 3.05
N PHE A 53 -10.12 -6.34 3.80
CA PHE A 53 -10.49 -7.26 4.88
C PHE A 53 -10.79 -8.66 4.31
N PRO A 54 -10.55 -9.75 5.10
CA PRO A 54 -10.63 -11.15 4.61
C PRO A 54 -12.07 -11.60 4.25
N ASP A 55 -13.06 -10.80 4.66
CA ASP A 55 -14.49 -11.07 4.39
C ASP A 55 -14.95 -10.40 3.07
N GLY A 56 -14.12 -9.48 2.54
CA GLY A 56 -14.38 -8.82 1.25
C GLY A 56 -14.53 -7.31 1.38
N THR A 57 -14.87 -6.83 2.60
CA THR A 57 -14.99 -5.40 2.90
C THR A 57 -13.65 -4.69 2.68
N THR A 58 -13.65 -3.66 1.83
CA THR A 58 -12.44 -2.89 1.49
C THR A 58 -12.53 -1.45 2.02
N ALA A 59 -11.59 -1.11 2.92
CA ALA A 59 -11.46 0.21 3.54
C ALA A 59 -10.21 0.92 3.00
N THR A 60 -10.40 1.91 2.12
CA THR A 60 -9.31 2.74 1.61
C THR A 60 -8.90 3.76 2.68
N GLY A 61 -7.65 3.66 3.14
CA GLY A 61 -7.12 4.52 4.19
C GLY A 61 -5.68 4.89 3.91
N THR A 62 -5.42 6.19 3.73
CA THR A 62 -4.09 6.70 3.36
C THR A 62 -3.10 6.59 4.54
N ALA A 63 -1.85 6.19 4.21
CA ALA A 63 -0.72 6.22 5.16
C ALA A 63 -0.47 7.67 5.60
N ASP A 64 -0.09 7.84 6.87
CA ASP A 64 0.19 9.15 7.48
C ASP A 64 1.36 9.87 6.77
N ASP A 65 1.69 11.08 7.26
CA ASP A 65 2.84 11.85 6.73
C ASP A 65 4.16 11.10 7.03
N GLN A 66 4.15 10.36 8.14
CA GLN A 66 5.21 9.40 8.50
C GLN A 66 5.02 8.10 7.67
N GLY A 67 6.03 7.20 7.69
CA GLY A 67 5.97 5.95 6.90
C GLY A 67 5.23 4.83 7.61
N ASN A 68 3.98 5.13 7.97
CA ASN A 68 3.07 4.22 8.64
C ASN A 68 1.63 4.55 8.25
N TYR A 69 0.69 3.65 8.53
CA TYR A 69 -0.74 3.88 8.26
C TYR A 69 -1.55 3.63 9.53
N THR A 70 -2.64 4.37 9.69
CA THR A 70 -3.65 4.15 10.73
C THR A 70 -5.04 4.19 10.07
N ILE A 71 -5.67 3.02 9.92
CA ILE A 71 -6.99 2.88 9.29
C ILE A 71 -7.96 2.37 10.34
N ASP A 72 -9.10 3.05 10.48
CA ASP A 72 -10.18 2.61 11.37
C ASP A 72 -10.87 1.37 10.76
N ILE A 73 -11.01 0.31 11.56
CA ILE A 73 -11.75 -0.90 11.16
C ILE A 73 -13.26 -0.58 11.26
N PRO A 74 -14.04 -0.74 10.15
CA PRO A 74 -15.48 -0.50 10.16
C PRO A 74 -16.21 -1.64 10.90
N SER A 75 -17.17 -1.27 11.78
CA SER A 75 -17.89 -2.23 12.64
C SER A 75 -18.75 -3.22 11.82
N ASN A 76 -18.90 -2.96 10.50
CA ASN A 76 -19.52 -3.90 9.53
C ASN A 76 -18.73 -5.23 9.48
N VAL A 77 -17.40 -5.14 9.37
CA VAL A 77 -16.52 -6.33 9.24
C VAL A 77 -16.00 -6.78 10.63
N ASP A 78 -15.98 -8.11 10.83
CA ASP A 78 -15.36 -8.73 12.01
C ASP A 78 -14.17 -9.60 11.55
N LEU A 79 -13.18 -9.76 12.43
CA LEU A 79 -11.98 -10.56 12.16
C LEU A 79 -12.10 -11.92 12.88
N ASN A 80 -12.69 -12.91 12.18
CA ASN A 80 -12.78 -14.31 12.66
C ASN A 80 -11.39 -14.97 12.67
N GLY A 81 -11.25 -16.07 13.42
CA GLY A 81 -10.01 -16.85 13.44
C GLY A 81 -9.77 -17.57 12.12
N GLY A 82 -8.50 -17.61 11.67
CA GLY A 82 -8.15 -18.22 10.38
C GLY A 82 -8.48 -17.31 9.20
N GLU A 83 -8.20 -16.01 9.37
CA GLU A 83 -8.48 -14.96 8.37
C GLU A 83 -7.22 -14.11 8.15
N GLU A 84 -6.83 -13.92 6.87
CA GLU A 84 -5.60 -13.19 6.49
C GLU A 84 -5.93 -11.75 6.06
N LEU A 85 -5.51 -10.79 6.89
CA LEU A 85 -5.74 -9.36 6.64
C LEU A 85 -4.85 -8.88 5.48
N GLN A 86 -5.47 -8.62 4.31
CA GLN A 86 -4.77 -8.13 3.11
C GLN A 86 -4.65 -6.61 3.16
N VAL A 87 -3.43 -6.10 3.37
CA VAL A 87 -3.12 -4.67 3.36
C VAL A 87 -2.14 -4.38 2.21
N THR A 88 -2.47 -3.39 1.36
CA THR A 88 -1.69 -3.06 0.16
C THR A 88 -1.62 -1.54 -0.01
N ALA A 89 -0.41 -0.97 0.08
CA ALA A 89 -0.18 0.47 -0.13
C ALA A 89 -0.23 0.80 -1.63
N THR A 90 -0.62 2.03 -1.97
CA THR A 90 -0.65 2.51 -3.36
C THR A 90 -0.13 3.94 -3.37
N ASP A 91 1.06 4.13 -3.97
CA ASP A 91 1.72 5.44 -4.03
C ASP A 91 0.93 6.44 -4.91
N LYS A 92 1.29 7.73 -4.75
CA LYS A 92 0.91 8.87 -5.64
C LYS A 92 0.82 8.48 -7.13
N ASP A 93 1.80 7.69 -7.59
CA ASP A 93 1.98 7.33 -9.01
C ASP A 93 0.97 6.26 -9.46
N GLY A 94 0.39 5.56 -8.47
CA GLY A 94 -0.54 4.46 -8.72
C GLY A 94 0.18 3.13 -8.80
N ASN A 95 1.30 3.03 -8.08
CA ASN A 95 2.08 1.79 -7.99
C ASN A 95 1.63 0.98 -6.77
N THR A 96 1.01 -0.17 -7.07
CA THR A 96 0.51 -1.12 -6.07
C THR A 96 1.69 -1.80 -5.35
N SER A 97 1.64 -1.85 -4.03
CA SER A 97 2.62 -2.55 -3.19
C SER A 97 2.31 -4.06 -3.20
N GLU A 98 3.13 -4.83 -2.47
CA GLU A 98 2.97 -6.27 -2.34
C GLU A 98 1.83 -6.55 -1.34
N SER A 99 0.75 -7.18 -1.82
CA SER A 99 -0.43 -7.53 -1.00
C SER A 99 -0.03 -8.41 0.19
N THR A 100 0.12 -7.78 1.36
CA THR A 100 0.50 -8.44 2.60
C THR A 100 -0.73 -9.10 3.23
N ASN A 101 -0.92 -10.39 2.92
CA ASN A 101 -2.05 -11.20 3.38
C ASN A 101 -1.60 -12.01 4.59
N THR A 102 -1.76 -11.46 5.81
CA THR A 102 -1.22 -12.09 7.04
C THR A 102 -2.34 -12.46 8.01
N THR A 103 -2.37 -13.75 8.39
CA THR A 103 -3.28 -14.26 9.42
C THR A 103 -2.83 -13.78 10.80
N ILE A 104 -3.42 -12.69 11.28
CA ILE A 104 -3.18 -12.20 12.65
C ILE A 104 -4.15 -12.94 13.58
N ILE A 105 -5.36 -13.12 13.02
CA ILE A 105 -6.47 -13.87 13.61
C ILE A 105 -6.47 -15.29 13.02
N HIS A 1 27.61 45.02 -1.92
CA HIS A 1 27.13 43.79 -2.59
C HIS A 1 25.62 43.87 -2.88
N HIS A 2 24.83 44.36 -1.91
CA HIS A 2 23.37 44.51 -2.04
C HIS A 2 23.02 45.99 -1.83
N HIS A 3 22.42 46.61 -2.87
CA HIS A 3 22.07 48.04 -2.86
C HIS A 3 20.95 48.30 -1.84
N HIS A 4 19.85 47.52 -1.96
CA HIS A 4 18.70 47.54 -0.99
C HIS A 4 18.08 48.96 -0.83
N HIS A 5 18.31 49.82 -1.84
CA HIS A 5 17.89 51.24 -1.81
C HIS A 5 16.36 51.37 -1.86
N ARG A 6 15.69 50.31 -2.34
CA ARG A 6 14.22 50.17 -2.33
C ARG A 6 13.86 48.78 -1.78
N SER A 7 13.27 48.77 -0.57
CA SER A 7 12.76 47.55 0.08
C SER A 7 11.45 47.11 -0.61
N GLY A 8 11.58 46.27 -1.64
CA GLY A 8 10.43 45.78 -2.41
C GLY A 8 10.85 45.22 -3.76
N GLY A 9 11.08 43.90 -3.80
CA GLY A 9 11.49 43.21 -5.02
C GLY A 9 11.47 41.70 -4.83
N LEU A 10 10.31 41.09 -5.10
CA LEU A 10 10.08 39.65 -4.90
C LEU A 10 9.30 39.05 -6.09
N VAL A 11 9.54 37.76 -6.35
CA VAL A 11 8.82 36.95 -7.37
C VAL A 11 8.56 35.54 -6.80
N PRO A 12 7.51 34.79 -7.27
CA PRO A 12 7.29 33.37 -6.88
C PRO A 12 8.45 32.46 -7.39
N ARG A 13 9.52 32.39 -6.58
CA ARG A 13 10.72 31.60 -6.88
C ARG A 13 10.94 30.55 -5.76
N GLY A 14 10.54 29.31 -6.04
CA GLY A 14 10.65 28.20 -5.09
C GLY A 14 10.15 26.90 -5.68
N SER A 15 10.54 26.63 -6.93
CA SER A 15 10.13 25.44 -7.68
C SER A 15 10.84 24.17 -7.16
N HIS A 16 10.07 23.25 -6.54
CA HIS A 16 10.57 21.95 -6.08
C HIS A 16 9.48 20.88 -6.28
N MET A 17 9.48 20.25 -7.47
CA MET A 17 8.58 19.13 -7.79
C MET A 17 9.28 17.82 -7.38
N GLU A 18 9.23 17.55 -6.07
CA GLU A 18 9.90 16.40 -5.45
C GLU A 18 9.09 15.11 -5.68
N ASN A 19 9.80 14.01 -5.89
CA ASN A 19 9.21 12.74 -6.36
C ASN A 19 9.04 11.74 -5.20
N LEU A 20 7.94 10.97 -5.27
CA LEU A 20 7.64 9.88 -4.33
C LEU A 20 6.87 8.83 -5.13
N TYR A 21 7.51 7.68 -5.39
CA TYR A 21 6.91 6.56 -6.15
C TYR A 21 6.57 5.40 -5.21
N PHE A 22 6.02 4.33 -5.81
CA PHE A 22 5.72 3.07 -5.10
C PHE A 22 7.00 2.46 -4.53
N GLN A 23 6.88 1.84 -3.35
CA GLN A 23 7.98 1.12 -2.73
C GLN A 23 7.85 -0.36 -3.10
N GLY A 24 8.88 -0.91 -3.78
CA GLY A 24 8.93 -2.33 -4.14
C GLY A 24 9.33 -3.19 -2.95
N ASP A 25 8.45 -3.19 -1.94
CA ASP A 25 8.68 -3.79 -0.62
C ASP A 25 7.33 -3.77 0.12
N ALA A 26 6.84 -4.96 0.46
CA ALA A 26 5.51 -5.16 1.07
C ALA A 26 5.37 -4.46 2.46
N PRO A 27 4.22 -3.77 2.73
CA PRO A 27 4.00 -3.01 3.99
C PRO A 27 3.77 -3.95 5.20
N THR A 28 4.60 -3.78 6.25
CA THR A 28 4.54 -4.62 7.46
C THR A 28 3.35 -4.18 8.36
N VAL A 29 2.31 -5.04 8.47
CA VAL A 29 1.14 -4.77 9.33
C VAL A 29 1.43 -5.24 10.77
N ASN A 30 1.02 -4.43 11.75
CA ASN A 30 1.10 -4.79 13.18
C ASN A 30 0.12 -5.93 13.51
N ASP A 31 0.21 -6.47 14.73
CA ASP A 31 -0.68 -7.54 15.21
C ASP A 31 -2.06 -6.94 15.49
N VAL A 32 -2.88 -6.83 14.42
CA VAL A 32 -4.22 -6.23 14.45
C VAL A 32 -5.28 -7.33 14.53
N THR A 33 -5.71 -7.60 15.76
CA THR A 33 -6.67 -8.67 16.07
C THR A 33 -8.12 -8.14 16.04
N SER A 34 -9.07 -9.00 16.50
CA SER A 34 -10.49 -8.63 16.63
C SER A 34 -10.68 -7.55 17.69
N ASP A 35 -9.72 -7.51 18.65
CA ASP A 35 -9.68 -6.52 19.73
C ASP A 35 -9.23 -5.15 19.18
N ALA A 36 -8.36 -5.20 18.15
CA ALA A 36 -7.81 -4.01 17.50
C ALA A 36 -8.84 -3.45 16.50
N THR A 37 -9.41 -2.28 16.85
CA THR A 37 -10.43 -1.59 16.06
C THR A 37 -9.82 -0.78 14.90
N GLN A 38 -8.47 -0.69 14.86
CA GLN A 38 -7.73 0.06 13.82
C GLN A 38 -6.56 -0.79 13.31
N VAL A 39 -6.47 -0.96 11.99
CA VAL A 39 -5.31 -1.61 11.36
C VAL A 39 -4.16 -0.59 11.24
N THR A 40 -3.00 -0.98 11.76
CA THR A 40 -1.81 -0.11 11.83
C THR A 40 -0.58 -0.86 11.29
N GLY A 41 0.48 -0.11 10.98
CA GLY A 41 1.71 -0.70 10.46
C GLY A 41 2.62 0.33 9.80
N GLN A 42 3.47 -0.13 8.87
CA GLN A 42 4.47 0.69 8.16
C GLN A 42 4.27 0.50 6.65
N ALA A 43 4.26 1.62 5.90
CA ALA A 43 3.98 1.62 4.43
C ALA A 43 4.65 2.83 3.74
N GLU A 44 4.28 3.10 2.47
CA GLU A 44 4.71 4.32 1.75
C GLU A 44 4.08 5.58 2.42
N PRO A 45 4.89 6.67 2.67
CA PRO A 45 4.38 7.92 3.28
C PRO A 45 3.49 8.74 2.30
N ASN A 46 2.42 9.36 2.85
CA ASN A 46 1.48 10.24 2.09
C ASN A 46 0.70 9.45 1.01
N SER A 47 0.61 8.12 1.19
CA SER A 47 0.11 7.19 0.16
C SER A 47 -1.06 6.33 0.68
N THR A 48 -2.05 6.06 -0.19
CA THR A 48 -3.32 5.42 0.18
C THR A 48 -3.13 3.91 0.44
N VAL A 49 -3.05 3.54 1.72
CA VAL A 49 -2.91 2.13 2.14
C VAL A 49 -4.27 1.42 2.12
N LYS A 50 -4.43 0.45 1.21
CA LYS A 50 -5.64 -0.37 1.10
C LYS A 50 -5.54 -1.58 2.05
N LEU A 51 -6.71 -2.07 2.52
CA LEU A 51 -6.81 -3.26 3.37
C LEU A 51 -7.98 -4.13 2.86
N THR A 52 -7.63 -5.25 2.21
CA THR A 52 -8.59 -6.25 1.77
C THR A 52 -8.85 -7.26 2.91
N PHE A 53 -10.06 -7.20 3.46
CA PHE A 53 -10.54 -8.16 4.45
C PHE A 53 -10.82 -9.53 3.79
N PRO A 54 -10.65 -10.67 4.54
CA PRO A 54 -10.88 -12.05 4.01
C PRO A 54 -12.36 -12.30 3.62
N ASP A 55 -13.24 -11.42 4.11
CA ASP A 55 -14.66 -11.39 3.75
C ASP A 55 -14.81 -10.95 2.29
N GLY A 56 -14.10 -9.85 1.96
CA GLY A 56 -14.21 -9.22 0.65
C GLY A 56 -14.31 -7.71 0.76
N THR A 57 -14.71 -7.22 1.97
CA THR A 57 -14.74 -5.78 2.28
C THR A 57 -13.34 -5.16 2.09
N THR A 58 -13.25 -4.07 1.32
CA THR A 58 -11.98 -3.36 1.09
C THR A 58 -12.13 -1.89 1.50
N ALA A 59 -11.37 -1.50 2.54
CA ALA A 59 -11.28 -0.11 3.01
C ALA A 59 -9.96 0.50 2.49
N THR A 60 -9.89 1.84 2.44
CA THR A 60 -8.70 2.58 1.96
C THR A 60 -8.42 3.75 2.90
N GLY A 61 -7.24 3.73 3.53
CA GLY A 61 -6.79 4.77 4.46
C GLY A 61 -5.44 5.33 4.06
N THR A 62 -5.38 6.64 3.79
CA THR A 62 -4.15 7.33 3.40
C THR A 62 -3.18 7.41 4.59
N ALA A 63 -1.95 6.91 4.37
CA ALA A 63 -0.87 6.86 5.38
C ALA A 63 -0.51 8.26 5.90
N ASP A 64 0.11 8.28 7.07
CA ASP A 64 0.60 9.48 7.76
C ASP A 64 1.68 10.22 6.92
N ASP A 65 2.09 11.42 7.39
CA ASP A 65 3.25 12.15 6.85
C ASP A 65 4.52 11.25 6.83
N GLN A 66 4.69 10.48 7.93
CA GLN A 66 5.74 9.46 8.04
C GLN A 66 5.27 8.16 7.32
N GLY A 67 6.16 7.18 7.15
CA GLY A 67 5.84 5.94 6.44
C GLY A 67 5.17 4.92 7.34
N ASN A 68 4.02 5.31 7.92
CA ASN A 68 3.19 4.44 8.77
C ASN A 68 1.72 4.73 8.47
N TYR A 69 0.80 3.85 8.90
CA TYR A 69 -0.65 4.04 8.67
C TYR A 69 -1.46 3.65 9.91
N THR A 70 -2.60 4.33 10.09
CA THR A 70 -3.60 4.05 11.12
C THR A 70 -4.98 4.21 10.48
N ILE A 71 -5.65 3.08 10.22
CA ILE A 71 -6.92 3.02 9.46
C ILE A 71 -7.97 2.30 10.32
N ASP A 72 -9.05 2.99 10.66
CA ASP A 72 -10.12 2.43 11.50
C ASP A 72 -10.94 1.36 10.70
N ILE A 73 -10.98 0.15 11.25
CA ILE A 73 -11.68 -1.01 10.68
C ILE A 73 -13.21 -0.80 10.77
N PRO A 74 -13.98 -0.99 9.65
CA PRO A 74 -15.44 -0.83 9.64
C PRO A 74 -16.16 -1.94 10.43
N SER A 75 -17.13 -1.56 11.28
CA SER A 75 -17.93 -2.49 12.10
C SER A 75 -18.81 -3.41 11.22
N ASN A 76 -19.04 -2.99 9.96
CA ASN A 76 -19.79 -3.78 8.96
C ASN A 76 -19.11 -5.13 8.68
N VAL A 77 -17.76 -5.14 8.69
CA VAL A 77 -16.98 -6.39 8.60
C VAL A 77 -16.66 -6.87 10.02
N ASP A 78 -16.89 -8.17 10.28
CA ASP A 78 -16.66 -8.77 11.61
C ASP A 78 -15.34 -9.57 11.59
N LEU A 79 -14.45 -9.28 12.54
CA LEU A 79 -13.13 -9.94 12.62
C LEU A 79 -13.24 -11.25 13.44
N ASN A 80 -13.09 -12.39 12.75
CA ASN A 80 -13.20 -13.74 13.36
C ASN A 80 -11.83 -14.44 13.41
N GLY A 81 -11.69 -15.42 14.31
CA GLY A 81 -10.46 -16.22 14.43
C GLY A 81 -10.31 -17.21 13.28
N GLY A 82 -9.09 -17.27 12.68
CA GLY A 82 -8.83 -18.12 11.50
C GLY A 82 -8.92 -17.33 10.20
N GLU A 83 -8.94 -15.99 10.30
CA GLU A 83 -9.10 -15.08 9.15
C GLU A 83 -7.75 -14.40 8.81
N GLU A 84 -7.54 -14.13 7.52
CA GLU A 84 -6.30 -13.53 6.99
C GLU A 84 -6.57 -12.10 6.50
N LEU A 85 -5.98 -11.11 7.18
CA LEU A 85 -6.13 -9.71 6.81
C LEU A 85 -4.98 -9.32 5.86
N GLN A 86 -5.37 -8.96 4.63
CA GLN A 86 -4.43 -8.50 3.60
C GLN A 86 -4.41 -6.96 3.60
N VAL A 87 -3.21 -6.38 3.74
CA VAL A 87 -2.96 -4.95 3.55
C VAL A 87 -2.00 -4.77 2.37
N THR A 88 -2.30 -3.80 1.51
CA THR A 88 -1.50 -3.48 0.34
C THR A 88 -1.48 -1.95 0.19
N ALA A 89 -0.32 -1.34 0.44
CA ALA A 89 -0.14 0.11 0.32
C ALA A 89 -0.13 0.49 -1.17
N THR A 90 -0.62 1.71 -1.46
CA THR A 90 -0.65 2.23 -2.83
C THR A 90 -0.13 3.67 -2.82
N ASP A 91 0.94 3.91 -3.58
CA ASP A 91 1.57 5.22 -3.69
C ASP A 91 0.57 6.32 -4.15
N LYS A 92 0.88 7.57 -3.77
CA LYS A 92 0.06 8.77 -4.00
C LYS A 92 -0.26 9.02 -5.50
N ASP A 93 0.60 8.51 -6.41
CA ASP A 93 0.40 8.64 -7.87
C ASP A 93 -0.57 7.56 -8.38
N GLY A 94 -0.55 6.39 -7.69
CA GLY A 94 -1.50 5.31 -7.96
C GLY A 94 -0.84 3.99 -8.29
N ASN A 95 0.45 3.86 -7.97
CA ASN A 95 1.24 2.63 -8.18
C ASN A 95 1.26 1.82 -6.88
N THR A 96 0.76 0.58 -6.94
CA THR A 96 0.52 -0.25 -5.75
C THR A 96 1.81 -1.00 -5.29
N SER A 97 1.83 -1.45 -4.01
CA SER A 97 2.95 -2.23 -3.42
C SER A 97 2.58 -3.72 -3.44
N GLU A 98 3.42 -4.56 -2.83
CA GLU A 98 3.21 -6.01 -2.72
C GLU A 98 2.18 -6.29 -1.59
N SER A 99 1.28 -7.25 -1.82
CA SER A 99 0.18 -7.56 -0.89
C SER A 99 0.67 -8.40 0.32
N THR A 100 0.69 -7.78 1.52
CA THR A 100 1.01 -8.48 2.78
C THR A 100 -0.27 -9.08 3.37
N ASN A 101 -0.49 -10.38 3.11
CA ASN A 101 -1.61 -11.15 3.67
C ASN A 101 -1.09 -11.96 4.89
N THR A 102 -1.77 -11.83 6.04
CA THR A 102 -1.35 -12.50 7.29
C THR A 102 -2.57 -12.81 8.18
N THR A 103 -2.66 -14.08 8.66
CA THR A 103 -3.64 -14.49 9.67
C THR A 103 -3.20 -13.96 11.05
N ILE A 104 -3.68 -12.76 11.42
CA ILE A 104 -3.43 -12.18 12.76
C ILE A 104 -4.48 -12.75 13.73
N ILE A 105 -5.72 -12.71 13.24
CA ILE A 105 -6.91 -13.25 13.90
C ILE A 105 -6.99 -14.77 13.66
N HIS A 1 -23.80 -24.81 -40.02
CA HIS A 1 -25.24 -24.45 -39.89
C HIS A 1 -25.71 -24.76 -38.47
N HIS A 2 -26.20 -23.71 -37.76
CA HIS A 2 -26.71 -23.79 -36.36
C HIS A 2 -25.56 -24.07 -35.36
N HIS A 3 -25.42 -23.20 -34.34
CA HIS A 3 -24.27 -23.22 -33.39
C HIS A 3 -22.97 -22.92 -34.18
N HIS A 4 -22.90 -21.68 -34.69
CA HIS A 4 -21.75 -21.22 -35.49
C HIS A 4 -20.49 -21.07 -34.61
N HIS A 5 -19.56 -22.02 -34.76
CA HIS A 5 -18.23 -21.92 -34.16
C HIS A 5 -17.39 -20.90 -34.94
N ARG A 6 -16.84 -19.91 -34.22
CA ARG A 6 -15.99 -18.88 -34.81
C ARG A 6 -14.54 -19.42 -34.91
N SER A 7 -14.14 -19.83 -36.12
CA SER A 7 -12.78 -20.32 -36.39
C SER A 7 -11.80 -19.13 -36.49
N GLY A 8 -11.30 -18.71 -35.33
CA GLY A 8 -10.37 -17.60 -35.21
C GLY A 8 -10.11 -17.26 -33.75
N GLY A 9 -8.82 -17.09 -33.39
CA GLY A 9 -8.42 -16.74 -32.03
C GLY A 9 -6.93 -16.89 -31.80
N LEU A 10 -6.12 -16.48 -32.81
CA LEU A 10 -4.64 -16.56 -32.75
C LEU A 10 -4.13 -15.41 -31.88
N VAL A 11 -3.40 -15.76 -30.80
CA VAL A 11 -2.77 -14.78 -29.89
C VAL A 11 -1.24 -14.69 -30.19
N PRO A 12 -0.67 -13.45 -30.37
CA PRO A 12 0.79 -13.26 -30.51
C PRO A 12 1.50 -13.31 -29.14
N ARG A 13 2.83 -13.47 -29.16
CA ARG A 13 3.67 -13.57 -27.96
C ARG A 13 3.76 -12.19 -27.26
N GLY A 14 3.08 -12.06 -26.10
CA GLY A 14 3.10 -10.84 -25.31
C GLY A 14 4.36 -10.71 -24.48
N SER A 15 5.46 -10.31 -25.14
CA SER A 15 6.75 -10.08 -24.50
C SER A 15 6.67 -8.83 -23.60
N HIS A 16 7.00 -8.99 -22.30
CA HIS A 16 6.87 -7.92 -21.30
C HIS A 16 8.19 -7.69 -20.54
N MET A 17 8.42 -6.42 -20.19
CA MET A 17 9.56 -5.98 -19.36
C MET A 17 9.06 -5.60 -17.95
N GLU A 18 10.00 -5.32 -17.03
CA GLU A 18 9.69 -4.93 -15.64
C GLU A 18 9.20 -3.47 -15.61
N ASN A 19 7.88 -3.29 -15.64
CA ASN A 19 7.21 -1.98 -15.53
C ASN A 19 7.02 -1.60 -14.05
N LEU A 20 6.41 -0.42 -13.82
CA LEU A 20 6.09 0.06 -12.47
C LEU A 20 4.85 -0.69 -11.93
N TYR A 21 5.09 -1.65 -11.03
CA TYR A 21 4.04 -2.47 -10.39
C TYR A 21 3.82 -2.00 -8.95
N PHE A 22 4.93 -1.93 -8.22
CA PHE A 22 4.98 -1.44 -6.83
C PHE A 22 6.28 -0.66 -6.62
N GLN A 23 6.18 0.51 -5.96
CA GLN A 23 7.34 1.35 -5.63
C GLN A 23 7.95 0.80 -4.34
N GLY A 24 7.12 0.77 -3.30
CA GLY A 24 7.42 0.07 -2.05
C GLY A 24 6.85 -1.34 -2.05
N ASP A 25 7.44 -2.24 -1.25
CA ASP A 25 7.01 -3.64 -1.15
C ASP A 25 5.97 -3.82 -0.02
N ALA A 26 5.59 -5.09 0.27
CA ALA A 26 4.51 -5.45 1.21
C ALA A 26 4.58 -4.69 2.57
N PRO A 27 3.50 -3.90 2.93
CA PRO A 27 3.41 -3.14 4.21
C PRO A 27 3.70 -3.98 5.47
N THR A 28 4.60 -3.47 6.36
CA THR A 28 5.01 -4.19 7.57
C THR A 28 3.95 -3.99 8.69
N VAL A 29 2.91 -4.84 8.67
CA VAL A 29 1.79 -4.77 9.62
C VAL A 29 1.91 -5.86 10.69
N ASN A 30 1.29 -5.62 11.85
CA ASN A 30 1.42 -6.51 13.03
C ASN A 30 0.32 -6.25 14.07
N ASP A 31 -0.01 -7.33 14.82
CA ASP A 31 -0.86 -7.30 16.04
C ASP A 31 -2.28 -6.69 15.80
N VAL A 32 -2.73 -6.69 14.53
CA VAL A 32 -4.10 -6.23 14.19
C VAL A 32 -5.09 -7.38 14.35
N THR A 33 -5.58 -7.51 15.58
CA THR A 33 -6.61 -8.46 15.95
C THR A 33 -8.00 -7.86 15.67
N SER A 34 -9.06 -8.64 15.92
CA SER A 34 -10.44 -8.13 15.88
C SER A 34 -10.71 -7.21 17.11
N ASP A 35 -9.85 -7.37 18.17
CA ASP A 35 -9.84 -6.48 19.35
C ASP A 35 -9.25 -5.11 18.98
N ALA A 36 -8.19 -5.14 18.14
CA ALA A 36 -7.54 -3.93 17.62
C ALA A 36 -8.46 -3.30 16.58
N THR A 37 -9.29 -2.34 17.04
CA THR A 37 -10.34 -1.70 16.23
C THR A 37 -9.78 -0.74 15.15
N GLN A 38 -8.45 -0.63 15.07
CA GLN A 38 -7.75 0.17 14.05
C GLN A 38 -6.60 -0.68 13.52
N VAL A 39 -6.65 -0.97 12.21
CA VAL A 39 -5.55 -1.66 11.52
C VAL A 39 -4.43 -0.63 11.25
N THR A 40 -3.28 -0.90 11.87
CA THR A 40 -2.10 -0.04 11.81
C THR A 40 -0.88 -0.84 11.32
N GLY A 41 0.22 -0.14 11.10
CA GLY A 41 1.48 -0.74 10.65
C GLY A 41 2.23 0.20 9.72
N GLN A 42 3.40 -0.24 9.26
CA GLN A 42 4.22 0.50 8.30
C GLN A 42 3.69 0.29 6.88
N ALA A 43 3.72 1.35 6.08
CA ALA A 43 3.39 1.34 4.65
C ALA A 43 4.14 2.48 3.95
N GLU A 44 3.88 2.71 2.64
CA GLU A 44 4.43 3.88 1.92
C GLU A 44 3.86 5.18 2.55
N PRO A 45 4.75 6.14 3.00
CA PRO A 45 4.33 7.36 3.72
C PRO A 45 3.49 8.30 2.85
N ASN A 46 2.38 8.78 3.44
CA ASN A 46 1.47 9.80 2.86
C ASN A 46 0.81 9.29 1.55
N SER A 47 0.77 7.96 1.41
CA SER A 47 0.19 7.26 0.25
C SER A 47 -1.09 6.53 0.70
N THR A 48 -2.09 6.46 -0.21
CA THR A 48 -3.41 5.92 0.13
C THR A 48 -3.35 4.40 0.35
N VAL A 49 -3.33 3.98 1.62
CA VAL A 49 -3.28 2.56 1.99
C VAL A 49 -4.66 1.93 1.75
N LYS A 50 -4.69 0.93 0.87
CA LYS A 50 -5.89 0.17 0.53
C LYS A 50 -5.96 -1.08 1.41
N LEU A 51 -6.89 -1.10 2.36
CA LEU A 51 -7.12 -2.27 3.22
C LEU A 51 -8.24 -3.12 2.60
N THR A 52 -7.90 -4.35 2.22
CA THR A 52 -8.85 -5.32 1.70
C THR A 52 -9.03 -6.44 2.75
N PHE A 53 -10.06 -6.26 3.57
CA PHE A 53 -10.46 -7.24 4.60
C PHE A 53 -10.94 -8.57 3.94
N PRO A 54 -10.69 -9.76 4.62
CA PRO A 54 -10.87 -11.11 4.00
C PRO A 54 -12.28 -11.40 3.47
N ASP A 55 -13.29 -10.81 4.13
CA ASP A 55 -14.71 -11.04 3.79
C ASP A 55 -15.07 -10.30 2.48
N GLY A 56 -14.39 -9.17 2.24
CA GLY A 56 -14.57 -8.36 1.03
C GLY A 56 -14.73 -6.89 1.33
N THR A 57 -14.76 -6.51 2.63
CA THR A 57 -14.81 -5.11 3.06
C THR A 57 -13.50 -4.41 2.64
N THR A 58 -13.61 -3.41 1.77
CA THR A 58 -12.45 -2.65 1.29
C THR A 58 -12.55 -1.19 1.77
N ALA A 59 -11.61 -0.83 2.67
CA ALA A 59 -11.56 0.47 3.33
C ALA A 59 -10.21 1.16 3.04
N THR A 60 -10.26 2.32 2.35
CA THR A 60 -9.07 3.13 2.07
C THR A 60 -8.73 4.02 3.29
N GLY A 61 -7.48 4.43 3.36
CA GLY A 61 -7.01 5.32 4.41
C GLY A 61 -5.58 5.74 4.14
N THR A 62 -5.38 7.03 3.83
CA THR A 62 -4.06 7.58 3.50
C THR A 62 -3.14 7.57 4.74
N ALA A 63 -1.94 7.00 4.59
CA ALA A 63 -0.89 7.00 5.62
C ALA A 63 -0.51 8.42 6.04
N ASP A 64 0.03 8.57 7.25
CA ASP A 64 0.57 9.85 7.76
C ASP A 64 1.79 10.30 6.94
N ASP A 65 2.34 11.48 7.25
CA ASP A 65 3.60 11.98 6.61
C ASP A 65 4.76 11.00 6.91
N GLN A 66 4.68 10.34 8.09
CA GLN A 66 5.55 9.22 8.47
C GLN A 66 5.07 7.93 7.76
N GLY A 67 5.96 6.92 7.64
CA GLY A 67 5.62 5.64 6.99
C GLY A 67 4.81 4.69 7.86
N ASN A 68 3.68 5.19 8.39
CA ASN A 68 2.72 4.40 9.19
C ASN A 68 1.31 4.87 8.81
N TYR A 69 0.33 3.97 8.91
CA TYR A 69 -1.08 4.29 8.62
C TYR A 69 -1.97 3.90 9.81
N THR A 70 -3.16 4.50 9.86
CA THR A 70 -4.21 4.14 10.81
C THR A 70 -5.56 4.14 10.09
N ILE A 71 -5.98 2.95 9.63
CA ILE A 71 -7.31 2.74 9.07
C ILE A 71 -8.16 2.10 10.17
N ASP A 72 -9.30 2.73 10.50
CA ASP A 72 -10.22 2.17 11.49
C ASP A 72 -10.97 0.97 10.89
N ILE A 73 -11.00 -0.14 11.61
CA ILE A 73 -11.78 -1.33 11.24
C ILE A 73 -13.29 -1.00 11.40
N PRO A 74 -14.08 -1.06 10.28
CA PRO A 74 -15.52 -0.73 10.30
C PRO A 74 -16.36 -1.82 10.99
N SER A 75 -17.54 -1.42 11.52
CA SER A 75 -18.47 -2.31 12.23
C SER A 75 -19.34 -3.08 11.21
N ASN A 76 -18.67 -3.99 10.48
CA ASN A 76 -19.27 -4.86 9.45
C ASN A 76 -18.39 -6.09 9.30
N VAL A 77 -17.09 -5.85 9.11
CA VAL A 77 -16.08 -6.94 9.04
C VAL A 77 -15.78 -7.46 10.46
N ASP A 78 -15.81 -8.79 10.60
CA ASP A 78 -15.44 -9.51 11.83
C ASP A 78 -14.27 -10.45 11.49
N LEU A 79 -13.06 -10.06 11.92
CA LEU A 79 -11.82 -10.83 11.64
C LEU A 79 -11.85 -12.18 12.38
N ASN A 80 -12.23 -13.25 11.65
CA ASN A 80 -12.36 -14.62 12.21
C ASN A 80 -10.98 -15.26 12.38
N GLY A 81 -10.86 -16.11 13.42
CA GLY A 81 -9.60 -16.79 13.77
C GLY A 81 -9.14 -17.76 12.69
N GLY A 82 -8.20 -17.29 11.86
CA GLY A 82 -7.69 -18.05 10.71
C GLY A 82 -7.85 -17.30 9.40
N GLU A 83 -8.25 -16.02 9.45
CA GLU A 83 -8.44 -15.15 8.27
C GLU A 83 -7.32 -14.11 8.18
N GLU A 84 -6.90 -13.83 6.94
CA GLU A 84 -5.84 -12.87 6.62
C GLU A 84 -6.44 -11.59 6.08
N LEU A 85 -6.03 -10.42 6.62
CA LEU A 85 -6.43 -9.13 6.05
C LEU A 85 -5.34 -8.64 5.08
N GLN A 86 -5.74 -8.48 3.81
CA GLN A 86 -4.83 -8.16 2.70
C GLN A 86 -4.49 -6.66 2.72
N VAL A 87 -3.30 -6.31 3.23
CA VAL A 87 -2.86 -4.91 3.34
C VAL A 87 -2.02 -4.52 2.12
N THR A 88 -2.50 -3.52 1.37
CA THR A 88 -1.74 -2.90 0.27
C THR A 88 -1.70 -1.39 0.48
N ALA A 89 -0.72 -0.73 -0.11
CA ALA A 89 -0.59 0.73 -0.09
C ALA A 89 -0.35 1.23 -1.51
N THR A 90 -1.06 2.29 -1.90
CA THR A 90 -1.02 2.83 -3.25
C THR A 90 -0.19 4.13 -3.29
N ASP A 91 1.05 3.99 -3.80
CA ASP A 91 1.95 5.09 -4.08
C ASP A 91 1.36 6.00 -5.19
N LYS A 92 1.80 7.26 -5.20
CA LYS A 92 1.27 8.33 -6.07
C LYS A 92 1.38 8.04 -7.59
N ASP A 93 2.26 7.10 -8.00
CA ASP A 93 2.46 6.73 -9.43
C ASP A 93 1.36 5.79 -9.92
N GLY A 94 0.49 5.33 -9.00
CA GLY A 94 -0.44 4.23 -9.28
C GLY A 94 0.14 2.88 -8.88
N ASN A 95 1.37 2.92 -8.34
CA ASN A 95 2.08 1.75 -7.80
C ASN A 95 1.35 1.27 -6.54
N THR A 96 1.18 -0.04 -6.40
CA THR A 96 0.49 -0.63 -5.25
C THR A 96 1.33 -1.80 -4.72
N SER A 97 1.77 -1.68 -3.45
CA SER A 97 2.57 -2.72 -2.77
C SER A 97 1.81 -4.04 -2.64
N GLU A 98 2.55 -5.06 -2.21
CA GLU A 98 2.09 -6.46 -2.20
C GLU A 98 1.08 -6.69 -1.05
N SER A 99 0.07 -7.56 -1.29
CA SER A 99 -0.98 -7.88 -0.32
C SER A 99 -0.40 -8.65 0.86
N THR A 100 -0.12 -7.93 1.95
CA THR A 100 0.37 -8.50 3.20
C THR A 100 -0.74 -9.31 3.89
N ASN A 101 -0.76 -10.60 3.57
CA ASN A 101 -1.74 -11.57 4.10
C ASN A 101 -1.29 -12.04 5.49
N THR A 102 -1.98 -11.56 6.53
CA THR A 102 -1.58 -11.81 7.94
C THR A 102 -2.75 -12.36 8.78
N THR A 103 -2.59 -13.62 9.22
CA THR A 103 -3.43 -14.22 10.27
C THR A 103 -2.88 -13.78 11.64
N ILE A 104 -3.38 -12.66 12.14
CA ILE A 104 -3.08 -12.19 13.52
C ILE A 104 -4.04 -12.91 14.48
N ILE A 105 -5.25 -13.12 13.96
CA ILE A 105 -6.37 -13.77 14.63
C ILE A 105 -6.31 -15.30 14.36
N HIS A 1 39.91 -24.11 -23.85
CA HIS A 1 39.52 -23.99 -25.29
C HIS A 1 40.77 -23.68 -26.12
N HIS A 2 40.70 -23.94 -27.43
CA HIS A 2 41.82 -23.73 -28.37
C HIS A 2 42.05 -22.22 -28.57
N HIS A 3 40.95 -21.47 -28.80
CA HIS A 3 40.99 -20.00 -28.96
C HIS A 3 40.65 -19.30 -27.62
N HIS A 4 40.95 -18.01 -27.55
CA HIS A 4 40.57 -17.14 -26.41
C HIS A 4 39.33 -16.32 -26.80
N HIS A 5 38.30 -16.33 -25.94
CA HIS A 5 37.07 -15.54 -26.16
C HIS A 5 37.35 -14.07 -25.82
N ARG A 6 37.80 -13.30 -26.82
CA ARG A 6 38.14 -11.88 -26.66
C ARG A 6 36.85 -11.04 -26.51
N SER A 7 36.80 -10.19 -25.48
CA SER A 7 35.61 -9.38 -25.15
C SER A 7 35.45 -8.17 -26.08
N GLY A 8 36.57 -7.76 -26.72
CA GLY A 8 36.55 -6.65 -27.69
C GLY A 8 36.71 -5.28 -27.03
N GLY A 9 35.91 -5.02 -25.99
CA GLY A 9 35.97 -3.79 -25.22
C GLY A 9 34.80 -3.66 -24.26
N LEU A 10 33.66 -3.16 -24.79
CA LEU A 10 32.43 -2.91 -24.00
C LEU A 10 31.20 -2.82 -24.93
N VAL A 11 30.02 -2.53 -24.35
CA VAL A 11 28.76 -2.33 -25.09
C VAL A 11 28.35 -0.82 -25.04
N PRO A 12 27.61 -0.29 -26.08
CA PRO A 12 27.10 1.09 -26.06
C PRO A 12 25.97 1.26 -25.02
N ARG A 13 26.11 2.31 -24.18
CA ARG A 13 25.11 2.69 -23.18
C ARG A 13 23.90 3.35 -23.88
N GLY A 14 22.79 2.59 -23.97
CA GLY A 14 21.56 3.06 -24.60
C GLY A 14 20.57 3.54 -23.55
N SER A 15 19.45 2.79 -23.39
CA SER A 15 18.44 3.10 -22.37
C SER A 15 17.54 1.86 -22.10
N HIS A 16 16.77 1.94 -20.99
CA HIS A 16 15.78 0.92 -20.58
C HIS A 16 14.63 1.64 -19.86
N MET A 17 13.72 0.86 -19.25
CA MET A 17 12.67 1.39 -18.36
C MET A 17 12.73 0.64 -17.02
N GLU A 18 12.34 1.32 -15.93
CA GLU A 18 12.28 0.72 -14.59
C GLU A 18 11.07 -0.22 -14.52
N ASN A 19 11.27 -1.52 -14.88
CA ASN A 19 10.19 -2.54 -14.93
C ASN A 19 9.83 -3.02 -13.51
N LEU A 20 9.13 -2.14 -12.78
CA LEU A 20 8.64 -2.38 -11.41
C LEU A 20 7.13 -2.12 -11.40
N TYR A 21 6.39 -3.01 -10.73
CA TYR A 21 4.92 -2.87 -10.57
C TYR A 21 4.61 -1.85 -9.43
N PHE A 22 5.54 -1.75 -8.46
CA PHE A 22 5.39 -0.90 -7.28
C PHE A 22 6.72 -0.25 -6.87
N GLN A 23 6.60 0.93 -6.24
CA GLN A 23 7.73 1.68 -5.66
C GLN A 23 7.87 1.31 -4.19
N GLY A 24 6.73 1.33 -3.48
CA GLY A 24 6.65 0.96 -2.07
C GLY A 24 6.54 -0.54 -1.87
N ASP A 25 7.04 -1.03 -0.73
CA ASP A 25 7.10 -2.47 -0.41
C ASP A 25 5.81 -2.92 0.31
N ALA A 26 5.73 -4.23 0.63
CA ALA A 26 4.60 -4.82 1.35
C ALA A 26 4.45 -4.20 2.77
N PRO A 27 3.33 -3.45 3.04
CA PRO A 27 3.10 -2.71 4.31
C PRO A 27 3.19 -3.62 5.55
N THR A 28 4.19 -3.38 6.41
CA THR A 28 4.43 -4.20 7.60
C THR A 28 3.34 -3.93 8.65
N VAL A 29 2.21 -4.67 8.51
CA VAL A 29 1.05 -4.55 9.41
C VAL A 29 1.41 -5.12 10.80
N ASN A 30 0.90 -4.47 11.84
CA ASN A 30 1.04 -4.92 13.24
C ASN A 30 0.14 -6.14 13.50
N ASP A 31 0.25 -6.73 14.71
CA ASP A 31 -0.63 -7.83 15.14
C ASP A 31 -2.05 -7.29 15.41
N VAL A 32 -2.83 -7.17 14.33
CA VAL A 32 -4.19 -6.62 14.32
C VAL A 32 -5.22 -7.76 14.35
N THR A 33 -5.76 -8.03 15.54
CA THR A 33 -6.75 -9.08 15.77
C THR A 33 -8.18 -8.51 15.80
N SER A 34 -9.15 -9.36 16.18
CA SER A 34 -10.56 -8.98 16.36
C SER A 34 -10.74 -8.01 17.56
N ASP A 35 -9.71 -7.90 18.41
CA ASP A 35 -9.68 -6.94 19.53
C ASP A 35 -9.27 -5.56 19.00
N ALA A 36 -8.27 -5.53 18.11
CA ALA A 36 -7.78 -4.30 17.48
C ALA A 36 -8.87 -3.69 16.59
N THR A 37 -9.42 -2.54 17.01
CA THR A 37 -10.49 -1.84 16.29
C THR A 37 -9.91 -0.89 15.22
N GLN A 38 -8.56 -0.79 15.16
CA GLN A 38 -7.85 -0.01 14.13
C GLN A 38 -6.64 -0.82 13.66
N VAL A 39 -6.60 -1.09 12.35
CA VAL A 39 -5.47 -1.76 11.71
C VAL A 39 -4.35 -0.72 11.45
N THR A 40 -3.21 -0.95 12.11
CA THR A 40 -2.05 -0.06 12.05
C THR A 40 -0.83 -0.84 11.51
N GLY A 41 0.24 -0.09 11.21
CA GLY A 41 1.47 -0.67 10.69
C GLY A 41 2.27 0.36 9.91
N GLN A 42 3.36 -0.08 9.27
CA GLN A 42 4.22 0.80 8.46
C GLN A 42 3.87 0.67 6.97
N ALA A 43 3.92 1.81 6.27
CA ALA A 43 3.62 1.92 4.83
C ALA A 43 4.42 3.10 4.22
N GLU A 44 4.02 3.60 3.05
CA GLU A 44 4.68 4.73 2.38
C GLU A 44 3.94 6.04 2.74
N PRO A 45 4.69 7.12 3.15
CA PRO A 45 4.07 8.39 3.65
C PRO A 45 3.32 9.14 2.54
N ASN A 46 2.15 9.73 2.91
CA ASN A 46 1.27 10.53 2.02
C ASN A 46 0.73 9.70 0.83
N SER A 47 0.74 8.36 0.98
CA SER A 47 0.31 7.41 -0.08
C SER A 47 -0.94 6.66 0.40
N THR A 48 -1.88 6.40 -0.53
CA THR A 48 -3.16 5.75 -0.23
C THR A 48 -2.94 4.27 0.12
N VAL A 49 -3.19 3.91 1.39
CA VAL A 49 -3.06 2.53 1.86
C VAL A 49 -4.41 1.80 1.73
N LYS A 50 -4.49 0.91 0.74
CA LYS A 50 -5.69 0.08 0.52
C LYS A 50 -5.65 -1.14 1.45
N LEU A 51 -6.59 -1.18 2.40
CA LEU A 51 -6.74 -2.31 3.32
C LEU A 51 -7.78 -3.26 2.72
N THR A 52 -7.38 -4.52 2.48
CA THR A 52 -8.28 -5.56 1.97
C THR A 52 -8.59 -6.57 3.09
N PHE A 53 -9.79 -6.44 3.67
CA PHE A 53 -10.28 -7.39 4.67
C PHE A 53 -10.57 -8.75 3.99
N PRO A 54 -10.32 -9.90 4.71
CA PRO A 54 -10.57 -11.27 4.19
C PRO A 54 -12.07 -11.54 3.87
N ASP A 55 -12.96 -10.70 4.45
CA ASP A 55 -14.41 -10.71 4.13
C ASP A 55 -14.62 -10.32 2.66
N GLY A 56 -13.87 -9.29 2.23
CA GLY A 56 -14.02 -8.70 0.92
C GLY A 56 -14.26 -7.21 1.01
N THR A 57 -14.60 -6.72 2.23
CA THR A 57 -14.65 -5.29 2.54
C THR A 57 -13.25 -4.65 2.38
N THR A 58 -13.20 -3.42 1.84
CA THR A 58 -11.96 -2.65 1.73
C THR A 58 -12.16 -1.26 2.36
N ALA A 59 -11.37 -0.96 3.40
CA ALA A 59 -11.34 0.35 4.05
C ALA A 59 -10.04 1.07 3.63
N THR A 60 -10.16 1.93 2.60
CA THR A 60 -9.03 2.67 2.05
C THR A 60 -8.71 3.90 2.91
N GLY A 61 -7.43 4.07 3.23
CA GLY A 61 -6.94 5.19 4.02
C GLY A 61 -5.70 5.78 3.36
N THR A 62 -4.96 6.60 4.11
CA THR A 62 -3.70 7.20 3.65
C THR A 62 -2.71 7.27 4.82
N ALA A 63 -1.47 6.81 4.58
CA ALA A 63 -0.38 6.93 5.56
C ALA A 63 -0.01 8.40 5.77
N ASP A 64 0.31 8.76 7.02
CA ASP A 64 0.51 10.17 7.45
C ASP A 64 1.88 10.74 6.97
N ASP A 65 2.36 11.83 7.63
CA ASP A 65 3.68 12.47 7.38
C ASP A 65 4.82 11.44 7.49
N GLN A 66 4.71 10.57 8.49
CA GLN A 66 5.63 9.42 8.67
C GLN A 66 5.09 8.22 7.87
N GLY A 67 5.97 7.23 7.59
CA GLY A 67 5.57 6.03 6.88
C GLY A 67 4.86 5.01 7.75
N ASN A 68 3.73 5.42 8.34
CA ASN A 68 2.83 4.57 9.12
C ASN A 68 1.39 4.91 8.74
N TYR A 69 0.50 3.92 8.83
CA TYR A 69 -0.94 4.13 8.57
C TYR A 69 -1.74 3.69 9.81
N THR A 70 -2.89 4.35 10.00
CA THR A 70 -3.86 4.00 11.05
C THR A 70 -5.25 4.05 10.44
N ILE A 71 -5.73 2.91 9.93
CA ILE A 71 -7.06 2.77 9.34
C ILE A 71 -7.97 2.12 10.38
N ASP A 72 -9.13 2.72 10.66
CA ASP A 72 -10.11 2.14 11.59
C ASP A 72 -10.88 1.00 10.89
N ILE A 73 -11.11 -0.08 11.63
CA ILE A 73 -11.89 -1.22 11.16
C ILE A 73 -13.39 -0.94 11.38
N PRO A 74 -14.20 -0.88 10.28
CA PRO A 74 -15.63 -0.55 10.36
C PRO A 74 -16.42 -1.70 11.05
N SER A 75 -17.42 -1.34 11.86
CA SER A 75 -18.29 -2.30 12.57
C SER A 75 -19.35 -2.88 11.61
N ASN A 76 -18.85 -3.65 10.65
CA ASN A 76 -19.60 -4.32 9.58
C ASN A 76 -18.82 -5.58 9.23
N VAL A 77 -17.49 -5.39 9.08
CA VAL A 77 -16.53 -6.49 8.88
C VAL A 77 -16.05 -7.01 10.26
N ASP A 78 -16.15 -8.33 10.46
CA ASP A 78 -15.69 -9.02 11.66
C ASP A 78 -14.46 -9.86 11.31
N LEU A 79 -13.34 -9.65 12.01
CA LEU A 79 -12.13 -10.46 11.83
C LEU A 79 -12.27 -11.78 12.64
N ASN A 80 -12.83 -12.81 11.99
CA ASN A 80 -13.09 -14.12 12.62
C ASN A 80 -11.78 -14.92 12.70
N GLY A 81 -11.63 -15.70 13.79
CA GLY A 81 -10.38 -16.42 14.10
C GLY A 81 -10.07 -17.57 13.13
N GLY A 82 -9.48 -17.20 11.98
CA GLY A 82 -9.09 -18.15 10.94
C GLY A 82 -9.02 -17.48 9.59
N GLU A 83 -8.72 -16.16 9.58
CA GLU A 83 -8.74 -15.33 8.36
C GLU A 83 -7.42 -14.56 8.17
N GLU A 84 -7.05 -14.33 6.91
CA GLU A 84 -5.83 -13.61 6.51
C GLU A 84 -6.15 -12.14 6.20
N LEU A 85 -5.75 -11.22 7.10
CA LEU A 85 -5.88 -9.77 6.86
C LEU A 85 -4.82 -9.32 5.85
N GLN A 86 -5.29 -8.66 4.76
CA GLN A 86 -4.42 -8.19 3.67
C GLN A 86 -4.29 -6.66 3.72
N VAL A 87 -3.12 -6.14 3.32
CA VAL A 87 -2.89 -4.69 3.21
C VAL A 87 -1.85 -4.39 2.11
N THR A 88 -2.16 -3.39 1.28
CA THR A 88 -1.30 -2.89 0.20
C THR A 88 -1.20 -1.36 0.28
N ALA A 89 0.00 -0.84 0.02
CA ALA A 89 0.23 0.60 -0.18
C ALA A 89 0.09 0.90 -1.67
N THR A 90 -0.46 2.07 -1.99
CA THR A 90 -0.65 2.52 -3.37
C THR A 90 0.06 3.86 -3.53
N ASP A 91 1.21 3.82 -4.26
CA ASP A 91 2.04 5.00 -4.55
C ASP A 91 1.28 6.01 -5.42
N LYS A 92 1.90 7.20 -5.60
CA LYS A 92 1.32 8.35 -6.33
C LYS A 92 1.06 8.06 -7.83
N ASP A 93 1.70 7.00 -8.35
CA ASP A 93 1.56 6.58 -9.76
C ASP A 93 0.52 5.45 -9.90
N GLY A 94 -0.24 5.19 -8.81
CA GLY A 94 -1.22 4.11 -8.76
C GLY A 94 -0.57 2.74 -8.67
N ASN A 95 0.58 2.68 -7.98
CA ASN A 95 1.40 1.45 -7.86
C ASN A 95 0.99 0.69 -6.59
N THR A 96 0.26 -0.42 -6.77
CA THR A 96 -0.16 -1.31 -5.67
C THR A 96 1.00 -2.26 -5.31
N SER A 97 1.36 -2.28 -4.01
CA SER A 97 2.47 -3.09 -3.48
C SER A 97 2.09 -4.58 -3.38
N GLU A 98 3.03 -5.40 -2.90
CA GLU A 98 2.76 -6.79 -2.52
C GLU A 98 1.74 -6.82 -1.35
N SER A 99 0.76 -7.72 -1.44
CA SER A 99 -0.29 -7.87 -0.44
C SER A 99 0.27 -8.56 0.81
N THR A 100 0.41 -7.80 1.91
CA THR A 100 0.78 -8.34 3.21
C THR A 100 -0.43 -9.06 3.82
N ASN A 101 -0.54 -10.35 3.50
CA ASN A 101 -1.63 -11.23 3.95
C ASN A 101 -1.09 -12.18 5.03
N THR A 102 -1.70 -12.14 6.22
CA THR A 102 -1.32 -12.98 7.36
C THR A 102 -2.52 -13.25 8.25
N THR A 103 -2.66 -14.52 8.67
CA THR A 103 -3.67 -14.95 9.63
C THR A 103 -3.27 -14.45 11.02
N ILE A 104 -3.70 -13.23 11.37
CA ILE A 104 -3.40 -12.64 12.70
C ILE A 104 -4.49 -13.11 13.68
N ILE A 105 -5.68 -13.28 13.13
CA ILE A 105 -6.87 -13.76 13.84
C ILE A 105 -6.94 -15.29 13.73
N HIS A 1 -12.92 -5.67 -6.56
CA HIS A 1 -13.99 -5.34 -5.60
C HIS A 1 -14.08 -6.46 -4.54
N HIS A 2 -14.45 -7.67 -5.01
CA HIS A 2 -14.58 -8.88 -4.16
C HIS A 2 -13.83 -10.06 -4.80
N HIS A 3 -13.45 -11.05 -3.96
CA HIS A 3 -12.71 -12.23 -4.42
C HIS A 3 -13.68 -13.23 -5.10
N HIS A 4 -13.78 -13.08 -6.42
CA HIS A 4 -14.66 -13.89 -7.27
C HIS A 4 -13.91 -14.19 -8.58
N HIS A 5 -13.10 -15.26 -8.56
CA HIS A 5 -12.28 -15.68 -9.73
C HIS A 5 -13.12 -16.51 -10.73
N ARG A 6 -12.55 -16.79 -11.89
CA ARG A 6 -13.19 -17.60 -12.95
C ARG A 6 -12.15 -18.44 -13.70
N SER A 7 -12.66 -19.32 -14.59
CA SER A 7 -11.85 -20.01 -15.60
C SER A 7 -11.59 -19.03 -16.76
N GLY A 8 -10.35 -18.52 -16.85
CA GLY A 8 -9.99 -17.47 -17.80
C GLY A 8 -9.14 -18.01 -18.94
N GLY A 9 -7.87 -17.59 -19.01
CA GLY A 9 -6.97 -18.02 -20.07
C GLY A 9 -5.60 -17.37 -19.96
N LEU A 10 -4.92 -17.27 -21.11
CA LEU A 10 -3.57 -16.67 -21.22
C LEU A 10 -3.69 -15.14 -21.38
N VAL A 11 -2.54 -14.45 -21.34
CA VAL A 11 -2.44 -12.96 -21.34
C VAL A 11 -3.26 -12.30 -22.51
N PRO A 12 -3.97 -11.14 -22.25
CA PRO A 12 -4.77 -10.42 -23.28
C PRO A 12 -3.92 -9.89 -24.45
N ARG A 13 -2.63 -9.60 -24.16
CA ARG A 13 -1.64 -9.20 -25.17
C ARG A 13 -0.32 -9.92 -24.88
N GLY A 14 0.14 -10.74 -25.85
CA GLY A 14 1.41 -11.45 -25.76
C GLY A 14 2.59 -10.51 -25.97
N SER A 15 3.16 -10.02 -24.86
CA SER A 15 4.32 -9.11 -24.87
C SER A 15 5.17 -9.34 -23.61
N HIS A 16 6.47 -9.64 -23.80
CA HIS A 16 7.43 -9.79 -22.69
C HIS A 16 7.74 -8.41 -22.07
N MET A 17 6.94 -8.02 -21.07
CA MET A 17 7.05 -6.73 -20.38
C MET A 17 7.43 -6.95 -18.91
N GLU A 18 8.42 -6.17 -18.43
CA GLU A 18 8.92 -6.25 -17.04
C GLU A 18 7.93 -5.57 -16.07
N ASN A 19 8.02 -5.92 -14.77
CA ASN A 19 7.15 -5.33 -13.72
C ASN A 19 8.01 -5.00 -12.48
N LEU A 20 8.42 -3.72 -12.40
CA LEU A 20 9.26 -3.21 -11.30
C LEU A 20 8.43 -2.27 -10.40
N TYR A 21 7.20 -2.73 -10.10
CA TYR A 21 6.23 -2.01 -9.24
C TYR A 21 6.64 -2.12 -7.75
N PHE A 22 7.26 -3.25 -7.40
CA PHE A 22 7.63 -3.60 -6.02
C PHE A 22 9.17 -3.58 -5.89
N GLN A 23 9.71 -2.38 -5.65
CA GLN A 23 11.14 -2.16 -5.42
C GLN A 23 11.39 -1.98 -3.90
N GLY A 24 10.37 -1.43 -3.21
CA GLY A 24 10.41 -1.24 -1.76
C GLY A 24 9.91 -2.46 -1.00
N ASP A 25 9.80 -2.30 0.33
CA ASP A 25 9.27 -3.35 1.25
C ASP A 25 7.74 -3.47 1.11
N ALA A 26 7.21 -4.64 1.51
CA ALA A 26 5.76 -4.87 1.65
C ALA A 26 5.24 -4.11 2.89
N PRO A 27 3.92 -3.72 2.95
CA PRO A 27 3.38 -2.95 4.09
C PRO A 27 3.48 -3.77 5.40
N THR A 28 4.56 -3.49 6.16
CA THR A 28 4.88 -4.20 7.42
C THR A 28 3.96 -3.69 8.55
N VAL A 29 2.77 -4.29 8.60
CA VAL A 29 1.69 -3.89 9.52
C VAL A 29 1.88 -4.49 10.91
N ASN A 30 1.15 -3.94 11.88
CA ASN A 30 1.16 -4.44 13.26
C ASN A 30 0.27 -5.69 13.36
N ASP A 31 0.52 -6.53 14.37
CA ASP A 31 -0.26 -7.75 14.64
C ASP A 31 -1.66 -7.38 15.19
N VAL A 32 -2.55 -6.97 14.27
CA VAL A 32 -3.90 -6.49 14.58
C VAL A 32 -4.93 -7.62 14.46
N THR A 33 -5.58 -7.93 15.58
CA THR A 33 -6.63 -8.94 15.70
C THR A 33 -8.01 -8.26 15.79
N SER A 34 -9.05 -9.08 16.04
CA SER A 34 -10.43 -8.56 16.25
C SER A 34 -10.55 -7.78 17.59
N ASP A 35 -9.55 -7.98 18.48
CA ASP A 35 -9.45 -7.27 19.79
C ASP A 35 -9.17 -5.76 19.56
N ALA A 36 -8.36 -5.46 18.52
CA ALA A 36 -8.00 -4.09 18.15
C ALA A 36 -9.12 -3.45 17.32
N THR A 37 -9.50 -2.21 17.68
CA THR A 37 -10.55 -1.45 17.00
C THR A 37 -10.03 -0.77 15.72
N GLN A 38 -8.71 -0.52 15.67
CA GLN A 38 -8.04 0.11 14.52
C GLN A 38 -6.83 -0.75 14.11
N VAL A 39 -6.63 -0.83 12.80
CA VAL A 39 -5.48 -1.48 12.18
C VAL A 39 -4.43 -0.41 11.80
N THR A 40 -3.33 -0.41 12.55
CA THR A 40 -2.16 0.43 12.30
C THR A 40 -1.00 -0.42 11.74
N GLY A 41 -0.01 0.27 11.17
CA GLY A 41 1.17 -0.39 10.63
C GLY A 41 1.97 0.53 9.74
N GLN A 42 3.07 0.00 9.18
CA GLN A 42 3.98 0.77 8.30
C GLN A 42 3.56 0.60 6.83
N ALA A 43 3.66 1.70 6.07
CA ALA A 43 3.27 1.76 4.65
C ALA A 43 4.02 2.91 3.93
N GLU A 44 3.62 3.18 2.66
CA GLU A 44 4.16 4.30 1.87
C GLU A 44 3.54 5.64 2.36
N PRO A 45 4.38 6.68 2.70
CA PRO A 45 3.90 7.96 3.26
C PRO A 45 3.08 8.77 2.24
N ASN A 46 1.96 9.36 2.70
CA ASN A 46 1.05 10.20 1.88
C ASN A 46 0.39 9.39 0.74
N SER A 47 0.39 8.06 0.87
CA SER A 47 -0.12 7.12 -0.15
C SER A 47 -1.33 6.36 0.41
N THR A 48 -2.35 6.18 -0.44
CA THR A 48 -3.62 5.55 -0.04
C THR A 48 -3.43 4.05 0.20
N VAL A 49 -3.53 3.63 1.47
CA VAL A 49 -3.44 2.23 1.87
C VAL A 49 -4.82 1.56 1.65
N LYS A 50 -4.93 0.85 0.52
CA LYS A 50 -6.11 0.06 0.16
C LYS A 50 -6.09 -1.24 0.96
N LEU A 51 -7.06 -1.40 1.86
CA LEU A 51 -7.14 -2.57 2.74
C LEU A 51 -8.38 -3.39 2.37
N THR A 52 -8.15 -4.67 2.00
CA THR A 52 -9.22 -5.63 1.74
C THR A 52 -9.42 -6.53 2.98
N PHE A 53 -10.47 -6.25 3.73
CA PHE A 53 -10.87 -7.07 4.88
C PHE A 53 -11.37 -8.46 4.42
N PRO A 54 -11.20 -9.54 5.27
CA PRO A 54 -11.55 -10.96 4.94
C PRO A 54 -12.99 -11.20 4.40
N ASP A 55 -13.91 -10.29 4.74
CA ASP A 55 -15.29 -10.33 4.25
C ASP A 55 -15.34 -9.93 2.77
N GLY A 56 -14.65 -8.82 2.48
CA GLY A 56 -14.72 -8.16 1.18
C GLY A 56 -14.86 -6.66 1.33
N THR A 57 -15.23 -6.22 2.56
CA THR A 57 -15.26 -4.81 2.96
C THR A 57 -13.88 -4.17 2.77
N THR A 58 -13.77 -3.19 1.90
CA THR A 58 -12.52 -2.44 1.70
C THR A 58 -12.62 -1.06 2.35
N ALA A 59 -11.63 -0.73 3.19
CA ALA A 59 -11.54 0.57 3.87
C ALA A 59 -10.19 1.22 3.51
N THR A 60 -10.24 2.25 2.64
CA THR A 60 -9.06 3.03 2.25
C THR A 60 -8.68 4.01 3.37
N GLY A 61 -7.38 4.06 3.68
CA GLY A 61 -6.85 5.03 4.65
C GLY A 61 -5.46 5.47 4.23
N THR A 62 -5.35 6.73 3.79
CA THR A 62 -4.09 7.30 3.32
C THR A 62 -3.08 7.46 4.50
N ALA A 63 -1.90 6.86 4.33
CA ALA A 63 -0.78 7.01 5.29
C ALA A 63 -0.37 8.49 5.38
N ASP A 64 0.11 8.91 6.56
CA ASP A 64 0.43 10.34 6.83
C ASP A 64 1.85 10.68 6.34
N ASP A 65 2.42 11.82 6.78
CA ASP A 65 3.77 12.26 6.35
C ASP A 65 4.88 11.28 6.78
N GLN A 66 4.63 10.55 7.87
CA GLN A 66 5.46 9.40 8.28
C GLN A 66 5.02 8.16 7.48
N GLY A 67 5.93 7.19 7.32
CA GLY A 67 5.67 5.96 6.57
C GLY A 67 4.87 4.94 7.38
N ASN A 68 3.69 5.37 7.84
CA ASN A 68 2.77 4.56 8.64
C ASN A 68 1.34 5.03 8.39
N TYR A 69 0.37 4.18 8.68
CA TYR A 69 -1.06 4.47 8.45
C TYR A 69 -1.88 4.10 9.68
N THR A 70 -3.10 4.64 9.73
CA THR A 70 -4.13 4.25 10.70
C THR A 70 -5.48 4.17 9.97
N ILE A 71 -6.05 2.96 9.91
CA ILE A 71 -7.40 2.70 9.37
C ILE A 71 -8.24 2.14 10.53
N ASP A 72 -9.44 2.68 10.73
CA ASP A 72 -10.39 2.12 11.70
C ASP A 72 -11.04 0.87 11.09
N ILE A 73 -11.14 -0.20 11.88
CA ILE A 73 -11.84 -1.43 11.49
C ILE A 73 -13.35 -1.20 11.66
N PRO A 74 -14.15 -1.27 10.54
CA PRO A 74 -15.60 -1.06 10.61
C PRO A 74 -16.29 -2.27 11.26
N SER A 75 -17.26 -2.03 12.15
CA SER A 75 -17.95 -3.11 12.90
C SER A 75 -18.87 -3.96 11.98
N ASN A 76 -19.00 -3.55 10.70
CA ASN A 76 -19.63 -4.36 9.64
C ASN A 76 -18.83 -5.65 9.39
N VAL A 77 -17.50 -5.56 9.51
CA VAL A 77 -16.58 -6.71 9.38
C VAL A 77 -16.00 -7.09 10.76
N ASP A 78 -15.77 -8.39 10.97
CA ASP A 78 -15.13 -8.92 12.18
C ASP A 78 -14.11 -10.00 11.76
N LEU A 79 -13.03 -10.11 12.54
CA LEU A 79 -11.89 -10.99 12.23
C LEU A 79 -12.00 -12.30 13.04
N ASN A 80 -11.93 -13.45 12.36
CA ASN A 80 -12.08 -14.79 13.00
C ASN A 80 -10.88 -15.66 12.64
N GLY A 81 -10.63 -16.70 13.45
CA GLY A 81 -9.45 -17.56 13.29
C GLY A 81 -9.42 -18.32 11.95
N GLY A 82 -8.56 -17.85 11.01
CA GLY A 82 -8.44 -18.42 9.66
C GLY A 82 -8.58 -17.36 8.57
N GLU A 83 -9.12 -16.20 8.97
CA GLU A 83 -9.36 -15.04 8.08
C GLU A 83 -8.09 -14.19 7.94
N GLU A 84 -7.74 -13.83 6.68
CA GLU A 84 -6.48 -13.12 6.35
C GLU A 84 -6.73 -11.61 6.13
N LEU A 85 -5.99 -10.79 6.88
CA LEU A 85 -6.04 -9.33 6.77
C LEU A 85 -5.14 -8.89 5.60
N GLN A 86 -5.75 -8.49 4.47
CA GLN A 86 -5.02 -8.05 3.26
C GLN A 86 -4.79 -6.54 3.32
N VAL A 87 -3.54 -6.13 3.18
CA VAL A 87 -3.12 -4.71 3.15
C VAL A 87 -2.25 -4.46 1.90
N THR A 88 -2.50 -3.33 1.22
CA THR A 88 -1.68 -2.82 0.09
C THR A 88 -1.56 -1.30 0.22
N ALA A 89 -0.35 -0.75 0.01
CA ALA A 89 -0.12 0.70 0.01
C ALA A 89 0.13 1.17 -1.43
N THR A 90 -0.89 1.81 -2.02
CA THR A 90 -0.81 2.36 -3.38
C THR A 90 -0.08 3.70 -3.37
N ASP A 91 1.20 3.68 -3.78
CA ASP A 91 2.01 4.89 -4.01
C ASP A 91 1.38 5.74 -5.15
N LYS A 92 1.71 7.04 -5.17
CA LYS A 92 1.13 8.05 -6.10
C LYS A 92 1.28 7.62 -7.58
N ASP A 93 2.38 6.93 -7.89
CA ASP A 93 2.74 6.52 -9.26
C ASP A 93 2.24 5.11 -9.57
N GLY A 94 1.28 4.62 -8.76
CA GLY A 94 0.67 3.31 -8.93
C GLY A 94 1.55 2.17 -8.44
N ASN A 95 2.66 2.52 -7.74
CA ASN A 95 3.61 1.54 -7.18
C ASN A 95 3.01 0.90 -5.93
N THR A 96 2.07 -0.03 -6.16
CA THR A 96 1.32 -0.68 -5.11
C THR A 96 2.14 -1.83 -4.53
N SER A 97 2.56 -1.67 -3.26
CA SER A 97 3.29 -2.70 -2.53
C SER A 97 2.41 -3.97 -2.41
N GLU A 98 3.06 -5.16 -2.52
CA GLU A 98 2.36 -6.45 -2.68
C GLU A 98 1.39 -6.76 -1.52
N SER A 99 0.31 -7.48 -1.86
CA SER A 99 -0.78 -7.80 -0.94
C SER A 99 -0.30 -8.69 0.23
N THR A 100 0.02 -8.04 1.37
CA THR A 100 0.32 -8.72 2.61
C THR A 100 -1.00 -9.20 3.24
N ASN A 101 -1.41 -10.42 2.85
CA ASN A 101 -2.63 -11.09 3.36
C ASN A 101 -2.22 -12.13 4.41
N THR A 102 -2.26 -11.73 5.69
CA THR A 102 -1.75 -12.54 6.80
C THR A 102 -2.85 -12.79 7.83
N THR A 103 -3.03 -14.07 8.20
CA THR A 103 -3.93 -14.50 9.27
C THR A 103 -3.28 -14.16 10.63
N ILE A 104 -3.62 -12.98 11.17
CA ILE A 104 -3.19 -12.56 12.52
C ILE A 104 -4.04 -13.32 13.56
N ILE A 105 -5.27 -13.61 13.11
CA ILE A 105 -6.29 -14.37 13.82
C ILE A 105 -6.25 -15.82 13.32
N HIS A 1 19.47 21.29 23.67
CA HIS A 1 20.57 22.17 24.12
C HIS A 1 20.27 23.63 23.75
N HIS A 2 20.05 24.47 24.77
CA HIS A 2 19.63 25.87 24.61
C HIS A 2 20.67 26.71 23.85
N HIS A 3 21.95 26.59 24.27
CA HIS A 3 23.06 27.38 23.71
C HIS A 3 23.28 27.08 22.23
N HIS A 4 23.22 25.78 21.86
CA HIS A 4 23.47 25.32 20.48
C HIS A 4 22.45 25.93 19.51
N HIS A 5 21.14 25.81 19.87
CA HIS A 5 19.97 26.34 19.11
C HIS A 5 20.06 26.05 17.58
N ARG A 6 20.76 24.94 17.23
CA ARG A 6 21.14 24.61 15.85
C ARG A 6 19.88 24.35 14.99
N SER A 7 19.72 25.18 13.95
CA SER A 7 18.66 25.00 12.94
C SER A 7 19.01 23.79 12.05
N GLY A 8 18.07 22.85 11.92
CA GLY A 8 18.27 21.64 11.13
C GLY A 8 18.01 21.87 9.65
N GLY A 9 18.94 22.58 8.98
CA GLY A 9 18.88 22.78 7.53
C GLY A 9 19.44 21.57 6.76
N LEU A 10 18.80 20.41 7.01
CA LEU A 10 19.25 19.10 6.51
C LEU A 10 18.63 18.83 5.13
N VAL A 11 17.31 18.94 5.05
CA VAL A 11 16.55 18.74 3.81
C VAL A 11 16.56 20.02 2.96
N PRO A 12 16.48 19.92 1.59
CA PRO A 12 16.34 21.12 0.72
C PRO A 12 14.96 21.80 0.86
N ARG A 13 13.91 20.95 1.07
CA ARG A 13 12.48 21.35 1.14
C ARG A 13 11.93 21.78 -0.24
N GLY A 14 12.54 22.84 -0.82
CA GLY A 14 12.22 23.33 -2.18
C GLY A 14 12.64 22.34 -3.26
N SER A 15 11.82 21.30 -3.42
CA SER A 15 12.00 20.22 -4.40
C SER A 15 10.63 19.88 -4.97
N HIS A 16 10.52 19.69 -6.29
CA HIS A 16 9.23 19.41 -6.94
C HIS A 16 8.71 18.01 -6.49
N MET A 17 7.53 18.01 -5.83
CA MET A 17 6.89 16.78 -5.32
C MET A 17 6.40 15.94 -6.52
N GLU A 18 7.30 15.11 -7.03
CA GLU A 18 7.04 14.24 -8.18
C GLU A 18 6.41 12.91 -7.74
N ASN A 19 6.23 12.02 -8.72
CA ASN A 19 5.69 10.67 -8.53
C ASN A 19 6.57 9.79 -7.61
N LEU A 20 6.32 9.89 -6.30
CA LEU A 20 6.95 9.00 -5.31
C LEU A 20 6.30 7.61 -5.43
N TYR A 21 7.13 6.56 -5.33
CA TYR A 21 6.68 5.17 -5.47
C TYR A 21 7.26 4.31 -4.32
N PHE A 22 6.70 3.09 -4.19
CA PHE A 22 7.03 2.14 -3.11
C PHE A 22 8.52 1.78 -3.06
N GLN A 23 9.02 1.60 -1.81
CA GLN A 23 10.45 1.29 -1.54
C GLN A 23 10.82 -0.10 -2.10
N GLY A 24 9.83 -1.00 -2.14
CA GLY A 24 9.99 -2.31 -2.79
C GLY A 24 9.31 -3.43 -2.01
N ASP A 25 9.24 -3.26 -0.69
CA ASP A 25 8.63 -4.24 0.23
C ASP A 25 7.14 -3.93 0.44
N ALA A 26 6.44 -4.86 1.11
CA ALA A 26 5.01 -4.78 1.39
C ALA A 26 4.73 -4.09 2.75
N PRO A 27 3.55 -3.40 2.91
CA PRO A 27 3.15 -2.71 4.17
C PRO A 27 3.21 -3.64 5.41
N THR A 28 4.16 -3.37 6.31
CA THR A 28 4.36 -4.17 7.53
C THR A 28 3.23 -3.88 8.55
N VAL A 29 2.17 -4.71 8.49
CA VAL A 29 1.02 -4.63 9.41
C VAL A 29 1.41 -5.21 10.79
N ASN A 30 0.88 -4.59 11.86
CA ASN A 30 1.09 -5.03 13.25
C ASN A 30 0.13 -6.21 13.57
N ASP A 31 0.27 -6.76 14.80
CA ASP A 31 -0.59 -7.86 15.29
C ASP A 31 -2.01 -7.34 15.62
N VAL A 32 -2.81 -7.14 14.56
CA VAL A 32 -4.16 -6.57 14.65
C VAL A 32 -5.21 -7.68 14.47
N THR A 33 -5.92 -7.96 15.56
CA THR A 33 -7.00 -8.95 15.61
C THR A 33 -8.37 -8.24 15.54
N SER A 34 -9.46 -8.99 15.76
CA SER A 34 -10.81 -8.42 15.92
C SER A 34 -10.91 -7.58 17.23
N ASP A 35 -10.03 -7.88 18.21
CA ASP A 35 -9.89 -7.09 19.45
C ASP A 35 -9.46 -5.66 19.12
N ALA A 36 -8.65 -5.53 18.05
CA ALA A 36 -8.16 -4.25 17.55
C ALA A 36 -9.04 -3.78 16.37
N THR A 37 -9.94 -2.82 16.65
CA THR A 37 -10.82 -2.23 15.62
C THR A 37 -10.13 -1.03 14.93
N GLN A 38 -8.79 -0.93 15.08
CA GLN A 38 -7.92 -0.02 14.30
C GLN A 38 -6.67 -0.79 13.90
N VAL A 39 -6.46 -0.94 12.59
CA VAL A 39 -5.24 -1.54 12.04
C VAL A 39 -4.14 -0.48 11.94
N THR A 40 -2.95 -0.83 12.42
CA THR A 40 -1.77 0.02 12.39
C THR A 40 -0.59 -0.74 11.77
N GLY A 41 0.44 -0.01 11.39
CA GLY A 41 1.64 -0.57 10.80
C GLY A 41 2.43 0.46 10.04
N GLN A 42 3.49 0.02 9.36
CA GLN A 42 4.33 0.88 8.52
C GLN A 42 4.05 0.59 7.03
N ALA A 43 4.02 1.66 6.22
CA ALA A 43 3.75 1.57 4.78
C ALA A 43 4.28 2.82 4.06
N GLU A 44 4.09 2.86 2.73
CA GLU A 44 4.46 3.97 1.85
C GLU A 44 3.88 5.33 2.36
N PRO A 45 4.78 6.29 2.75
CA PRO A 45 4.39 7.62 3.26
C PRO A 45 3.64 8.45 2.19
N ASN A 46 2.60 9.19 2.63
CA ASN A 46 1.81 10.10 1.77
C ASN A 46 1.04 9.37 0.65
N SER A 47 0.96 8.03 0.76
CA SER A 47 0.31 7.15 -0.23
C SER A 47 -0.96 6.56 0.40
N THR A 48 -1.95 6.20 -0.43
CA THR A 48 -3.22 5.65 0.05
C THR A 48 -3.07 4.14 0.32
N VAL A 49 -3.01 3.78 1.61
CA VAL A 49 -2.97 2.37 2.04
C VAL A 49 -4.36 1.75 1.87
N LYS A 50 -4.52 0.94 0.82
CA LYS A 50 -5.75 0.20 0.57
C LYS A 50 -5.79 -1.05 1.44
N LEU A 51 -6.77 -1.10 2.33
CA LEU A 51 -7.01 -2.27 3.19
C LEU A 51 -8.03 -3.16 2.47
N THR A 52 -7.67 -4.44 2.25
CA THR A 52 -8.57 -5.46 1.71
C THR A 52 -8.83 -6.50 2.80
N PHE A 53 -10.00 -6.40 3.42
CA PHE A 53 -10.48 -7.40 4.38
C PHE A 53 -10.81 -8.73 3.66
N PRO A 54 -10.62 -9.89 4.37
CA PRO A 54 -10.73 -11.26 3.78
C PRO A 54 -12.13 -11.60 3.21
N ASP A 55 -13.17 -10.99 3.82
CA ASP A 55 -14.57 -11.21 3.43
C ASP A 55 -14.91 -10.44 2.13
N GLY A 56 -14.21 -9.31 1.94
CA GLY A 56 -14.37 -8.47 0.75
C GLY A 56 -14.69 -7.02 1.05
N THR A 57 -14.65 -6.63 2.34
CA THR A 57 -14.72 -5.22 2.75
C THR A 57 -13.38 -4.53 2.36
N THR A 58 -13.43 -3.29 1.87
CA THR A 58 -12.22 -2.50 1.57
C THR A 58 -12.34 -1.10 2.19
N ALA A 59 -11.37 -0.75 3.07
CA ALA A 59 -11.32 0.55 3.77
C ALA A 59 -9.99 1.24 3.45
N THR A 60 -10.02 2.18 2.49
CA THR A 60 -8.82 2.91 2.05
C THR A 60 -8.51 4.06 3.01
N GLY A 61 -7.33 4.00 3.64
CA GLY A 61 -6.84 5.04 4.54
C GLY A 61 -5.47 5.51 4.10
N THR A 62 -5.34 6.81 3.81
CA THR A 62 -4.06 7.40 3.38
C THR A 62 -3.08 7.39 4.56
N ALA A 63 -1.89 6.81 4.33
CA ALA A 63 -0.80 6.82 5.30
C ALA A 63 -0.42 8.26 5.67
N ASP A 64 0.07 8.42 6.89
CA ASP A 64 0.55 9.70 7.44
C ASP A 64 1.69 10.27 6.57
N ASP A 65 2.11 11.52 6.86
CA ASP A 65 3.29 12.13 6.22
C ASP A 65 4.55 11.27 6.50
N GLN A 66 4.58 10.65 7.69
CA GLN A 66 5.59 9.64 8.05
C GLN A 66 5.15 8.26 7.48
N GLY A 67 6.03 7.24 7.55
CA GLY A 67 5.76 5.95 6.94
C GLY A 67 4.99 5.00 7.84
N ASN A 68 3.80 5.45 8.24
CA ASN A 68 2.86 4.66 9.06
C ASN A 68 1.43 4.91 8.60
N TYR A 69 0.50 4.02 8.98
CA TYR A 69 -0.92 4.19 8.70
C TYR A 69 -1.75 3.75 9.93
N THR A 70 -2.96 4.32 10.04
CA THR A 70 -3.97 3.92 11.03
C THR A 70 -5.34 3.94 10.35
N ILE A 71 -5.80 2.75 9.90
CA ILE A 71 -7.13 2.59 9.29
C ILE A 71 -8.05 1.92 10.31
N ASP A 72 -9.04 2.66 10.81
CA ASP A 72 -10.03 2.13 11.76
C ASP A 72 -10.93 1.07 11.08
N ILE A 73 -10.78 -0.20 11.53
CA ILE A 73 -11.58 -1.36 11.05
C ILE A 73 -13.09 -1.11 11.30
N PRO A 74 -13.93 -1.09 10.22
CA PRO A 74 -15.36 -0.75 10.32
C PRO A 74 -16.17 -1.83 11.05
N SER A 75 -17.07 -1.37 11.94
CA SER A 75 -17.93 -2.25 12.76
C SER A 75 -19.02 -2.87 11.86
N ASN A 76 -18.62 -3.92 11.14
CA ASN A 76 -19.45 -4.62 10.14
C ASN A 76 -18.67 -5.84 9.64
N VAL A 77 -17.34 -5.64 9.42
CA VAL A 77 -16.40 -6.74 9.14
C VAL A 77 -15.90 -7.33 10.48
N ASP A 78 -16.18 -8.61 10.71
CA ASP A 78 -15.78 -9.33 11.95
C ASP A 78 -14.66 -10.33 11.60
N LEU A 79 -13.47 -10.09 12.19
CA LEU A 79 -12.25 -10.90 11.98
C LEU A 79 -12.32 -12.16 12.89
N ASN A 80 -12.39 -13.35 12.28
CA ASN A 80 -12.49 -14.63 13.04
C ASN A 80 -11.21 -15.46 12.86
N GLY A 81 -11.07 -16.51 13.69
CA GLY A 81 -9.88 -17.36 13.69
C GLY A 81 -9.73 -18.18 12.41
N GLY A 82 -9.03 -17.57 11.44
CA GLY A 82 -8.83 -18.16 10.10
C GLY A 82 -8.72 -17.09 9.02
N GLU A 83 -9.25 -15.90 9.32
CA GLU A 83 -9.20 -14.72 8.44
C GLU A 83 -7.80 -14.08 8.48
N GLU A 84 -7.42 -13.39 7.39
CA GLU A 84 -6.13 -12.67 7.28
C GLU A 84 -6.37 -11.18 7.06
N LEU A 85 -5.53 -10.35 7.67
CA LEU A 85 -5.60 -8.89 7.51
C LEU A 85 -4.68 -8.51 6.34
N GLN A 86 -5.27 -8.39 5.12
CA GLN A 86 -4.53 -8.03 3.90
C GLN A 86 -4.46 -6.50 3.74
N VAL A 87 -3.23 -5.97 3.69
CA VAL A 87 -2.96 -4.52 3.51
C VAL A 87 -2.01 -4.31 2.30
N THR A 88 -2.32 -3.27 1.51
CA THR A 88 -1.51 -2.82 0.35
C THR A 88 -1.39 -1.28 0.44
N ALA A 89 -0.31 -0.71 -0.12
CA ALA A 89 -0.13 0.75 -0.19
C ALA A 89 -0.02 1.21 -1.64
N THR A 90 -1.12 1.78 -2.15
CA THR A 90 -1.20 2.34 -3.49
C THR A 90 -0.55 3.74 -3.52
N ASP A 91 0.52 3.87 -4.31
CA ASP A 91 1.22 5.14 -4.54
C ASP A 91 0.39 6.10 -5.38
N LYS A 92 0.66 7.41 -5.25
CA LYS A 92 0.02 8.46 -6.07
C LYS A 92 0.56 8.43 -7.53
N ASP A 93 1.57 7.58 -7.78
CA ASP A 93 2.13 7.34 -9.12
C ASP A 93 1.22 6.37 -9.90
N GLY A 94 0.60 5.43 -9.17
CA GLY A 94 -0.30 4.43 -9.76
C GLY A 94 0.05 3.01 -9.36
N ASN A 95 1.24 2.83 -8.73
CA ASN A 95 1.70 1.50 -8.27
C ASN A 95 0.95 1.08 -7.01
N THR A 96 1.12 -0.18 -6.63
CA THR A 96 0.59 -0.75 -5.40
C THR A 96 1.60 -1.79 -4.88
N SER A 97 2.07 -1.60 -3.63
CA SER A 97 2.98 -2.56 -2.96
C SER A 97 2.23 -3.87 -2.64
N GLU A 98 3.00 -4.95 -2.40
CA GLU A 98 2.46 -6.32 -2.27
C GLU A 98 1.44 -6.47 -1.12
N SER A 99 0.57 -7.48 -1.27
CA SER A 99 -0.54 -7.75 -0.35
C SER A 99 -0.06 -8.50 0.88
N THR A 100 0.24 -7.76 1.97
CA THR A 100 0.59 -8.36 3.25
C THR A 100 -0.66 -8.94 3.91
N ASN A 101 -0.95 -10.20 3.58
CA ASN A 101 -2.10 -10.95 4.10
C ASN A 101 -1.63 -11.87 5.24
N THR A 102 -1.88 -11.46 6.49
CA THR A 102 -1.40 -12.19 7.68
C THR A 102 -2.57 -12.62 8.57
N THR A 103 -2.72 -13.95 8.77
CA THR A 103 -3.69 -14.51 9.70
C THR A 103 -3.23 -14.24 11.15
N ILE A 104 -3.58 -13.03 11.65
CA ILE A 104 -3.30 -12.63 13.04
C ILE A 104 -4.37 -13.27 13.94
N ILE A 105 -5.57 -13.37 13.35
CA ILE A 105 -6.74 -14.02 13.92
C ILE A 105 -6.73 -15.50 13.47
N HIS A 1 14.37 34.47 -37.98
CA HIS A 1 13.98 33.85 -36.69
C HIS A 1 15.19 33.81 -35.73
N HIS A 2 15.16 34.66 -34.69
CA HIS A 2 16.20 34.74 -33.64
C HIS A 2 15.53 35.11 -32.30
N HIS A 3 15.50 34.16 -31.35
CA HIS A 3 14.90 34.36 -30.01
C HIS A 3 15.77 33.67 -28.95
N HIS A 4 16.46 34.48 -28.12
CA HIS A 4 17.37 33.99 -27.05
C HIS A 4 17.26 34.87 -25.79
N HIS A 5 18.06 34.50 -24.78
CA HIS A 5 18.21 35.23 -23.52
C HIS A 5 19.63 35.01 -22.96
N ARG A 6 20.21 36.05 -22.32
CA ARG A 6 21.56 36.00 -21.71
C ARG A 6 21.54 35.13 -20.43
N SER A 7 20.35 35.03 -19.83
CA SER A 7 20.10 34.11 -18.71
C SER A 7 20.20 32.66 -19.20
N GLY A 8 20.91 31.80 -18.44
CA GLY A 8 21.07 30.39 -18.81
C GLY A 8 19.96 29.51 -18.24
N GLY A 9 20.03 28.21 -18.55
CA GLY A 9 19.07 27.21 -18.05
C GLY A 9 19.78 26.06 -17.34
N LEU A 10 18.99 25.11 -16.81
CA LEU A 10 19.51 23.90 -16.11
C LEU A 10 19.58 22.68 -17.07
N VAL A 11 19.70 22.99 -18.40
CA VAL A 11 19.76 22.03 -19.54
C VAL A 11 18.44 21.19 -19.68
N PRO A 12 18.05 20.81 -20.95
CA PRO A 12 16.88 19.94 -21.18
C PRO A 12 17.13 18.47 -20.76
N ARG A 13 16.04 17.74 -20.47
CA ARG A 13 16.08 16.33 -20.07
C ARG A 13 16.11 15.44 -21.33
N GLY A 14 17.07 14.49 -21.36
CA GLY A 14 17.29 13.63 -22.53
C GLY A 14 16.36 12.42 -22.54
N SER A 15 16.92 11.25 -22.17
CA SER A 15 16.17 9.99 -22.08
C SER A 15 15.66 9.76 -20.65
N HIS A 16 14.47 9.14 -20.54
CA HIS A 16 13.84 8.81 -19.25
C HIS A 16 13.84 7.29 -19.03
N MET A 17 14.33 6.86 -17.85
CA MET A 17 14.36 5.45 -17.43
C MET A 17 12.93 4.95 -17.12
N GLU A 18 12.62 3.71 -17.54
CA GLU A 18 11.28 3.09 -17.38
C GLU A 18 10.98 2.80 -15.90
N ASN A 19 9.92 3.42 -15.37
CA ASN A 19 9.49 3.23 -13.96
C ASN A 19 8.41 2.15 -13.86
N LEU A 20 8.66 1.14 -13.01
CA LEU A 20 7.75 0.00 -12.83
C LEU A 20 6.83 0.28 -11.63
N TYR A 21 5.54 -0.06 -11.78
CA TYR A 21 4.49 0.24 -10.80
C TYR A 21 4.63 -0.66 -9.56
N PHE A 22 4.60 -1.99 -9.78
CA PHE A 22 4.72 -2.98 -8.72
C PHE A 22 6.20 -3.14 -8.32
N GLN A 23 6.67 -2.19 -7.50
CA GLN A 23 8.03 -2.15 -6.96
C GLN A 23 8.00 -1.20 -5.75
N GLY A 24 8.06 -1.78 -4.54
CA GLY A 24 8.04 -1.03 -3.29
C GLY A 24 7.98 -1.95 -2.10
N ASP A 25 8.47 -1.48 -0.94
CA ASP A 25 8.48 -2.27 0.31
C ASP A 25 7.03 -2.51 0.79
N ALA A 26 6.73 -3.78 1.09
CA ALA A 26 5.37 -4.23 1.45
C ALA A 26 4.90 -3.58 2.76
N PRO A 27 3.60 -3.11 2.84
CA PRO A 27 3.06 -2.42 4.02
C PRO A 27 2.99 -3.39 5.21
N THR A 28 3.97 -3.28 6.10
CA THR A 28 4.16 -4.20 7.22
C THR A 28 3.12 -3.92 8.32
N VAL A 29 1.96 -4.58 8.18
CA VAL A 29 0.85 -4.50 9.15
C VAL A 29 1.29 -5.09 10.50
N ASN A 30 0.86 -4.45 11.60
CA ASN A 30 1.09 -4.96 12.96
C ASN A 30 0.20 -6.18 13.24
N ASP A 31 0.33 -6.78 14.43
CA ASP A 31 -0.54 -7.88 14.87
C ASP A 31 -1.93 -7.32 15.24
N VAL A 32 -2.74 -7.07 14.18
CA VAL A 32 -4.09 -6.51 14.28
C VAL A 32 -5.12 -7.64 14.26
N THR A 33 -5.81 -7.81 15.39
CA THR A 33 -6.77 -8.90 15.61
C THR A 33 -8.22 -8.44 15.36
N SER A 34 -9.17 -9.32 15.69
CA SER A 34 -10.59 -9.02 15.74
C SER A 34 -10.90 -8.11 16.94
N ASP A 35 -10.11 -8.29 18.01
CA ASP A 35 -10.17 -7.47 19.23
C ASP A 35 -9.69 -6.02 18.94
N ALA A 36 -8.75 -5.89 17.98
CA ALA A 36 -8.27 -4.58 17.51
C ALA A 36 -9.42 -3.84 16.79
N THR A 37 -9.55 -2.54 17.11
CA THR A 37 -10.56 -1.65 16.54
C THR A 37 -9.96 -0.78 15.40
N GLN A 38 -8.61 -0.78 15.28
CA GLN A 38 -7.88 0.00 14.25
C GLN A 38 -6.72 -0.85 13.71
N VAL A 39 -6.51 -0.81 12.40
CA VAL A 39 -5.38 -1.46 11.73
C VAL A 39 -4.21 -0.48 11.64
N THR A 40 -3.15 -0.72 12.42
CA THR A 40 -1.92 0.10 12.37
C THR A 40 -0.77 -0.75 11.80
N GLY A 41 0.30 -0.07 11.38
CA GLY A 41 1.50 -0.74 10.84
C GLY A 41 2.33 0.21 10.01
N GLN A 42 3.50 -0.27 9.55
CA GLN A 42 4.38 0.50 8.64
C GLN A 42 3.85 0.38 7.20
N ALA A 43 3.98 1.45 6.41
CA ALA A 43 3.65 1.48 4.98
C ALA A 43 4.48 2.52 4.24
N GLU A 44 4.18 2.70 2.95
CA GLU A 44 4.76 3.76 2.12
C GLU A 44 4.08 5.11 2.51
N PRO A 45 4.84 6.15 2.97
CA PRO A 45 4.26 7.42 3.48
C PRO A 45 3.52 8.21 2.38
N ASN A 46 2.39 8.85 2.75
CA ASN A 46 1.56 9.70 1.86
C ASN A 46 0.97 8.92 0.67
N SER A 47 0.99 7.57 0.77
CA SER A 47 0.47 6.66 -0.26
C SER A 47 -0.81 6.00 0.28
N THR A 48 -1.85 5.91 -0.58
CA THR A 48 -3.15 5.38 -0.17
C THR A 48 -3.07 3.88 0.12
N VAL A 49 -3.08 3.54 1.42
CA VAL A 49 -3.09 2.16 1.88
C VAL A 49 -4.52 1.61 1.82
N LYS A 50 -4.79 0.77 0.82
CA LYS A 50 -6.06 0.08 0.68
C LYS A 50 -6.13 -1.10 1.66
N LEU A 51 -7.08 -1.02 2.61
CA LEU A 51 -7.32 -2.07 3.61
C LEU A 51 -8.29 -3.07 2.98
N THR A 52 -7.94 -4.36 3.00
CA THR A 52 -8.77 -5.44 2.46
C THR A 52 -8.95 -6.53 3.53
N PHE A 53 -10.08 -6.42 4.25
CA PHE A 53 -10.53 -7.41 5.22
C PHE A 53 -10.84 -8.75 4.52
N PRO A 54 -10.54 -9.92 5.17
CA PRO A 54 -10.65 -11.29 4.54
C PRO A 54 -12.07 -11.65 4.03
N ASP A 55 -13.11 -10.94 4.49
CA ASP A 55 -14.49 -11.17 4.06
C ASP A 55 -14.78 -10.45 2.73
N GLY A 56 -14.09 -9.31 2.52
CA GLY A 56 -14.23 -8.54 1.28
C GLY A 56 -14.40 -7.04 1.51
N THR A 57 -14.53 -6.62 2.80
CA THR A 57 -14.66 -5.20 3.17
C THR A 57 -13.35 -4.46 2.81
N THR A 58 -13.46 -3.44 1.95
CA THR A 58 -12.31 -2.67 1.48
C THR A 58 -12.48 -1.18 1.82
N ALA A 59 -11.60 -0.70 2.71
CA ALA A 59 -11.64 0.66 3.27
C ALA A 59 -10.30 1.35 3.00
N THR A 60 -10.29 2.37 2.14
CA THR A 60 -9.08 3.08 1.73
C THR A 60 -8.67 4.13 2.79
N GLY A 61 -7.44 4.01 3.29
CA GLY A 61 -6.87 4.92 4.28
C GLY A 61 -5.42 5.25 3.95
N THR A 62 -5.16 6.51 3.59
CA THR A 62 -3.82 6.95 3.18
C THR A 62 -2.85 6.97 4.38
N ALA A 63 -1.63 6.42 4.18
CA ALA A 63 -0.56 6.43 5.19
C ALA A 63 -0.19 7.87 5.56
N ASP A 64 0.06 8.06 6.86
CA ASP A 64 0.20 9.38 7.50
C ASP A 64 1.51 10.11 7.11
N ASP A 65 1.85 11.14 7.91
CA ASP A 65 3.07 11.97 7.74
C ASP A 65 4.34 11.12 7.71
N GLN A 66 4.40 10.14 8.61
CA GLN A 66 5.50 9.14 8.68
C GLN A 66 5.15 7.95 7.76
N GLY A 67 6.10 7.00 7.60
CA GLY A 67 5.87 5.79 6.83
C GLY A 67 5.11 4.74 7.63
N ASN A 68 3.89 5.11 8.02
CA ASN A 68 2.98 4.25 8.78
C ASN A 68 1.55 4.67 8.50
N TYR A 69 0.58 3.81 8.83
CA TYR A 69 -0.84 4.06 8.58
C TYR A 69 -1.68 3.68 9.81
N THR A 70 -2.86 4.32 9.94
CA THR A 70 -3.87 3.98 10.95
C THR A 70 -5.27 4.05 10.31
N ILE A 71 -5.80 2.88 9.91
CA ILE A 71 -7.12 2.74 9.26
C ILE A 71 -8.08 2.05 10.23
N ASP A 72 -9.07 2.80 10.76
CA ASP A 72 -10.02 2.28 11.74
C ASP A 72 -10.94 1.21 11.11
N ILE A 73 -11.12 0.10 11.82
CA ILE A 73 -11.99 -0.99 11.41
C ILE A 73 -13.47 -0.55 11.52
N PRO A 74 -14.24 -0.56 10.40
CA PRO A 74 -15.64 -0.12 10.39
C PRO A 74 -16.55 -1.15 11.10
N SER A 75 -17.39 -0.68 12.04
CA SER A 75 -18.24 -1.54 12.88
C SER A 75 -19.41 -2.13 12.05
N ASN A 76 -19.08 -3.18 11.28
CA ASN A 76 -20.00 -3.91 10.39
C ASN A 76 -19.28 -5.14 9.85
N VAL A 77 -17.94 -5.03 9.69
CA VAL A 77 -17.07 -6.20 9.43
C VAL A 77 -16.69 -6.85 10.78
N ASP A 78 -16.99 -8.15 10.91
CA ASP A 78 -16.67 -8.94 12.13
C ASP A 78 -15.63 -10.00 11.78
N LEU A 79 -14.39 -9.81 12.26
CA LEU A 79 -13.26 -10.71 11.98
C LEU A 79 -13.30 -11.96 12.89
N ASN A 80 -12.87 -13.10 12.34
CA ASN A 80 -12.87 -14.41 13.02
C ASN A 80 -11.53 -15.13 12.77
N GLY A 81 -11.14 -15.99 13.72
CA GLY A 81 -9.89 -16.73 13.66
C GLY A 81 -9.80 -17.70 12.48
N GLY A 82 -8.61 -17.78 11.86
CA GLY A 82 -8.36 -18.65 10.70
C GLY A 82 -8.44 -17.90 9.37
N GLU A 83 -8.36 -16.56 9.42
CA GLU A 83 -8.46 -15.68 8.23
C GLU A 83 -7.22 -14.78 8.15
N GLU A 84 -6.98 -14.17 6.98
CA GLU A 84 -5.79 -13.30 6.74
C GLU A 84 -6.21 -11.86 6.41
N LEU A 85 -5.65 -10.90 7.16
CA LEU A 85 -5.86 -9.47 6.95
C LEU A 85 -4.90 -9.00 5.83
N GLN A 86 -5.48 -8.67 4.66
CA GLN A 86 -4.74 -8.26 3.46
C GLN A 86 -4.64 -6.71 3.46
N VAL A 87 -3.42 -6.16 3.35
CA VAL A 87 -3.17 -4.70 3.28
C VAL A 87 -2.22 -4.39 2.09
N THR A 88 -2.50 -3.29 1.39
CA THR A 88 -1.71 -2.83 0.22
C THR A 88 -1.49 -1.31 0.29
N ALA A 89 -0.25 -0.85 0.07
CA ALA A 89 0.07 0.59 -0.03
C ALA A 89 0.26 0.95 -1.52
N THR A 90 -0.33 2.08 -1.96
CA THR A 90 -0.33 2.47 -3.38
C THR A 90 -0.12 4.00 -3.54
N ASP A 91 1.00 4.37 -4.20
CA ASP A 91 1.27 5.76 -4.63
C ASP A 91 0.27 6.19 -5.73
N LYS A 92 0.11 7.51 -5.89
CA LYS A 92 -0.89 8.13 -6.79
C LYS A 92 -0.67 7.83 -8.30
N ASP A 93 0.54 7.36 -8.69
CA ASP A 93 0.84 6.93 -10.09
C ASP A 93 0.24 5.55 -10.37
N GLY A 94 -0.12 4.82 -9.30
CA GLY A 94 -0.50 3.41 -9.37
C GLY A 94 0.64 2.50 -8.96
N ASN A 95 1.71 3.11 -8.41
CA ASN A 95 2.90 2.38 -7.92
C ASN A 95 2.53 1.63 -6.63
N THR A 96 2.41 0.30 -6.75
CA THR A 96 1.88 -0.56 -5.68
C THR A 96 3.00 -1.42 -5.05
N SER A 97 2.93 -1.61 -3.73
CA SER A 97 3.80 -2.53 -2.98
C SER A 97 3.15 -3.92 -2.87
N GLU A 98 3.91 -4.92 -2.34
CA GLU A 98 3.44 -6.31 -2.23
C GLU A 98 2.22 -6.43 -1.28
N SER A 99 1.25 -7.26 -1.69
CA SER A 99 0.01 -7.50 -0.96
C SER A 99 0.28 -8.31 0.33
N THR A 100 0.48 -7.58 1.44
CA THR A 100 0.78 -8.18 2.75
C THR A 100 -0.48 -8.82 3.36
N ASN A 101 -0.57 -10.16 3.25
CA ASN A 101 -1.69 -10.95 3.81
C ASN A 101 -1.17 -11.71 5.05
N THR A 102 -1.76 -11.45 6.22
CA THR A 102 -1.27 -12.00 7.51
C THR A 102 -2.41 -12.62 8.32
N THR A 103 -2.28 -13.91 8.67
CA THR A 103 -3.21 -14.62 9.56
C THR A 103 -2.87 -14.30 11.03
N ILE A 104 -3.26 -13.10 11.46
CA ILE A 104 -3.11 -12.66 12.85
C ILE A 104 -4.23 -13.27 13.70
N ILE A 105 -5.46 -13.11 13.18
CA ILE A 105 -6.66 -13.76 13.73
C ILE A 105 -6.58 -15.30 13.51
N HIS A 1 -11.11 12.52 -56.79
CA HIS A 1 -11.11 13.55 -55.72
C HIS A 1 -12.44 13.50 -54.95
N HIS A 2 -12.39 13.79 -53.65
CA HIS A 2 -13.59 13.85 -52.79
C HIS A 2 -13.72 15.26 -52.17
N HIS A 3 -14.95 15.62 -51.75
CA HIS A 3 -15.21 16.89 -51.06
C HIS A 3 -14.53 16.87 -49.68
N HIS A 4 -13.71 17.90 -49.40
CA HIS A 4 -12.89 17.97 -48.19
C HIS A 4 -13.07 19.33 -47.50
N HIS A 5 -13.58 19.30 -46.25
CA HIS A 5 -13.71 20.50 -45.42
C HIS A 5 -12.31 20.97 -44.98
N ARG A 6 -12.13 22.30 -44.89
CA ARG A 6 -10.84 22.94 -44.58
C ARG A 6 -10.32 22.51 -43.19
N SER A 7 -9.39 21.56 -43.16
CA SER A 7 -8.83 20.99 -41.91
C SER A 7 -7.47 21.68 -41.59
N GLY A 8 -7.34 22.15 -40.33
CA GLY A 8 -6.11 22.82 -39.88
C GLY A 8 -4.99 21.84 -39.54
N GLY A 9 -4.08 21.61 -40.51
CA GLY A 9 -2.95 20.70 -40.33
C GLY A 9 -1.82 21.32 -39.51
N LEU A 10 -1.81 21.04 -38.20
CA LEU A 10 -0.78 21.54 -37.26
C LEU A 10 0.43 20.58 -37.20
N VAL A 11 1.50 21.01 -36.50
CA VAL A 11 2.74 20.21 -36.36
C VAL A 11 2.57 19.18 -35.19
N PRO A 12 3.00 17.88 -35.39
CA PRO A 12 2.86 16.82 -34.35
C PRO A 12 3.76 17.06 -33.11
N ARG A 13 3.25 16.65 -31.95
CA ARG A 13 3.96 16.74 -30.66
C ARG A 13 4.29 15.32 -30.16
N GLY A 14 5.55 15.10 -29.73
CA GLY A 14 5.99 13.80 -29.23
C GLY A 14 5.46 13.50 -27.83
N SER A 15 4.97 12.27 -27.61
CA SER A 15 4.47 11.80 -26.31
C SER A 15 5.62 11.17 -25.49
N HIS A 16 5.63 11.40 -24.16
CA HIS A 16 6.66 10.84 -23.25
C HIS A 16 6.26 9.42 -22.81
N MET A 17 7.22 8.68 -22.25
CA MET A 17 7.00 7.33 -21.66
C MET A 17 7.87 7.17 -20.40
N GLU A 18 7.23 6.75 -19.30
CA GLU A 18 7.91 6.32 -18.08
C GLU A 18 7.77 4.79 -17.95
N ASN A 19 8.88 4.12 -17.63
CA ASN A 19 8.96 2.65 -17.55
C ASN A 19 8.12 2.14 -16.36
N LEU A 20 7.20 1.20 -16.65
CA LEU A 20 6.28 0.64 -15.64
C LEU A 20 7.04 -0.37 -14.77
N TYR A 21 7.64 0.16 -13.69
CA TYR A 21 8.27 -0.62 -12.62
C TYR A 21 7.80 -0.04 -11.29
N PHE A 22 7.26 -0.90 -10.41
CA PHE A 22 6.71 -0.50 -9.09
C PHE A 22 7.11 -1.49 -8.00
N GLN A 23 8.08 -2.37 -8.32
CA GLN A 23 8.53 -3.44 -7.44
C GLN A 23 9.27 -2.86 -6.22
N GLY A 24 8.48 -2.53 -5.18
CA GLY A 24 8.99 -2.03 -3.90
C GLY A 24 8.53 -2.92 -2.75
N ASP A 25 9.00 -2.60 -1.54
CA ASP A 25 8.76 -3.45 -0.35
C ASP A 25 7.28 -3.33 0.09
N ALA A 26 6.73 -4.45 0.55
CA ALA A 26 5.35 -4.57 1.00
C ALA A 26 5.18 -4.01 2.42
N PRO A 27 4.04 -3.32 2.73
CA PRO A 27 3.73 -2.80 4.10
C PRO A 27 3.76 -3.88 5.19
N THR A 28 4.20 -3.50 6.40
CA THR A 28 4.09 -4.35 7.58
C THR A 28 2.88 -3.89 8.43
N VAL A 29 2.38 -4.79 9.26
CA VAL A 29 1.17 -4.57 10.08
C VAL A 29 1.40 -5.13 11.49
N ASN A 30 0.75 -4.51 12.48
CA ASN A 30 0.81 -4.93 13.88
C ASN A 30 -0.27 -5.97 14.18
N ASP A 31 -0.21 -6.55 15.39
CA ASP A 31 -1.11 -7.60 15.85
C ASP A 31 -2.54 -7.06 16.09
N VAL A 32 -3.37 -7.11 15.03
CA VAL A 32 -4.79 -6.70 15.07
C VAL A 32 -5.68 -7.94 15.36
N THR A 33 -5.69 -8.34 16.63
CA THR A 33 -6.38 -9.56 17.07
C THR A 33 -7.88 -9.27 17.36
N SER A 34 -8.70 -9.30 16.27
CA SER A 34 -10.20 -9.28 16.27
C SER A 34 -10.81 -8.09 17.07
N ASP A 35 -10.69 -8.14 18.40
CA ASP A 35 -11.18 -7.11 19.35
C ASP A 35 -10.67 -5.69 18.98
N ALA A 36 -9.45 -5.62 18.39
CA ALA A 36 -8.87 -4.35 17.90
C ALA A 36 -9.78 -3.68 16.85
N THR A 37 -10.05 -2.38 17.04
CA THR A 37 -10.97 -1.60 16.17
C THR A 37 -10.20 -0.73 15.15
N GLN A 38 -8.86 -0.88 15.12
CA GLN A 38 -7.96 -0.21 14.15
C GLN A 38 -6.87 -1.18 13.69
N VAL A 39 -6.28 -0.88 12.53
CA VAL A 39 -5.15 -1.61 11.95
C VAL A 39 -3.99 -0.63 11.75
N THR A 40 -2.96 -0.78 12.58
CA THR A 40 -1.75 0.05 12.55
C THR A 40 -0.59 -0.72 11.92
N GLY A 41 0.39 0.02 11.40
CA GLY A 41 1.58 -0.58 10.78
C GLY A 41 2.44 0.44 10.08
N GLN A 42 3.35 -0.02 9.19
CA GLN A 42 4.24 0.87 8.40
C GLN A 42 4.04 0.62 6.89
N ALA A 43 4.18 1.70 6.10
CA ALA A 43 4.02 1.68 4.63
C ALA A 43 4.67 2.93 4.00
N GLU A 44 4.41 3.17 2.71
CA GLU A 44 4.86 4.38 1.99
C GLU A 44 4.11 5.63 2.54
N PRO A 45 4.87 6.70 2.95
CA PRO A 45 4.29 7.98 3.45
C PRO A 45 3.32 8.63 2.44
N ASN A 46 2.16 9.11 2.95
CA ASN A 46 1.16 9.89 2.19
C ASN A 46 0.58 9.10 1.00
N SER A 47 0.69 7.77 1.07
CA SER A 47 0.19 6.85 0.04
C SER A 47 -1.03 6.09 0.57
N THR A 48 -1.98 5.78 -0.32
CA THR A 48 -3.25 5.16 0.06
C THR A 48 -3.04 3.67 0.38
N VAL A 49 -2.95 3.35 1.68
CA VAL A 49 -2.85 1.96 2.14
C VAL A 49 -4.26 1.31 2.07
N LYS A 50 -4.54 0.66 0.93
CA LYS A 50 -5.77 -0.10 0.72
C LYS A 50 -5.74 -1.37 1.59
N LEU A 51 -6.68 -1.44 2.52
CA LEU A 51 -6.82 -2.59 3.43
C LEU A 51 -7.98 -3.46 2.92
N THR A 52 -7.65 -4.58 2.27
CA THR A 52 -8.65 -5.52 1.77
C THR A 52 -8.99 -6.54 2.88
N PHE A 53 -10.21 -6.40 3.40
CA PHE A 53 -10.80 -7.29 4.39
C PHE A 53 -11.42 -8.55 3.71
N PRO A 54 -11.64 -9.70 4.47
CA PRO A 54 -12.17 -10.98 3.91
C PRO A 54 -13.61 -10.85 3.39
N ASP A 55 -14.33 -9.86 3.93
CA ASP A 55 -15.73 -9.59 3.62
C ASP A 55 -15.86 -8.99 2.21
N GLY A 56 -14.74 -8.44 1.70
CA GLY A 56 -14.71 -7.69 0.46
C GLY A 56 -14.69 -6.18 0.70
N THR A 57 -14.82 -5.79 1.99
CA THR A 57 -14.73 -4.40 2.42
C THR A 57 -13.28 -3.90 2.29
N THR A 58 -13.03 -2.96 1.39
CA THR A 58 -11.70 -2.38 1.21
C THR A 58 -11.66 -0.95 1.80
N ALA A 59 -10.98 -0.83 2.95
CA ALA A 59 -10.86 0.42 3.71
C ALA A 59 -9.54 1.13 3.32
N THR A 60 -9.67 2.13 2.46
CA THR A 60 -8.53 2.93 2.00
C THR A 60 -8.13 3.94 3.09
N GLY A 61 -6.92 3.75 3.64
CA GLY A 61 -6.37 4.61 4.68
C GLY A 61 -5.03 5.20 4.26
N THR A 62 -5.02 6.52 4.04
CA THR A 62 -3.81 7.25 3.64
C THR A 62 -2.81 7.29 4.81
N ALA A 63 -1.59 6.78 4.57
CA ALA A 63 -0.49 6.85 5.54
C ALA A 63 -0.07 8.31 5.79
N ASP A 64 0.52 8.56 6.96
CA ASP A 64 0.91 9.92 7.40
C ASP A 64 2.14 10.44 6.63
N ASP A 65 2.66 11.61 7.04
CA ASP A 65 3.96 12.13 6.55
C ASP A 65 5.10 11.17 6.93
N GLN A 66 4.93 10.54 8.12
CA GLN A 66 5.74 9.40 8.55
C GLN A 66 5.29 8.14 7.78
N GLY A 67 6.20 7.17 7.63
CA GLY A 67 5.91 5.93 6.91
C GLY A 67 5.15 4.93 7.76
N ASN A 68 3.98 5.35 8.26
CA ASN A 68 3.11 4.54 9.12
C ASN A 68 1.65 4.87 8.80
N TYR A 69 0.74 3.95 9.14
CA TYR A 69 -0.70 4.12 8.87
C TYR A 69 -1.53 3.63 10.06
N THR A 70 -2.73 4.22 10.19
CA THR A 70 -3.76 3.79 11.17
C THR A 70 -5.13 3.83 10.47
N ILE A 71 -5.66 2.64 10.15
CA ILE A 71 -6.93 2.48 9.42
C ILE A 71 -7.99 1.91 10.37
N ASP A 72 -9.03 2.71 10.65
CA ASP A 72 -10.15 2.31 11.52
C ASP A 72 -10.98 1.21 10.82
N ILE A 73 -11.11 0.06 11.48
CA ILE A 73 -11.89 -1.09 10.99
C ILE A 73 -13.40 -0.72 10.94
N PRO A 74 -14.06 -0.93 9.76
CA PRO A 74 -15.49 -0.62 9.59
C PRO A 74 -16.39 -1.71 10.24
N SER A 75 -17.41 -1.26 10.99
CA SER A 75 -18.44 -2.13 11.58
C SER A 75 -19.29 -2.76 10.45
N ASN A 76 -18.78 -3.88 9.91
CA ASN A 76 -19.30 -4.53 8.71
C ASN A 76 -18.55 -5.86 8.51
N VAL A 77 -17.21 -5.79 8.70
CA VAL A 77 -16.33 -6.96 8.60
C VAL A 77 -16.09 -7.57 10.00
N ASP A 78 -16.02 -8.91 10.06
CA ASP A 78 -15.67 -9.66 11.28
C ASP A 78 -14.33 -10.39 11.07
N LEU A 79 -13.32 -10.05 11.89
CA LEU A 79 -12.01 -10.74 11.87
C LEU A 79 -12.11 -12.03 12.72
N ASN A 80 -12.72 -13.07 12.12
CA ASN A 80 -12.93 -14.37 12.75
C ASN A 80 -11.62 -15.19 12.70
N GLY A 81 -11.43 -16.12 13.65
CA GLY A 81 -10.21 -16.93 13.74
C GLY A 81 -9.90 -17.71 12.44
N GLY A 82 -8.62 -17.70 12.04
CA GLY A 82 -8.17 -18.35 10.80
C GLY A 82 -8.14 -17.41 9.61
N GLU A 83 -7.97 -16.09 9.86
CA GLU A 83 -8.13 -15.02 8.85
C GLU A 83 -6.81 -14.20 8.76
N GLU A 84 -6.57 -13.59 7.58
CA GLU A 84 -5.33 -12.85 7.27
C GLU A 84 -5.63 -11.41 6.76
N LEU A 85 -5.17 -10.40 7.52
CA LEU A 85 -5.30 -8.97 7.17
C LEU A 85 -4.44 -8.67 5.92
N GLN A 86 -5.11 -8.44 4.76
CA GLN A 86 -4.42 -8.04 3.52
C GLN A 86 -4.25 -6.50 3.50
N VAL A 87 -3.09 -6.04 3.98
CA VAL A 87 -2.71 -4.62 3.97
C VAL A 87 -1.76 -4.36 2.78
N THR A 88 -2.03 -3.29 2.01
CA THR A 88 -1.27 -2.97 0.79
C THR A 88 -1.25 -1.45 0.55
N ALA A 89 -0.05 -0.87 0.34
CA ALA A 89 0.09 0.56 0.02
C ALA A 89 -0.05 0.76 -1.49
N THR A 90 -0.67 1.88 -1.88
CA THR A 90 -0.90 2.23 -3.29
C THR A 90 -0.39 3.65 -3.53
N ASP A 91 0.54 3.77 -4.48
CA ASP A 91 1.16 5.05 -4.88
C ASP A 91 0.11 6.02 -5.48
N LYS A 92 0.49 7.32 -5.54
CA LYS A 92 -0.33 8.43 -6.05
C LYS A 92 -0.83 8.20 -7.51
N ASP A 93 -0.05 7.45 -8.30
CA ASP A 93 -0.35 7.15 -9.71
C ASP A 93 -1.20 5.87 -9.82
N GLY A 94 -1.13 5.03 -8.76
CA GLY A 94 -1.89 3.77 -8.69
C GLY A 94 -0.99 2.55 -8.60
N ASN A 95 0.34 2.78 -8.56
CA ASN A 95 1.35 1.72 -8.45
C ASN A 95 1.24 1.00 -7.08
N THR A 96 0.55 -0.14 -7.09
CA THR A 96 0.25 -0.94 -5.89
C THR A 96 1.44 -1.83 -5.51
N SER A 97 1.74 -1.94 -4.20
CA SER A 97 2.82 -2.81 -3.68
C SER A 97 2.33 -4.27 -3.58
N GLU A 98 3.18 -5.15 -3.03
CA GLU A 98 2.81 -6.55 -2.77
C GLU A 98 1.79 -6.60 -1.61
N SER A 99 0.73 -7.40 -1.76
CA SER A 99 -0.33 -7.50 -0.76
C SER A 99 0.10 -8.42 0.39
N THR A 100 0.42 -7.80 1.54
CA THR A 100 0.81 -8.50 2.76
C THR A 100 -0.42 -9.05 3.49
N ASN A 101 -0.70 -10.35 3.31
CA ASN A 101 -1.81 -11.05 3.98
C ASN A 101 -1.26 -11.79 5.22
N THR A 102 -1.40 -11.18 6.40
CA THR A 102 -0.88 -11.75 7.67
C THR A 102 -2.00 -12.34 8.54
N THR A 103 -1.92 -13.66 8.80
CA THR A 103 -2.85 -14.34 9.71
C THR A 103 -2.56 -13.91 11.16
N ILE A 104 -3.39 -12.99 11.68
CA ILE A 104 -3.23 -12.47 13.06
C ILE A 104 -4.13 -13.29 13.99
N ILE A 105 -5.35 -13.51 13.50
CA ILE A 105 -6.42 -14.24 14.20
C ILE A 105 -6.46 -15.70 13.71
N HIS A 1 -8.75 43.20 -20.04
CA HIS A 1 -8.75 41.94 -20.81
C HIS A 1 -9.29 42.18 -22.23
N HIS A 2 -8.40 42.63 -23.12
CA HIS A 2 -8.66 42.82 -24.56
C HIS A 2 -7.32 42.77 -25.29
N HIS A 3 -7.27 42.00 -26.39
CA HIS A 3 -6.04 41.68 -27.13
C HIS A 3 -5.08 40.85 -26.23
N HIS A 4 -5.06 39.53 -26.43
CA HIS A 4 -4.12 38.65 -25.73
C HIS A 4 -2.82 38.51 -26.56
N HIS A 5 -1.67 38.73 -25.91
CA HIS A 5 -0.35 38.45 -26.48
C HIS A 5 0.41 37.56 -25.47
N ARG A 6 0.35 36.23 -25.68
CA ARG A 6 0.97 35.23 -24.78
C ARG A 6 1.78 34.23 -25.61
N SER A 7 2.77 33.60 -24.95
CA SER A 7 3.64 32.58 -25.55
C SER A 7 2.96 31.19 -25.52
N GLY A 8 3.57 30.21 -26.21
CA GLY A 8 3.06 28.85 -26.27
C GLY A 8 4.04 27.92 -26.95
N GLY A 9 4.29 26.76 -26.34
CA GLY A 9 5.22 25.77 -26.89
C GLY A 9 5.06 24.41 -26.24
N LEU A 10 5.34 23.35 -27.01
CA LEU A 10 5.33 21.96 -26.51
C LEU A 10 6.66 21.68 -25.78
N VAL A 11 6.56 20.99 -24.64
CA VAL A 11 7.71 20.67 -23.77
C VAL A 11 8.62 19.59 -24.42
N PRO A 12 9.95 19.58 -24.12
CA PRO A 12 10.87 18.51 -24.58
C PRO A 12 10.50 17.14 -23.97
N ARG A 13 10.75 16.07 -24.75
CA ARG A 13 10.49 14.68 -24.34
C ARG A 13 11.49 14.24 -23.25
N GLY A 14 11.05 13.32 -22.37
CA GLY A 14 11.90 12.75 -21.33
C GLY A 14 13.13 12.03 -21.87
N SER A 15 14.11 11.77 -20.98
CA SER A 15 15.40 11.16 -21.35
C SER A 15 15.27 9.65 -21.67
N HIS A 16 14.04 9.10 -21.51
CA HIS A 16 13.72 7.66 -21.74
C HIS A 16 14.39 6.79 -20.67
N MET A 17 14.74 7.44 -19.55
CA MET A 17 15.41 6.83 -18.40
C MET A 17 15.21 7.77 -17.20
N GLU A 18 14.01 7.67 -16.61
CA GLU A 18 13.59 8.50 -15.47
C GLU A 18 13.86 7.77 -14.15
N ASN A 19 13.54 8.43 -13.02
CA ASN A 19 13.73 7.89 -11.66
C ASN A 19 12.81 6.68 -11.39
N LEU A 20 12.94 6.11 -10.17
CA LEU A 20 12.18 4.93 -9.69
C LEU A 20 10.65 5.07 -9.90
N TYR A 21 9.99 3.92 -10.11
CA TYR A 21 8.56 3.83 -10.42
C TYR A 21 7.86 3.14 -9.24
N PHE A 22 8.39 1.97 -8.87
CA PHE A 22 7.91 1.18 -7.72
C PHE A 22 8.52 1.76 -6.42
N GLN A 23 7.68 2.07 -5.43
CA GLN A 23 8.12 2.75 -4.18
C GLN A 23 9.06 1.89 -3.33
N GLY A 24 8.73 0.60 -3.16
CA GLY A 24 9.51 -0.29 -2.29
C GLY A 24 9.00 -1.72 -2.28
N ASP A 25 8.58 -2.19 -1.09
CA ASP A 25 8.14 -3.58 -0.87
C ASP A 25 6.63 -3.66 -0.59
N ALA A 26 6.21 -3.37 0.66
CA ALA A 26 4.85 -3.63 1.16
C ALA A 26 4.63 -2.98 2.54
N PRO A 27 3.36 -2.63 2.90
CA PRO A 27 3.00 -2.23 4.28
C PRO A 27 3.28 -3.34 5.32
N THR A 28 4.15 -3.02 6.30
CA THR A 28 4.48 -3.93 7.40
C THR A 28 3.45 -3.76 8.55
N VAL A 29 2.30 -4.44 8.40
CA VAL A 29 1.16 -4.38 9.34
C VAL A 29 1.54 -4.94 10.74
N ASN A 30 0.92 -4.38 11.80
CA ASN A 30 1.10 -4.83 13.19
C ASN A 30 0.03 -5.86 13.57
N ASP A 31 0.00 -6.24 14.86
CA ASP A 31 -1.02 -7.15 15.40
C ASP A 31 -2.40 -6.44 15.43
N VAL A 32 -3.36 -7.03 14.73
CA VAL A 32 -4.73 -6.53 14.61
C VAL A 32 -5.73 -7.71 14.64
N THR A 33 -6.39 -7.87 15.80
CA THR A 33 -7.42 -8.88 16.00
C THR A 33 -8.82 -8.24 15.88
N SER A 34 -9.87 -9.04 16.18
CA SER A 34 -11.26 -8.54 16.24
C SER A 34 -11.45 -7.62 17.48
N ASP A 35 -10.58 -7.82 18.51
CA ASP A 35 -10.49 -6.95 19.70
C ASP A 35 -10.06 -5.54 19.29
N ALA A 36 -9.08 -5.48 18.36
CA ALA A 36 -8.60 -4.23 17.76
C ALA A 36 -9.68 -3.62 16.87
N THR A 37 -10.10 -2.39 17.18
CA THR A 37 -11.09 -1.63 16.39
C THR A 37 -10.39 -0.77 15.31
N GLN A 38 -9.04 -0.85 15.26
CA GLN A 38 -8.20 -0.20 14.23
C GLN A 38 -7.04 -1.15 13.86
N VAL A 39 -6.55 -1.01 12.63
CA VAL A 39 -5.35 -1.70 12.12
C VAL A 39 -4.24 -0.66 11.87
N THR A 40 -3.08 -0.88 12.49
CA THR A 40 -1.89 -0.04 12.32
C THR A 40 -0.75 -0.83 11.69
N GLY A 41 0.38 -0.15 11.49
CA GLY A 41 1.60 -0.74 10.95
C GLY A 41 2.43 0.26 10.19
N GLN A 42 3.60 -0.18 9.68
CA GLN A 42 4.40 0.61 8.72
C GLN A 42 3.78 0.48 7.32
N ALA A 43 4.02 1.48 6.46
CA ALA A 43 3.52 1.53 5.08
C ALA A 43 4.34 2.51 4.26
N GLU A 44 3.98 2.64 2.98
CA GLU A 44 4.60 3.61 2.06
C GLU A 44 4.02 5.01 2.38
N PRO A 45 4.88 6.01 2.76
CA PRO A 45 4.42 7.33 3.27
C PRO A 45 3.70 8.15 2.19
N ASN A 46 2.64 8.87 2.61
CA ASN A 46 1.83 9.76 1.74
C ASN A 46 1.10 8.96 0.62
N SER A 47 0.91 7.65 0.84
CA SER A 47 0.29 6.72 -0.13
C SER A 47 -0.98 6.09 0.49
N THR A 48 -2.08 6.02 -0.28
CA THR A 48 -3.37 5.48 0.19
C THR A 48 -3.30 3.96 0.37
N VAL A 49 -3.20 3.54 1.64
CA VAL A 49 -3.15 2.12 2.02
C VAL A 49 -4.56 1.50 1.89
N LYS A 50 -4.72 0.61 0.91
CA LYS A 50 -5.95 -0.16 0.73
C LYS A 50 -5.91 -1.41 1.63
N LEU A 51 -6.76 -1.39 2.65
CA LEU A 51 -6.93 -2.51 3.56
C LEU A 51 -8.05 -3.42 3.00
N THR A 52 -7.65 -4.59 2.51
CA THR A 52 -8.56 -5.62 2.00
C THR A 52 -8.79 -6.66 3.12
N PHE A 53 -9.92 -6.49 3.84
CA PHE A 53 -10.32 -7.35 4.97
C PHE A 53 -10.73 -8.77 4.49
N PRO A 54 -10.67 -9.83 5.39
CA PRO A 54 -11.04 -11.23 5.04
C PRO A 54 -12.53 -11.40 4.65
N ASP A 55 -13.36 -10.42 5.04
CA ASP A 55 -14.80 -10.37 4.73
C ASP A 55 -15.03 -9.97 3.27
N GLY A 56 -14.06 -9.23 2.71
CA GLY A 56 -14.16 -8.64 1.39
C GLY A 56 -14.32 -7.13 1.46
N THR A 57 -14.73 -6.62 2.65
CA THR A 57 -14.81 -5.18 2.93
C THR A 57 -13.43 -4.52 2.73
N THR A 58 -13.35 -3.54 1.83
CA THR A 58 -12.10 -2.83 1.54
C THR A 58 -12.18 -1.37 2.03
N ALA A 59 -11.39 -1.06 3.07
CA ALA A 59 -11.26 0.28 3.66
C ALA A 59 -9.99 0.95 3.08
N THR A 60 -9.97 2.29 3.04
CA THR A 60 -8.81 3.07 2.57
C THR A 60 -8.37 4.04 3.67
N GLY A 61 -7.04 4.22 3.79
CA GLY A 61 -6.44 5.16 4.71
C GLY A 61 -5.07 5.55 4.24
N THR A 62 -4.90 6.84 3.86
CA THR A 62 -3.62 7.36 3.37
C THR A 62 -2.60 7.40 4.51
N ALA A 63 -1.51 6.62 4.34
CA ALA A 63 -0.39 6.59 5.26
C ALA A 63 0.15 8.00 5.52
N ASP A 64 0.57 8.24 6.76
CA ASP A 64 1.11 9.53 7.22
C ASP A 64 2.37 9.95 6.41
N ASP A 65 2.88 11.17 6.63
CA ASP A 65 4.14 11.63 6.02
C ASP A 65 5.32 10.71 6.44
N GLN A 66 5.22 10.13 7.66
CA GLN A 66 6.09 9.03 8.11
C GLN A 66 5.60 7.72 7.46
N GLY A 67 6.47 6.72 7.36
CA GLY A 67 6.13 5.45 6.74
C GLY A 67 5.37 4.54 7.69
N ASN A 68 4.16 5.00 8.06
CA ASN A 68 3.24 4.28 8.95
C ASN A 68 1.80 4.68 8.60
N TYR A 69 0.83 3.84 9.00
CA TYR A 69 -0.60 4.07 8.72
C TYR A 69 -1.47 3.68 9.92
N THR A 70 -2.66 4.28 9.99
CA THR A 70 -3.73 3.89 10.94
C THR A 70 -5.07 3.94 10.19
N ILE A 71 -5.69 2.77 9.97
CA ILE A 71 -7.00 2.64 9.34
C ILE A 71 -7.98 2.06 10.37
N ASP A 72 -9.13 2.71 10.58
CA ASP A 72 -10.15 2.21 11.50
C ASP A 72 -10.92 1.05 10.84
N ILE A 73 -11.23 0.01 11.63
CA ILE A 73 -11.94 -1.19 11.16
C ILE A 73 -13.46 -0.91 11.13
N PRO A 74 -14.11 -1.07 9.94
CA PRO A 74 -15.57 -0.83 9.79
C PRO A 74 -16.41 -1.98 10.39
N SER A 75 -17.67 -1.68 10.70
CA SER A 75 -18.62 -2.65 11.28
C SER A 75 -19.12 -3.65 10.22
N ASN A 76 -18.75 -3.42 8.94
CA ASN A 76 -19.09 -4.30 7.81
C ASN A 76 -18.27 -5.61 7.84
N VAL A 77 -17.13 -5.59 8.56
CA VAL A 77 -16.24 -6.77 8.69
C VAL A 77 -16.18 -7.24 10.16
N ASP A 78 -16.32 -8.56 10.35
CA ASP A 78 -15.96 -9.27 11.60
C ASP A 78 -14.71 -10.08 11.29
N LEU A 79 -13.84 -10.28 12.31
CA LEU A 79 -12.61 -11.09 12.19
C LEU A 79 -12.67 -12.26 13.19
N ASN A 80 -12.37 -13.50 12.73
CA ASN A 80 -12.38 -14.71 13.59
C ASN A 80 -11.12 -15.54 13.38
N GLY A 81 -10.92 -16.55 14.25
CA GLY A 81 -9.71 -17.40 14.22
C GLY A 81 -9.57 -18.21 12.93
N GLY A 82 -8.52 -17.89 12.15
CA GLY A 82 -8.25 -18.56 10.86
C GLY A 82 -8.24 -17.60 9.69
N GLU A 83 -8.47 -16.29 9.94
CA GLU A 83 -8.61 -15.27 8.89
C GLU A 83 -7.37 -14.38 8.80
N GLU A 84 -7.14 -13.86 7.60
CA GLU A 84 -6.02 -12.95 7.30
C GLU A 84 -6.57 -11.69 6.64
N LEU A 85 -5.98 -10.53 6.99
CA LEU A 85 -6.27 -9.26 6.31
C LEU A 85 -5.12 -8.95 5.34
N GLN A 86 -5.49 -8.76 4.07
CA GLN A 86 -4.57 -8.42 2.99
C GLN A 86 -4.32 -6.90 3.05
N VAL A 87 -3.06 -6.50 3.21
CA VAL A 87 -2.66 -5.08 3.35
C VAL A 87 -1.74 -4.70 2.17
N THR A 88 -2.16 -3.68 1.39
CA THR A 88 -1.36 -3.12 0.28
C THR A 88 -1.54 -1.60 0.26
N ALA A 89 -0.52 -0.86 -0.22
CA ALA A 89 -0.61 0.60 -0.39
C ALA A 89 -0.49 0.98 -1.87
N THR A 90 -1.20 2.06 -2.23
CA THR A 90 -1.21 2.63 -3.59
C THR A 90 -0.72 4.07 -3.51
N ASP A 91 0.34 4.39 -4.25
CA ASP A 91 0.96 5.73 -4.25
C ASP A 91 0.09 6.75 -5.05
N LYS A 92 0.46 8.04 -4.93
CA LYS A 92 -0.08 9.19 -5.72
C LYS A 92 -0.29 8.83 -7.20
N ASP A 93 0.73 8.16 -7.78
CA ASP A 93 0.82 7.86 -9.22
C ASP A 93 0.26 6.46 -9.51
N GLY A 94 -0.42 5.87 -8.52
CA GLY A 94 -0.98 4.54 -8.63
C GLY A 94 0.04 3.43 -8.40
N ASN A 95 1.27 3.80 -7.96
CA ASN A 95 2.38 2.84 -7.76
C ASN A 95 2.06 1.94 -6.55
N THR A 96 1.47 0.78 -6.85
CA THR A 96 0.99 -0.17 -5.84
C THR A 96 2.13 -1.11 -5.38
N SER A 97 2.06 -1.55 -4.12
CA SER A 97 3.06 -2.47 -3.52
C SER A 97 2.60 -3.95 -3.65
N GLU A 98 3.39 -4.88 -3.09
CA GLU A 98 3.05 -6.33 -3.09
C GLU A 98 2.03 -6.64 -1.96
N SER A 99 1.16 -7.63 -2.21
CA SER A 99 0.07 -8.02 -1.29
C SER A 99 0.58 -8.76 -0.04
N THR A 100 0.22 -8.25 1.16
CA THR A 100 0.66 -8.85 2.45
C THR A 100 -0.54 -9.39 3.25
N ASN A 101 -0.82 -10.69 3.07
CA ASN A 101 -1.89 -11.43 3.80
C ASN A 101 -1.32 -11.88 5.16
N THR A 102 -1.93 -11.44 6.29
CA THR A 102 -1.42 -11.76 7.65
C THR A 102 -2.53 -12.27 8.59
N THR A 103 -2.41 -13.54 9.00
CA THR A 103 -3.29 -14.16 10.01
C THR A 103 -2.85 -13.71 11.41
N ILE A 104 -3.55 -12.71 11.96
CA ILE A 104 -3.35 -12.27 13.35
C ILE A 104 -4.39 -12.98 14.24
N ILE A 105 -5.57 -13.17 13.63
CA ILE A 105 -6.67 -13.94 14.17
C ILE A 105 -6.54 -15.40 13.65
N HIS A 1 20.55 0.27 -56.12
CA HIS A 1 19.58 1.25 -55.58
C HIS A 1 19.59 2.53 -56.44
N HIS A 2 18.39 3.05 -56.80
CA HIS A 2 18.23 4.25 -57.63
C HIS A 2 18.68 5.51 -56.87
N HIS A 3 18.43 5.52 -55.56
CA HIS A 3 18.80 6.63 -54.68
C HIS A 3 20.27 6.51 -54.26
N HIS A 4 21.03 7.61 -54.44
CA HIS A 4 22.39 7.72 -53.91
C HIS A 4 22.32 7.79 -52.38
N HIS A 5 22.73 6.71 -51.70
CA HIS A 5 22.70 6.64 -50.23
C HIS A 5 23.70 7.66 -49.64
N ARG A 6 23.29 8.35 -48.58
CA ARG A 6 24.17 9.24 -47.81
C ARG A 6 24.88 8.40 -46.74
N SER A 7 26.07 8.85 -46.32
CA SER A 7 26.88 8.16 -45.31
C SER A 7 26.25 8.34 -43.92
N GLY A 8 25.36 7.39 -43.54
CA GLY A 8 24.72 7.37 -42.22
C GLY A 8 25.73 7.11 -41.11
N GLY A 9 26.20 8.22 -40.50
CA GLY A 9 27.31 8.20 -39.53
C GLY A 9 27.07 7.27 -38.34
N LEU A 10 28.04 6.35 -38.12
CA LEU A 10 27.99 5.38 -37.01
C LEU A 10 28.45 6.08 -35.72
N VAL A 11 27.51 6.80 -35.12
CA VAL A 11 27.70 7.60 -33.89
C VAL A 11 27.47 6.71 -32.62
N PRO A 12 27.96 7.15 -31.41
CA PRO A 12 27.79 6.37 -30.14
C PRO A 12 26.32 5.99 -29.85
N ARG A 13 26.07 4.70 -29.64
CA ARG A 13 24.74 4.17 -29.30
C ARG A 13 24.45 4.38 -27.80
N GLY A 14 23.21 4.77 -27.49
CA GLY A 14 22.76 4.99 -26.13
C GLY A 14 21.25 4.94 -26.05
N SER A 15 20.73 4.08 -25.17
CA SER A 15 19.28 3.92 -24.94
C SER A 15 18.95 4.22 -23.46
N HIS A 16 18.14 5.28 -23.23
CA HIS A 16 17.60 5.57 -21.89
C HIS A 16 16.59 4.49 -21.51
N MET A 17 16.99 3.62 -20.58
CA MET A 17 16.09 2.61 -20.00
C MET A 17 15.13 3.31 -19.03
N GLU A 18 13.82 3.04 -19.19
CA GLU A 18 12.76 3.71 -18.44
C GLU A 18 12.86 3.42 -16.94
N ASN A 19 12.77 4.49 -16.13
CA ASN A 19 12.89 4.47 -14.67
C ASN A 19 11.78 3.58 -14.07
N LEU A 20 12.17 2.41 -13.53
CA LEU A 20 11.24 1.40 -13.00
C LEU A 20 10.45 1.91 -11.77
N TYR A 21 9.13 1.65 -11.78
CA TYR A 21 8.19 2.17 -10.76
C TYR A 21 8.12 1.22 -9.55
N PHE A 22 8.04 -0.08 -9.84
CA PHE A 22 7.93 -1.13 -8.83
C PHE A 22 9.34 -1.42 -8.27
N GLN A 23 9.68 -0.67 -7.21
CA GLN A 23 10.90 -0.86 -6.44
C GLN A 23 10.63 -0.25 -5.06
N GLY A 24 10.36 -1.10 -4.08
CA GLY A 24 9.97 -0.67 -2.74
C GLY A 24 9.46 -1.81 -1.90
N ASP A 25 9.26 -1.56 -0.59
CA ASP A 25 8.86 -2.58 0.38
C ASP A 25 7.32 -2.64 0.48
N ALA A 26 6.79 -3.86 0.76
CA ALA A 26 5.35 -4.09 0.95
C ALA A 26 4.92 -3.62 2.37
N PRO A 27 3.65 -3.14 2.57
CA PRO A 27 3.21 -2.59 3.87
C PRO A 27 3.10 -3.69 4.96
N THR A 28 3.87 -3.54 6.03
CA THR A 28 3.78 -4.40 7.22
C THR A 28 2.56 -4.00 8.05
N VAL A 29 1.75 -4.99 8.44
CA VAL A 29 0.59 -4.78 9.32
C VAL A 29 0.96 -5.19 10.76
N ASN A 30 0.73 -4.27 11.71
CA ASN A 30 0.91 -4.54 13.16
C ASN A 30 -0.18 -5.49 13.64
N ASP A 31 0.04 -6.12 14.81
CA ASP A 31 -0.87 -7.15 15.36
C ASP A 31 -2.26 -6.54 15.69
N VAL A 32 -3.15 -6.58 14.69
CA VAL A 32 -4.56 -6.21 14.83
C VAL A 32 -5.41 -7.49 14.91
N THR A 33 -5.75 -7.85 16.14
CA THR A 33 -6.65 -8.96 16.43
C THR A 33 -8.11 -8.47 16.40
N SER A 34 -9.05 -9.36 16.74
CA SER A 34 -10.48 -9.00 16.89
C SER A 34 -10.72 -8.18 18.18
N ASP A 35 -9.68 -8.13 19.05
CA ASP A 35 -9.65 -7.23 20.22
C ASP A 35 -9.52 -5.78 19.73
N ALA A 36 -8.55 -5.59 18.80
CA ALA A 36 -8.23 -4.28 18.21
C ALA A 36 -9.34 -3.80 17.26
N THR A 37 -9.66 -2.51 17.32
CA THR A 37 -10.66 -1.85 16.45
C THR A 37 -9.97 -1.02 15.35
N GLN A 38 -8.62 -1.02 15.32
CA GLN A 38 -7.80 -0.25 14.35
C GLN A 38 -6.63 -1.09 13.85
N VAL A 39 -6.38 -0.99 12.55
CA VAL A 39 -5.29 -1.68 11.85
C VAL A 39 -4.13 -0.69 11.61
N THR A 40 -3.15 -0.73 12.50
CA THR A 40 -1.91 0.03 12.37
C THR A 40 -0.87 -0.76 11.54
N GLY A 41 0.20 -0.08 11.13
CA GLY A 41 1.29 -0.71 10.39
C GLY A 41 2.28 0.28 9.86
N GLN A 42 3.25 -0.22 9.07
CA GLN A 42 4.29 0.58 8.42
C GLN A 42 4.17 0.41 6.89
N ALA A 43 4.21 1.54 6.15
CA ALA A 43 4.05 1.55 4.68
C ALA A 43 4.80 2.74 4.06
N GLU A 44 4.57 2.96 2.75
CA GLU A 44 5.01 4.16 2.02
C GLU A 44 4.26 5.41 2.55
N PRO A 45 5.00 6.48 3.00
CA PRO A 45 4.40 7.77 3.47
C PRO A 45 3.41 8.38 2.44
N ASN A 46 2.22 8.77 2.94
CA ASN A 46 1.18 9.51 2.19
C ASN A 46 0.57 8.68 1.04
N SER A 47 0.78 7.36 1.09
CA SER A 47 0.32 6.41 0.06
C SER A 47 -0.94 5.70 0.56
N THR A 48 -1.94 5.58 -0.33
CA THR A 48 -3.25 5.02 0.00
C THR A 48 -3.15 3.49 0.21
N VAL A 49 -3.00 3.07 1.48
CA VAL A 49 -2.92 1.66 1.85
C VAL A 49 -4.32 1.04 1.77
N LYS A 50 -4.59 0.34 0.65
CA LYS A 50 -5.83 -0.42 0.46
C LYS A 50 -5.81 -1.66 1.36
N LEU A 51 -6.83 -1.79 2.21
CA LEU A 51 -6.98 -2.91 3.15
C LEU A 51 -8.16 -3.80 2.70
N THR A 52 -7.85 -4.87 1.96
CA THR A 52 -8.83 -5.89 1.61
C THR A 52 -8.98 -6.88 2.79
N PHE A 53 -10.00 -6.63 3.62
CA PHE A 53 -10.40 -7.50 4.74
C PHE A 53 -10.86 -8.90 4.23
N PRO A 54 -10.77 -9.97 5.09
CA PRO A 54 -11.20 -11.35 4.71
C PRO A 54 -12.72 -11.48 4.43
N ASP A 55 -13.50 -10.50 4.94
CA ASP A 55 -14.96 -10.42 4.74
C ASP A 55 -15.29 -9.99 3.30
N GLY A 56 -14.33 -9.28 2.68
CA GLY A 56 -14.51 -8.71 1.34
C GLY A 56 -14.45 -7.19 1.37
N THR A 57 -14.75 -6.61 2.56
CA THR A 57 -14.72 -5.16 2.80
C THR A 57 -13.33 -4.57 2.52
N THR A 58 -13.23 -3.59 1.62
CA THR A 58 -11.96 -2.94 1.27
C THR A 58 -11.94 -1.50 1.79
N ALA A 59 -11.15 -1.25 2.84
CA ALA A 59 -11.02 0.05 3.51
C ALA A 59 -9.68 0.68 3.11
N THR A 60 -9.72 1.62 2.17
CA THR A 60 -8.55 2.38 1.71
C THR A 60 -8.21 3.49 2.71
N GLY A 61 -6.98 3.45 3.25
CA GLY A 61 -6.50 4.41 4.25
C GLY A 61 -5.14 4.97 3.89
N THR A 62 -5.08 6.28 3.60
CA THR A 62 -3.85 6.99 3.25
C THR A 62 -2.90 7.06 4.46
N ALA A 63 -1.68 6.53 4.29
CA ALA A 63 -0.60 6.58 5.29
C ALA A 63 -0.23 8.05 5.63
N ASP A 64 0.33 8.24 6.82
CA ASP A 64 0.73 9.55 7.34
C ASP A 64 1.98 10.10 6.61
N ASP A 65 2.47 11.27 7.05
CA ASP A 65 3.72 11.86 6.50
C ASP A 65 4.94 11.02 6.90
N GLN A 66 4.84 10.37 8.07
CA GLN A 66 5.74 9.28 8.47
C GLN A 66 5.30 7.99 7.74
N GLY A 67 6.20 7.00 7.65
CA GLY A 67 5.90 5.76 6.94
C GLY A 67 5.10 4.77 7.78
N ASN A 68 3.94 5.21 8.28
CA ASN A 68 3.00 4.38 9.04
C ASN A 68 1.57 4.69 8.59
N TYR A 69 0.65 3.76 8.85
CA TYR A 69 -0.78 3.93 8.56
C TYR A 69 -1.64 3.46 9.74
N THR A 70 -2.86 4.00 9.83
CA THR A 70 -3.89 3.56 10.77
C THR A 70 -5.23 3.57 10.05
N ILE A 71 -5.74 2.38 9.74
CA ILE A 71 -7.03 2.18 9.06
C ILE A 71 -7.99 1.53 10.06
N ASP A 72 -8.97 2.31 10.55
CA ASP A 72 -9.95 1.83 11.53
C ASP A 72 -10.86 0.77 10.87
N ILE A 73 -11.17 -0.29 11.63
CA ILE A 73 -12.04 -1.39 11.19
C ILE A 73 -13.49 -0.88 11.08
N PRO A 74 -14.07 -0.85 9.84
CA PRO A 74 -15.44 -0.33 9.60
C PRO A 74 -16.52 -1.27 10.17
N SER A 75 -17.66 -0.67 10.57
CA SER A 75 -18.83 -1.37 11.10
C SER A 75 -19.53 -2.13 9.95
N ASN A 76 -18.95 -3.28 9.58
CA ASN A 76 -19.43 -4.13 8.47
C ASN A 76 -18.67 -5.45 8.53
N VAL A 77 -17.33 -5.34 8.53
CA VAL A 77 -16.43 -6.50 8.65
C VAL A 77 -16.31 -6.94 10.13
N ASP A 78 -16.32 -8.26 10.35
CA ASP A 78 -16.07 -8.86 11.68
C ASP A 78 -14.92 -9.87 11.54
N LEU A 79 -13.85 -9.66 12.32
CA LEU A 79 -12.67 -10.53 12.32
C LEU A 79 -12.90 -11.74 13.23
N ASN A 80 -12.58 -12.94 12.73
CA ASN A 80 -12.65 -14.21 13.50
C ASN A 80 -11.35 -15.00 13.27
N GLY A 81 -11.02 -15.88 14.23
CA GLY A 81 -9.76 -16.63 14.20
C GLY A 81 -9.60 -17.54 12.97
N GLY A 82 -8.43 -17.49 12.32
CA GLY A 82 -8.13 -18.29 11.12
C GLY A 82 -8.09 -17.45 9.84
N GLU A 83 -8.62 -16.23 9.91
CA GLU A 83 -8.70 -15.32 8.75
C GLU A 83 -7.43 -14.47 8.59
N GLU A 84 -7.12 -14.08 7.35
CA GLU A 84 -6.00 -13.18 7.04
C GLU A 84 -6.55 -11.87 6.44
N LEU A 85 -6.02 -10.72 6.89
CA LEU A 85 -6.35 -9.41 6.30
C LEU A 85 -5.21 -8.95 5.38
N GLN A 86 -5.57 -8.40 4.21
CA GLN A 86 -4.65 -8.11 3.11
C GLN A 86 -4.44 -6.60 2.96
N VAL A 87 -3.27 -6.12 3.40
CA VAL A 87 -2.88 -4.70 3.29
C VAL A 87 -1.96 -4.51 2.06
N THR A 88 -2.19 -3.44 1.29
CA THR A 88 -1.44 -3.16 0.05
C THR A 88 -1.33 -1.64 -0.13
N ALA A 89 -0.10 -1.10 -0.12
CA ALA A 89 0.12 0.35 -0.22
C ALA A 89 0.11 0.78 -1.68
N THR A 90 -1.08 1.20 -2.14
CA THR A 90 -1.21 1.87 -3.44
C THR A 90 -0.61 3.28 -3.30
N ASP A 91 0.56 3.49 -3.93
CA ASP A 91 1.26 4.76 -3.85
C ASP A 91 0.44 5.86 -4.52
N LYS A 92 0.40 7.03 -3.86
CA LYS A 92 -0.32 8.24 -4.31
C LYS A 92 0.08 8.75 -5.72
N ASP A 93 1.13 8.16 -6.31
CA ASP A 93 1.56 8.44 -7.68
C ASP A 93 0.58 7.81 -8.67
N GLY A 94 0.16 6.57 -8.35
CA GLY A 94 -0.76 5.79 -9.19
C GLY A 94 -0.33 4.33 -9.34
N ASN A 95 0.78 3.96 -8.70
CA ASN A 95 1.28 2.57 -8.67
C ASN A 95 0.91 1.90 -7.35
N THR A 96 1.27 0.62 -7.18
CA THR A 96 0.88 -0.20 -6.00
C THR A 96 2.03 -1.17 -5.62
N SER A 97 2.10 -1.55 -4.32
CA SER A 97 3.12 -2.48 -3.80
C SER A 97 2.53 -3.91 -3.71
N GLU A 98 3.25 -4.82 -3.03
CA GLU A 98 2.79 -6.22 -2.84
C GLU A 98 1.69 -6.31 -1.77
N SER A 99 0.82 -7.33 -1.91
CA SER A 99 -0.34 -7.54 -1.04
C SER A 99 0.05 -8.42 0.16
N THR A 100 0.32 -7.78 1.31
CA THR A 100 0.68 -8.48 2.55
C THR A 100 -0.60 -8.98 3.28
N ASN A 101 -0.98 -10.23 2.96
CA ASN A 101 -2.10 -10.93 3.64
C ASN A 101 -1.54 -11.72 4.84
N THR A 102 -1.88 -11.25 6.06
CA THR A 102 -1.32 -11.76 7.32
C THR A 102 -2.45 -12.22 8.26
N THR A 103 -2.31 -13.45 8.79
CA THR A 103 -3.25 -14.03 9.75
C THR A 103 -2.81 -13.66 11.17
N ILE A 104 -3.52 -12.71 11.79
CA ILE A 104 -3.25 -12.24 13.16
C ILE A 104 -4.33 -12.80 14.10
N ILE A 105 -5.58 -12.67 13.65
CA ILE A 105 -6.73 -13.35 14.26
C ILE A 105 -6.57 -14.88 14.09
N HIS A 1 48.23 28.44 -37.10
CA HIS A 1 47.97 27.66 -38.33
C HIS A 1 46.88 26.60 -38.06
N HIS A 2 45.75 27.06 -37.44
CA HIS A 2 44.53 26.24 -37.19
C HIS A 2 44.74 25.12 -36.11
N HIS A 3 45.96 25.01 -35.57
CA HIS A 3 46.36 23.96 -34.60
C HIS A 3 45.99 24.36 -33.14
N HIS A 4 45.42 25.58 -32.97
CA HIS A 4 45.04 26.12 -31.64
C HIS A 4 44.02 25.20 -30.93
N HIS A 5 42.88 24.93 -31.58
CA HIS A 5 41.79 24.12 -31.00
C HIS A 5 40.89 23.56 -32.12
N ARG A 6 40.49 22.28 -31.98
CA ARG A 6 39.58 21.58 -32.90
C ARG A 6 38.21 21.36 -32.21
N SER A 7 37.12 21.50 -32.99
CA SER A 7 35.75 21.31 -32.50
C SER A 7 35.41 19.80 -32.40
N GLY A 8 35.50 19.23 -31.19
CA GLY A 8 35.12 17.84 -30.93
C GLY A 8 33.62 17.64 -31.02
N GLY A 9 32.86 18.52 -30.36
CA GLY A 9 31.40 18.53 -30.42
C GLY A 9 30.76 18.89 -29.10
N LEU A 10 29.49 18.48 -28.93
CA LEU A 10 28.70 18.72 -27.71
C LEU A 10 27.99 17.42 -27.30
N VAL A 11 27.33 17.43 -26.14
CA VAL A 11 26.55 16.29 -25.63
C VAL A 11 25.07 16.70 -25.44
N PRO A 12 24.10 15.72 -25.45
CA PRO A 12 22.67 16.00 -25.14
C PRO A 12 22.42 16.15 -23.62
N ARG A 13 21.18 15.95 -23.19
CA ARG A 13 20.78 15.94 -21.77
C ARG A 13 19.78 14.80 -21.53
N GLY A 14 19.62 14.42 -20.26
CA GLY A 14 18.68 13.36 -19.89
C GLY A 14 18.51 13.27 -18.39
N SER A 15 17.26 13.36 -17.93
CA SER A 15 16.92 13.27 -16.50
C SER A 15 15.62 12.47 -16.32
N HIS A 16 15.66 11.50 -15.38
CA HIS A 16 14.48 10.71 -15.00
C HIS A 16 14.65 10.22 -13.55
N MET A 17 13.53 10.04 -12.83
CA MET A 17 13.53 9.45 -11.49
C MET A 17 12.80 8.10 -11.53
N GLU A 18 11.50 8.10 -11.18
CA GLU A 18 10.69 6.89 -11.00
C GLU A 18 10.07 6.47 -12.34
N ASN A 19 10.85 5.68 -13.10
CA ASN A 19 10.41 5.03 -14.35
C ASN A 19 9.88 3.62 -14.04
N LEU A 20 10.19 3.14 -12.82
CA LEU A 20 9.86 1.78 -12.38
C LEU A 20 8.39 1.70 -11.90
N TYR A 21 7.97 0.46 -11.59
CA TYR A 21 6.59 0.13 -11.17
C TYR A 21 6.63 -0.99 -10.12
N PHE A 22 5.75 -0.87 -9.09
CA PHE A 22 5.69 -1.80 -7.92
C PHE A 22 7.06 -1.83 -7.18
N GLN A 23 7.56 -0.62 -6.88
CA GLN A 23 8.88 -0.42 -6.28
C GLN A 23 8.77 -0.46 -4.74
N GLY A 24 8.95 -1.66 -4.16
CA GLY A 24 8.98 -1.84 -2.71
C GLY A 24 8.52 -3.22 -2.25
N ASP A 25 8.61 -3.44 -0.93
CA ASP A 25 8.17 -4.67 -0.24
C ASP A 25 6.65 -4.58 0.14
N ALA A 26 6.21 -5.48 1.03
CA ALA A 26 4.83 -5.52 1.52
C ALA A 26 4.70 -4.72 2.85
N PRO A 27 3.61 -3.86 3.00
CA PRO A 27 3.29 -3.10 4.25
C PRO A 27 3.37 -3.95 5.54
N THR A 28 4.28 -3.57 6.45
CA THR A 28 4.46 -4.29 7.71
C THR A 28 3.31 -3.95 8.70
N VAL A 29 2.20 -4.70 8.56
CA VAL A 29 1.01 -4.55 9.40
C VAL A 29 1.31 -5.02 10.84
N ASN A 30 0.76 -4.28 11.81
CA ASN A 30 0.86 -4.63 13.24
C ASN A 30 -0.18 -5.72 13.58
N ASP A 31 -0.20 -6.13 14.86
CA ASP A 31 -1.06 -7.22 15.36
C ASP A 31 -2.52 -6.74 15.56
N VAL A 32 -3.21 -6.57 14.43
CA VAL A 32 -4.64 -6.22 14.37
C VAL A 32 -5.50 -7.50 14.54
N THR A 33 -5.75 -7.84 15.81
CA THR A 33 -6.47 -9.04 16.21
C THR A 33 -8.00 -8.80 16.29
N SER A 34 -8.74 -9.81 16.81
CA SER A 34 -10.21 -9.78 16.90
C SER A 34 -10.71 -8.65 17.84
N ASP A 35 -9.90 -8.33 18.87
CA ASP A 35 -10.22 -7.26 19.83
C ASP A 35 -9.78 -5.87 19.31
N ALA A 36 -8.93 -5.84 18.27
CA ALA A 36 -8.45 -4.59 17.66
C ALA A 36 -9.57 -3.96 16.81
N THR A 37 -9.80 -2.65 17.03
CA THR A 37 -10.79 -1.86 16.29
C THR A 37 -10.11 -0.83 15.37
N GLN A 38 -8.76 -0.97 15.22
CA GLN A 38 -7.95 -0.17 14.27
C GLN A 38 -6.86 -1.07 13.66
N VAL A 39 -6.69 -0.99 12.33
CA VAL A 39 -5.55 -1.61 11.63
C VAL A 39 -4.43 -0.56 11.50
N THR A 40 -3.30 -0.79 12.14
CA THR A 40 -2.13 0.09 12.05
C THR A 40 -0.93 -0.71 11.51
N GLY A 41 0.15 0.00 11.20
CA GLY A 41 1.39 -0.63 10.75
C GLY A 41 2.23 0.28 9.88
N GLN A 42 3.44 -0.19 9.54
CA GLN A 42 4.35 0.53 8.64
C GLN A 42 3.90 0.34 7.18
N ALA A 43 3.66 1.45 6.49
CA ALA A 43 3.38 1.48 5.05
C ALA A 43 4.00 2.75 4.47
N GLU A 44 4.08 2.79 3.14
CA GLU A 44 4.79 3.86 2.41
C GLU A 44 4.10 5.22 2.66
N PRO A 45 4.87 6.27 3.13
CA PRO A 45 4.30 7.57 3.54
C PRO A 45 3.56 8.29 2.39
N ASN A 46 2.39 8.88 2.73
CA ASN A 46 1.54 9.66 1.79
C ASN A 46 0.91 8.79 0.67
N SER A 47 1.01 7.45 0.81
CA SER A 47 0.50 6.48 -0.17
C SER A 47 -0.82 5.88 0.36
N THR A 48 -1.84 5.82 -0.51
CA THR A 48 -3.19 5.37 -0.12
C THR A 48 -3.20 3.85 0.15
N VAL A 49 -3.20 3.50 1.44
CA VAL A 49 -3.24 2.10 1.88
C VAL A 49 -4.66 1.55 1.76
N LYS A 50 -4.89 0.67 0.77
CA LYS A 50 -6.16 -0.05 0.63
C LYS A 50 -6.17 -1.25 1.59
N LEU A 51 -7.07 -1.20 2.59
CA LEU A 51 -7.21 -2.28 3.57
C LEU A 51 -8.32 -3.23 3.11
N THR A 52 -7.92 -4.42 2.66
CA THR A 52 -8.84 -5.46 2.20
C THR A 52 -9.03 -6.47 3.34
N PHE A 53 -10.09 -6.23 4.12
CA PHE A 53 -10.53 -7.09 5.21
C PHE A 53 -10.93 -8.50 4.70
N PRO A 54 -10.67 -9.58 5.51
CA PRO A 54 -10.77 -11.00 5.06
C PRO A 54 -12.17 -11.43 4.55
N ASP A 55 -13.22 -10.73 5.01
CA ASP A 55 -14.61 -11.04 4.64
C ASP A 55 -14.92 -10.48 3.24
N GLY A 56 -14.29 -9.33 2.91
CA GLY A 56 -14.49 -8.67 1.62
C GLY A 56 -14.60 -7.15 1.73
N THR A 57 -14.71 -6.63 2.97
CA THR A 57 -14.77 -5.18 3.23
C THR A 57 -13.45 -4.51 2.81
N THR A 58 -13.53 -3.35 2.17
CA THR A 58 -12.35 -2.55 1.79
C THR A 58 -12.50 -1.10 2.29
N ALA A 59 -11.59 -0.71 3.19
CA ALA A 59 -11.54 0.64 3.77
C ALA A 59 -10.18 1.27 3.41
N THR A 60 -10.20 2.30 2.54
CA THR A 60 -8.97 2.96 2.05
C THR A 60 -8.58 4.13 2.99
N GLY A 61 -7.34 4.07 3.48
CA GLY A 61 -6.78 5.08 4.37
C GLY A 61 -5.35 5.43 3.98
N THR A 62 -5.13 6.69 3.61
CA THR A 62 -3.82 7.19 3.18
C THR A 62 -2.84 7.25 4.37
N ALA A 63 -1.64 6.70 4.17
CA ALA A 63 -0.55 6.76 5.16
C ALA A 63 -0.11 8.22 5.42
N ASP A 64 0.37 8.48 6.64
CA ASP A 64 0.79 9.83 7.08
C ASP A 64 2.10 10.27 6.36
N ASP A 65 2.61 11.49 6.65
CA ASP A 65 3.94 11.93 6.20
C ASP A 65 5.03 11.00 6.81
N GLN A 66 4.76 10.52 8.04
CA GLN A 66 5.50 9.42 8.67
C GLN A 66 5.12 8.10 7.96
N GLY A 67 6.03 7.12 7.94
CA GLY A 67 5.81 5.87 7.20
C GLY A 67 4.98 4.86 7.99
N ASN A 68 3.75 5.27 8.32
CA ASN A 68 2.76 4.43 8.99
C ASN A 68 1.37 4.82 8.49
N TYR A 69 0.39 3.93 8.69
CA TYR A 69 -1.02 4.22 8.39
C TYR A 69 -1.87 3.92 9.63
N THR A 70 -3.04 4.54 9.70
CA THR A 70 -4.07 4.22 10.70
C THR A 70 -5.43 4.15 9.97
N ILE A 71 -5.95 2.92 9.81
CA ILE A 71 -7.25 2.66 9.19
C ILE A 71 -8.15 2.00 10.24
N ASP A 72 -9.10 2.76 10.79
CA ASP A 72 -10.06 2.26 11.79
C ASP A 72 -11.01 1.23 11.15
N ILE A 73 -11.33 0.18 11.90
CA ILE A 73 -12.12 -0.95 11.44
C ILE A 73 -13.63 -0.63 11.49
N PRO A 74 -14.38 -0.89 10.36
CA PRO A 74 -15.84 -0.77 10.33
C PRO A 74 -16.51 -1.98 11.02
N SER A 75 -17.70 -1.75 11.62
CA SER A 75 -18.46 -2.80 12.34
C SER A 75 -19.09 -3.83 11.36
N ASN A 76 -19.03 -3.52 10.05
CA ASN A 76 -19.47 -4.42 8.96
C ASN A 76 -18.67 -5.73 9.00
N VAL A 77 -17.33 -5.59 9.04
CA VAL A 77 -16.41 -6.75 9.08
C VAL A 77 -16.30 -7.32 10.51
N ASP A 78 -16.51 -8.64 10.62
CA ASP A 78 -16.18 -9.42 11.82
C ASP A 78 -14.78 -10.00 11.65
N LEU A 79 -13.95 -9.89 12.69
CA LEU A 79 -12.62 -10.51 12.72
C LEU A 79 -12.69 -11.79 13.57
N ASN A 80 -12.82 -12.95 12.90
CA ASN A 80 -12.95 -14.25 13.58
C ASN A 80 -11.58 -14.90 13.85
N GLY A 81 -11.05 -15.64 12.87
CA GLY A 81 -9.82 -16.40 13.04
C GLY A 81 -9.54 -17.29 11.84
N GLY A 82 -8.25 -17.45 11.48
CA GLY A 82 -7.84 -18.09 10.23
C GLY A 82 -8.21 -17.22 9.03
N GLU A 83 -8.04 -15.90 9.21
CA GLU A 83 -8.55 -14.85 8.30
C GLU A 83 -7.42 -13.83 8.00
N GLU A 84 -7.16 -13.58 6.71
CA GLU A 84 -6.02 -12.76 6.25
C GLU A 84 -6.40 -11.26 6.16
N LEU A 85 -5.68 -10.41 6.93
CA LEU A 85 -5.66 -8.96 6.69
C LEU A 85 -4.79 -8.71 5.45
N GLN A 86 -5.43 -8.41 4.31
CA GLN A 86 -4.74 -8.11 3.04
C GLN A 86 -4.48 -6.59 2.95
N VAL A 87 -3.25 -6.20 3.31
CA VAL A 87 -2.84 -4.79 3.45
C VAL A 87 -1.89 -4.39 2.31
N THR A 88 -2.19 -3.28 1.60
CA THR A 88 -1.32 -2.80 0.49
C THR A 88 -1.38 -1.27 0.36
N ALA A 89 -0.20 -0.61 0.21
CA ALA A 89 -0.10 0.84 0.00
C ALA A 89 0.04 1.14 -1.52
N THR A 90 -0.67 2.17 -2.00
CA THR A 90 -0.62 2.57 -3.42
C THR A 90 -0.31 4.08 -3.53
N ASP A 91 0.91 4.39 -4.00
CA ASP A 91 1.36 5.77 -4.26
C ASP A 91 0.74 6.31 -5.55
N LYS A 92 0.07 7.48 -5.44
CA LYS A 92 -0.14 8.50 -6.52
C LYS A 92 -0.20 7.95 -7.97
N ASP A 93 0.97 7.51 -8.48
CA ASP A 93 1.20 7.18 -9.90
C ASP A 93 0.74 5.74 -10.23
N GLY A 94 0.20 5.05 -9.20
CA GLY A 94 -0.15 3.65 -9.29
C GLY A 94 0.95 2.74 -8.77
N ASN A 95 1.94 3.31 -8.04
CA ASN A 95 3.04 2.54 -7.43
C ASN A 95 2.51 1.77 -6.22
N THR A 96 1.85 0.66 -6.51
CA THR A 96 1.29 -0.25 -5.52
C THR A 96 2.42 -1.16 -4.98
N SER A 97 2.37 -1.48 -3.68
CA SER A 97 3.34 -2.36 -3.03
C SER A 97 2.91 -3.84 -3.21
N GLU A 98 3.55 -4.76 -2.49
CA GLU A 98 3.16 -6.18 -2.47
C GLU A 98 2.00 -6.38 -1.48
N SER A 99 1.10 -7.33 -1.80
CA SER A 99 -0.06 -7.64 -0.96
C SER A 99 0.36 -8.41 0.31
N THR A 100 0.28 -7.73 1.46
CA THR A 100 0.50 -8.36 2.77
C THR A 100 -0.75 -9.17 3.16
N ASN A 101 -0.76 -10.46 2.80
CA ASN A 101 -1.89 -11.36 3.12
C ASN A 101 -1.51 -12.15 4.38
N THR A 102 -1.75 -11.55 5.56
CA THR A 102 -1.32 -12.12 6.85
C THR A 102 -2.51 -12.43 7.77
N THR A 103 -2.58 -13.70 8.22
CA THR A 103 -3.52 -14.13 9.26
C THR A 103 -3.00 -13.68 10.64
N ILE A 104 -3.34 -12.45 11.03
CA ILE A 104 -3.08 -11.97 12.40
C ILE A 104 -3.97 -12.77 13.36
N ILE A 105 -5.23 -12.93 12.92
CA ILE A 105 -6.24 -13.81 13.53
C ILE A 105 -6.17 -15.22 12.88
N HIS A 1 29.92 16.25 -52.40
CA HIS A 1 31.04 15.97 -51.47
C HIS A 1 31.20 17.12 -50.47
N HIS A 2 31.74 16.82 -49.28
CA HIS A 2 31.98 17.85 -48.24
C HIS A 2 33.16 18.77 -48.63
N HIS A 3 33.19 19.98 -48.03
CA HIS A 3 34.18 21.03 -48.34
C HIS A 3 35.03 21.35 -47.10
N HIS A 4 36.29 20.83 -47.10
CA HIS A 4 37.35 21.13 -46.11
C HIS A 4 36.87 20.95 -44.65
N HIS A 5 36.09 19.86 -44.43
CA HIS A 5 35.58 19.42 -43.09
C HIS A 5 34.40 20.31 -42.58
N ARG A 6 34.28 21.53 -43.14
CA ARG A 6 33.29 22.54 -42.72
C ARG A 6 31.86 22.10 -43.04
N SER A 7 31.71 21.35 -44.15
CA SER A 7 30.40 20.83 -44.59
C SER A 7 30.06 19.48 -43.90
N GLY A 8 30.78 19.15 -42.80
CA GLY A 8 30.51 17.92 -42.03
C GLY A 8 29.24 18.02 -41.20
N GLY A 9 28.86 16.91 -40.55
CA GLY A 9 27.62 16.83 -39.78
C GLY A 9 27.66 15.75 -38.70
N LEU A 10 26.66 15.79 -37.81
CA LEU A 10 26.54 14.88 -36.66
C LEU A 10 25.05 14.54 -36.45
N VAL A 11 24.76 13.26 -36.17
CA VAL A 11 23.41 12.80 -35.81
C VAL A 11 23.20 12.92 -34.28
N PRO A 12 21.98 13.34 -33.80
CA PRO A 12 21.64 13.40 -32.34
C PRO A 12 21.54 11.99 -31.70
N ARG A 13 21.28 11.98 -30.38
CA ARG A 13 21.19 10.73 -29.58
C ARG A 13 19.84 10.00 -29.82
N GLY A 14 18.77 10.79 -29.96
CA GLY A 14 17.40 10.23 -30.02
C GLY A 14 16.72 10.30 -28.66
N SER A 15 15.79 9.37 -28.40
CA SER A 15 14.99 9.36 -27.15
C SER A 15 14.28 8.00 -26.97
N HIS A 16 13.77 7.77 -25.74
CA HIS A 16 12.97 6.58 -25.38
C HIS A 16 12.25 6.83 -24.04
N MET A 17 10.92 6.62 -24.01
CA MET A 17 10.12 6.71 -22.78
C MET A 17 10.33 5.46 -21.92
N GLU A 18 11.08 5.62 -20.83
CA GLU A 18 11.41 4.54 -19.88
C GLU A 18 10.42 4.54 -18.72
N ASN A 19 10.09 3.33 -18.21
CA ASN A 19 9.05 3.12 -17.18
C ASN A 19 9.66 2.57 -15.89
N LEU A 20 9.51 3.32 -14.78
CA LEU A 20 9.92 2.88 -13.44
C LEU A 20 8.70 2.30 -12.71
N TYR A 21 8.89 1.13 -12.07
CA TYR A 21 7.85 0.46 -11.26
C TYR A 21 8.29 0.38 -9.80
N PHE A 22 7.35 0.04 -8.91
CA PHE A 22 7.60 -0.03 -7.46
C PHE A 22 8.49 -1.23 -7.11
N GLN A 23 9.80 -1.00 -7.13
CA GLN A 23 10.80 -1.96 -6.65
C GLN A 23 11.06 -1.70 -5.17
N GLY A 24 10.09 -2.12 -4.34
CA GLY A 24 10.10 -1.86 -2.90
C GLY A 24 9.26 -2.87 -2.13
N ASP A 25 9.29 -2.77 -0.79
CA ASP A 25 8.62 -3.73 0.12
C ASP A 25 7.13 -3.37 0.33
N ALA A 26 6.33 -4.39 0.67
CA ALA A 26 4.88 -4.28 0.88
C ALA A 26 4.57 -3.73 2.30
N PRO A 27 3.33 -3.15 2.55
CA PRO A 27 3.00 -2.53 3.85
C PRO A 27 2.90 -3.57 4.98
N THR A 28 3.75 -3.42 5.98
CA THR A 28 3.73 -4.25 7.18
C THR A 28 2.56 -3.82 8.08
N VAL A 29 1.95 -4.78 8.76
CA VAL A 29 0.80 -4.55 9.64
C VAL A 29 1.09 -5.12 11.04
N ASN A 30 0.50 -4.47 12.05
CA ASN A 30 0.63 -4.86 13.47
C ASN A 30 -0.19 -6.13 13.77
N ASP A 31 -0.17 -6.57 15.04
CA ASP A 31 -1.01 -7.68 15.51
C ASP A 31 -2.47 -7.20 15.64
N VAL A 32 -3.16 -7.13 14.49
CA VAL A 32 -4.55 -6.67 14.41
C VAL A 32 -5.48 -7.88 14.51
N THR A 33 -5.80 -8.23 15.77
CA THR A 33 -6.76 -9.29 16.08
C THR A 33 -8.19 -8.72 16.07
N SER A 34 -9.17 -9.52 16.50
CA SER A 34 -10.56 -9.05 16.72
C SER A 34 -10.62 -8.12 17.97
N ASP A 35 -9.54 -8.12 18.80
CA ASP A 35 -9.37 -7.21 19.94
C ASP A 35 -9.07 -5.79 19.43
N ALA A 36 -8.24 -5.71 18.38
CA ALA A 36 -7.83 -4.44 17.75
C ALA A 36 -9.01 -3.81 17.00
N THR A 37 -9.21 -2.50 17.20
CA THR A 37 -10.28 -1.73 16.55
C THR A 37 -9.71 -0.83 15.44
N GLN A 38 -8.37 -0.68 15.39
CA GLN A 38 -7.69 0.10 14.34
C GLN A 38 -6.47 -0.68 13.83
N VAL A 39 -6.43 -0.84 12.50
CA VAL A 39 -5.32 -1.47 11.78
C VAL A 39 -4.16 -0.48 11.62
N THR A 40 -3.14 -0.64 12.46
CA THR A 40 -1.91 0.15 12.40
C THR A 40 -0.82 -0.67 11.69
N GLY A 41 0.18 0.04 11.15
CA GLY A 41 1.32 -0.59 10.48
C GLY A 41 2.22 0.44 9.82
N GLN A 42 3.18 -0.03 9.01
CA GLN A 42 4.08 0.85 8.21
C GLN A 42 3.82 0.65 6.71
N ALA A 43 3.87 1.77 5.96
CA ALA A 43 3.64 1.79 4.50
C ALA A 43 4.28 3.04 3.87
N GLU A 44 4.03 3.24 2.57
CA GLU A 44 4.46 4.43 1.81
C GLU A 44 3.80 5.71 2.37
N PRO A 45 4.61 6.74 2.84
CA PRO A 45 4.09 8.03 3.36
C PRO A 45 3.14 8.75 2.36
N ASN A 46 1.99 9.25 2.86
CA ASN A 46 0.97 10.02 2.07
C ASN A 46 0.32 9.18 0.95
N SER A 47 0.54 7.86 0.95
CA SER A 47 0.01 6.96 -0.07
C SER A 47 -1.22 6.24 0.48
N THR A 48 -2.19 5.97 -0.41
CA THR A 48 -3.49 5.44 -0.01
C THR A 48 -3.38 3.92 0.25
N VAL A 49 -3.31 3.54 1.53
CA VAL A 49 -3.22 2.14 1.95
C VAL A 49 -4.60 1.47 1.78
N LYS A 50 -4.71 0.69 0.70
CA LYS A 50 -5.88 -0.12 0.40
C LYS A 50 -5.93 -1.34 1.34
N LEU A 51 -6.79 -1.27 2.34
CA LEU A 51 -6.93 -2.33 3.36
C LEU A 51 -7.96 -3.35 2.84
N THR A 52 -7.48 -4.49 2.37
CA THR A 52 -8.35 -5.57 1.89
C THR A 52 -8.66 -6.56 3.04
N PHE A 53 -9.77 -6.37 3.74
CA PHE A 53 -10.23 -7.30 4.77
C PHE A 53 -10.54 -8.69 4.15
N PRO A 54 -10.37 -9.82 4.92
CA PRO A 54 -10.59 -11.22 4.42
C PRO A 54 -12.03 -11.49 3.93
N ASP A 55 -12.96 -10.60 4.32
CA ASP A 55 -14.39 -10.68 3.96
C ASP A 55 -14.64 -10.10 2.55
N GLY A 56 -13.59 -9.52 1.93
CA GLY A 56 -13.72 -8.82 0.65
C GLY A 56 -13.99 -7.34 0.83
N THR A 57 -14.38 -6.95 2.08
CA THR A 57 -14.58 -5.56 2.48
C THR A 57 -13.24 -4.81 2.39
N THR A 58 -13.22 -3.63 1.80
CA THR A 58 -12.01 -2.80 1.69
C THR A 58 -12.22 -1.43 2.35
N ALA A 59 -11.13 -0.85 2.87
CA ALA A 59 -11.14 0.44 3.56
C ALA A 59 -9.86 1.22 3.20
N THR A 60 -9.99 2.24 2.35
CA THR A 60 -8.88 3.09 1.93
C THR A 60 -8.52 4.09 3.06
N GLY A 61 -7.26 4.07 3.49
CA GLY A 61 -6.76 4.99 4.52
C GLY A 61 -5.40 5.55 4.12
N THR A 62 -5.31 6.88 4.05
CA THR A 62 -4.07 7.59 3.69
C THR A 62 -3.02 7.44 4.82
N ALA A 63 -1.82 6.97 4.45
CA ALA A 63 -0.69 6.90 5.39
C ALA A 63 -0.19 8.32 5.75
N ASP A 64 0.41 8.43 6.94
CA ASP A 64 0.89 9.70 7.53
C ASP A 64 2.07 10.30 6.71
N ASP A 65 2.58 11.47 7.15
CA ASP A 65 3.82 12.07 6.60
C ASP A 65 5.04 11.17 6.91
N GLN A 66 4.97 10.47 8.06
CA GLN A 66 5.85 9.35 8.38
C GLN A 66 5.31 8.09 7.66
N GLY A 67 6.15 7.06 7.53
CA GLY A 67 5.78 5.83 6.83
C GLY A 67 5.01 4.87 7.72
N ASN A 68 3.85 5.32 8.21
CA ASN A 68 2.92 4.52 9.01
C ASN A 68 1.48 4.82 8.59
N TYR A 69 0.53 3.95 8.96
CA TYR A 69 -0.91 4.16 8.69
C TYR A 69 -1.75 3.73 9.90
N THR A 70 -2.91 4.38 10.08
CA THR A 70 -3.88 4.04 11.14
C THR A 70 -5.30 4.10 10.55
N ILE A 71 -5.78 2.94 10.08
CA ILE A 71 -7.11 2.80 9.44
C ILE A 71 -8.03 2.07 10.42
N ASP A 72 -9.15 2.70 10.83
CA ASP A 72 -10.10 2.09 11.78
C ASP A 72 -10.92 1.00 11.08
N ILE A 73 -11.18 -0.09 11.80
CA ILE A 73 -12.01 -1.20 11.31
C ILE A 73 -13.51 -0.77 11.32
N PRO A 74 -14.18 -0.80 10.13
CA PRO A 74 -15.63 -0.54 10.05
C PRO A 74 -16.44 -1.69 10.70
N SER A 75 -17.55 -1.34 11.38
CA SER A 75 -18.42 -2.33 12.08
C SER A 75 -19.14 -3.26 11.09
N ASN A 76 -19.04 -2.94 9.78
CA ASN A 76 -19.56 -3.77 8.69
C ASN A 76 -18.78 -5.09 8.54
N VAL A 77 -17.49 -5.08 8.95
CA VAL A 77 -16.58 -6.24 8.83
C VAL A 77 -16.17 -6.76 10.22
N ASP A 78 -15.78 -8.04 10.27
CA ASP A 78 -15.30 -8.73 11.49
C ASP A 78 -14.02 -9.54 11.16
N LEU A 79 -13.21 -9.82 12.18
CA LEU A 79 -11.97 -10.63 12.05
C LEU A 79 -12.14 -11.95 12.85
N ASN A 80 -12.52 -13.03 12.14
CA ASN A 80 -12.78 -14.35 12.75
C ASN A 80 -11.49 -15.22 12.71
N GLY A 81 -11.30 -15.99 13.79
CA GLY A 81 -10.08 -16.77 14.01
C GLY A 81 -9.83 -17.86 12.97
N GLY A 82 -8.97 -17.56 11.99
CA GLY A 82 -8.65 -18.48 10.90
C GLY A 82 -8.33 -17.73 9.62
N GLU A 83 -8.98 -16.57 9.47
CA GLU A 83 -8.84 -15.70 8.29
C GLU A 83 -7.57 -14.83 8.37
N GLU A 84 -7.29 -14.09 7.29
CA GLU A 84 -6.07 -13.28 7.16
C GLU A 84 -6.43 -11.84 6.75
N LEU A 85 -5.99 -10.87 7.55
CA LEU A 85 -6.14 -9.45 7.21
C LEU A 85 -5.06 -9.09 6.17
N GLN A 86 -5.51 -8.57 5.02
CA GLN A 86 -4.65 -8.26 3.87
C GLN A 86 -4.57 -6.72 3.72
N VAL A 87 -3.34 -6.18 3.57
CA VAL A 87 -3.10 -4.73 3.38
C VAL A 87 -2.13 -4.50 2.19
N THR A 88 -2.50 -3.55 1.31
CA THR A 88 -1.69 -3.09 0.16
C THR A 88 -1.61 -1.55 0.22
N ALA A 89 -0.50 -0.97 -0.26
CA ALA A 89 -0.30 0.49 -0.25
C ALA A 89 -0.15 1.01 -1.69
N THR A 90 -1.18 1.74 -2.15
CA THR A 90 -1.17 2.39 -3.47
C THR A 90 -0.37 3.71 -3.42
N ASP A 91 0.80 3.68 -4.07
CA ASP A 91 1.67 4.85 -4.30
C ASP A 91 0.90 5.98 -5.04
N LYS A 92 1.34 7.23 -4.80
CA LYS A 92 0.65 8.45 -5.26
C LYS A 92 0.67 8.66 -6.80
N ASP A 93 1.57 7.98 -7.53
CA ASP A 93 1.63 8.05 -9.01
C ASP A 93 0.63 7.07 -9.59
N GLY A 94 0.85 5.78 -9.29
CA GLY A 94 0.02 4.71 -9.84
C GLY A 94 0.50 3.31 -9.51
N ASN A 95 1.58 3.21 -8.70
CA ASN A 95 2.12 1.90 -8.27
C ASN A 95 1.31 1.39 -7.07
N THR A 96 1.39 0.07 -6.82
CA THR A 96 0.79 -0.58 -5.65
C THR A 96 1.72 -1.72 -5.18
N SER A 97 2.05 -1.71 -3.89
CA SER A 97 2.84 -2.77 -3.25
C SER A 97 2.03 -4.08 -3.15
N GLU A 98 2.73 -5.24 -3.09
CA GLU A 98 2.09 -6.58 -3.14
C GLU A 98 1.25 -6.89 -1.88
N SER A 99 0.51 -8.00 -1.95
CA SER A 99 -0.50 -8.37 -0.94
C SER A 99 0.14 -8.92 0.35
N THR A 100 0.14 -8.09 1.41
CA THR A 100 0.55 -8.53 2.76
C THR A 100 -0.67 -9.13 3.50
N ASN A 101 -0.84 -10.45 3.37
CA ASN A 101 -1.90 -11.19 4.09
C ASN A 101 -1.32 -11.74 5.40
N THR A 102 -2.06 -11.56 6.51
CA THR A 102 -1.57 -11.95 7.86
C THR A 102 -2.70 -12.60 8.68
N THR A 103 -2.56 -13.91 8.96
CA THR A 103 -3.44 -14.66 9.86
C THR A 103 -3.09 -14.30 11.32
N ILE A 104 -3.53 -13.12 11.75
CA ILE A 104 -3.29 -12.62 13.12
C ILE A 104 -4.36 -13.22 14.05
N ILE A 105 -5.54 -13.43 13.47
CA ILE A 105 -6.71 -14.02 14.12
C ILE A 105 -6.65 -15.56 13.96
N HIS A 1 -9.42 48.38 -39.00
CA HIS A 1 -8.19 47.58 -39.16
C HIS A 1 -7.16 48.39 -39.96
N HIS A 2 -6.01 48.74 -39.34
CA HIS A 2 -4.88 49.40 -40.04
C HIS A 2 -4.10 48.37 -40.90
N HIS A 3 -4.22 47.09 -40.50
CA HIS A 3 -3.70 45.93 -41.27
C HIS A 3 -4.72 44.78 -41.19
N HIS A 4 -4.56 43.75 -42.02
CA HIS A 4 -5.47 42.59 -42.05
C HIS A 4 -4.68 41.28 -42.19
N HIS A 5 -3.81 41.04 -41.21
CA HIS A 5 -3.05 39.79 -41.06
C HIS A 5 -3.10 39.36 -39.59
N ARG A 6 -2.76 38.09 -39.32
CA ARG A 6 -2.72 37.56 -37.95
C ARG A 6 -1.55 36.58 -37.80
N SER A 7 -1.05 36.47 -36.57
CA SER A 7 0.10 35.63 -36.21
C SER A 7 -0.10 35.05 -34.81
N GLY A 8 0.60 33.95 -34.50
CA GLY A 8 0.53 33.30 -33.20
C GLY A 8 1.83 32.62 -32.82
N GLY A 9 1.76 31.74 -31.82
CA GLY A 9 2.92 30.98 -31.34
C GLY A 9 2.80 29.49 -31.64
N LEU A 10 3.87 28.75 -31.35
CA LEU A 10 3.95 27.29 -31.62
C LEU A 10 4.03 26.54 -30.29
N VAL A 11 2.88 25.99 -29.84
CA VAL A 11 2.78 25.24 -28.57
C VAL A 11 3.58 23.91 -28.66
N PRO A 12 4.48 23.62 -27.66
CA PRO A 12 5.17 22.33 -27.59
C PRO A 12 4.17 21.19 -27.29
N ARG A 13 4.19 20.14 -28.12
CA ARG A 13 3.30 18.97 -27.96
C ARG A 13 3.77 18.12 -26.78
N GLY A 14 2.81 17.69 -25.94
CA GLY A 14 3.09 16.89 -24.75
C GLY A 14 3.53 15.47 -25.08
N SER A 15 4.70 15.06 -24.57
CA SER A 15 5.25 13.70 -24.73
C SER A 15 4.98 12.87 -23.47
N HIS A 16 5.30 11.56 -23.52
CA HIS A 16 5.09 10.62 -22.39
C HIS A 16 6.25 9.62 -22.32
N MET A 17 6.66 9.30 -21.09
CA MET A 17 7.70 8.29 -20.81
C MET A 17 7.01 6.98 -20.42
N GLU A 18 7.64 5.84 -20.79
CA GLU A 18 7.09 4.48 -20.59
C GLU A 18 6.73 4.20 -19.11
N ASN A 19 5.60 3.47 -18.91
CA ASN A 19 5.02 3.23 -17.58
C ASN A 19 5.96 2.40 -16.68
N LEU A 20 6.30 2.96 -15.52
CA LEU A 20 7.22 2.34 -14.55
C LEU A 20 6.42 1.74 -13.38
N TYR A 21 6.87 0.56 -12.91
CA TYR A 21 6.24 -0.16 -11.78
C TYR A 21 6.84 0.34 -10.46
N PHE A 22 6.29 -0.13 -9.31
CA PHE A 22 6.82 0.22 -7.99
C PHE A 22 8.08 -0.64 -7.67
N GLN A 23 9.13 0.00 -7.15
CA GLN A 23 10.23 -0.70 -6.48
C GLN A 23 10.14 -0.39 -4.98
N GLY A 24 9.33 -1.19 -4.28
CA GLY A 24 9.08 -1.02 -2.86
C GLY A 24 8.61 -2.32 -2.23
N ASP A 25 8.91 -2.48 -0.94
CA ASP A 25 8.46 -3.64 -0.14
C ASP A 25 6.98 -3.46 0.25
N ALA A 26 6.33 -4.58 0.63
CA ALA A 26 4.93 -4.60 1.03
C ALA A 26 4.71 -3.90 2.41
N PRO A 27 3.52 -3.25 2.63
CA PRO A 27 3.20 -2.58 3.92
C PRO A 27 3.02 -3.60 5.08
N THR A 28 3.90 -3.54 6.09
CA THR A 28 3.82 -4.41 7.29
C THR A 28 2.82 -3.85 8.31
N VAL A 29 2.26 -4.73 9.16
CA VAL A 29 1.31 -4.32 10.24
C VAL A 29 1.68 -4.96 11.57
N ASN A 30 1.09 -4.39 12.64
CA ASN A 30 1.24 -4.90 14.01
C ASN A 30 0.30 -6.11 14.25
N ASP A 31 0.32 -6.63 15.49
CA ASP A 31 -0.55 -7.73 15.93
C ASP A 31 -2.02 -7.25 16.10
N VAL A 32 -2.68 -6.91 14.96
CA VAL A 32 -4.04 -6.37 14.94
C VAL A 32 -5.04 -7.53 14.87
N THR A 33 -5.64 -7.82 16.03
CA THR A 33 -6.65 -8.87 16.20
C THR A 33 -8.06 -8.35 15.86
N SER A 34 -9.08 -9.18 16.08
CA SER A 34 -10.49 -8.78 15.92
C SER A 34 -10.94 -7.92 17.13
N ASP A 35 -10.16 -7.99 18.24
CA ASP A 35 -10.30 -7.09 19.42
C ASP A 35 -9.93 -5.65 19.01
N ALA A 36 -8.91 -5.55 18.15
CA ALA A 36 -8.40 -4.28 17.63
C ALA A 36 -9.38 -3.71 16.56
N THR A 37 -9.98 -2.56 16.89
CA THR A 37 -10.98 -1.89 16.04
C THR A 37 -10.31 -0.81 15.14
N GLN A 38 -8.98 -0.71 15.21
CA GLN A 38 -8.14 0.19 14.39
C GLN A 38 -6.86 -0.58 14.04
N VAL A 39 -6.53 -0.62 12.74
CA VAL A 39 -5.32 -1.28 12.25
C VAL A 39 -4.18 -0.24 12.10
N THR A 40 -3.01 -0.58 12.63
CA THR A 40 -1.79 0.25 12.53
C THR A 40 -0.66 -0.60 11.95
N GLY A 41 0.24 0.06 11.21
CA GLY A 41 1.40 -0.61 10.64
C GLY A 41 2.24 0.32 9.79
N GLN A 42 3.39 -0.21 9.32
CA GLN A 42 4.33 0.53 8.48
C GLN A 42 3.91 0.38 7.00
N ALA A 43 3.29 1.44 6.46
CA ALA A 43 2.86 1.49 5.04
C ALA A 43 3.73 2.49 4.26
N GLU A 44 3.57 2.50 2.93
CA GLU A 44 4.27 3.46 2.05
C GLU A 44 3.80 4.90 2.39
N PRO A 45 4.76 5.84 2.71
CA PRO A 45 4.44 7.15 3.33
C PRO A 45 3.61 8.08 2.40
N ASN A 46 2.53 8.65 2.96
CA ASN A 46 1.62 9.59 2.25
C ASN A 46 0.99 8.95 0.98
N SER A 47 0.94 7.60 0.95
CA SER A 47 0.43 6.83 -0.19
C SER A 47 -0.92 6.22 0.21
N THR A 48 -1.85 6.10 -0.76
CA THR A 48 -3.24 5.71 -0.48
C THR A 48 -3.32 4.22 -0.07
N VAL A 49 -3.25 3.99 1.25
CA VAL A 49 -3.18 2.64 1.82
C VAL A 49 -4.59 1.96 1.78
N LYS A 50 -4.72 1.00 0.84
CA LYS A 50 -5.96 0.22 0.66
C LYS A 50 -5.93 -1.02 1.56
N LEU A 51 -6.85 -1.09 2.49
CA LEU A 51 -7.02 -2.25 3.38
C LEU A 51 -8.12 -3.17 2.83
N THR A 52 -7.72 -4.37 2.40
CA THR A 52 -8.64 -5.40 1.90
C THR A 52 -8.87 -6.46 2.99
N PHE A 53 -10.05 -6.44 3.59
CA PHE A 53 -10.46 -7.48 4.54
C PHE A 53 -10.68 -8.82 3.80
N PRO A 54 -10.24 -9.98 4.41
CA PRO A 54 -10.45 -11.34 3.85
C PRO A 54 -11.94 -11.73 3.69
N ASP A 55 -12.82 -11.01 4.41
CA ASP A 55 -14.28 -11.09 4.25
C ASP A 55 -14.68 -10.58 2.86
N GLY A 56 -14.00 -9.50 2.43
CA GLY A 56 -14.21 -8.92 1.11
C GLY A 56 -14.37 -7.40 1.18
N THR A 57 -14.82 -6.89 2.36
CA THR A 57 -14.92 -5.44 2.63
C THR A 57 -13.54 -4.76 2.44
N THR A 58 -13.52 -3.58 1.80
CA THR A 58 -12.27 -2.84 1.56
C THR A 58 -12.37 -1.42 2.16
N ALA A 59 -11.57 -1.18 3.23
CA ALA A 59 -11.48 0.10 3.93
C ALA A 59 -10.30 0.90 3.36
N THR A 60 -10.60 1.92 2.54
CA THR A 60 -9.57 2.72 1.87
C THR A 60 -9.18 3.93 2.74
N GLY A 61 -7.88 4.18 2.84
CA GLY A 61 -7.32 5.29 3.61
C GLY A 61 -6.04 5.79 2.98
N THR A 62 -5.30 6.65 3.70
CA THR A 62 -4.01 7.21 3.24
C THR A 62 -3.04 7.27 4.41
N ALA A 63 -1.79 6.80 4.18
CA ALA A 63 -0.73 6.78 5.21
C ALA A 63 -0.30 8.21 5.60
N ASP A 64 0.27 8.33 6.80
CA ASP A 64 0.65 9.61 7.44
C ASP A 64 1.91 10.24 6.80
N ASP A 65 2.45 11.26 7.49
CA ASP A 65 3.71 11.95 7.13
C ASP A 65 4.87 10.94 7.10
N GLN A 66 4.93 10.12 8.17
CA GLN A 66 5.89 9.02 8.28
C GLN A 66 5.38 7.80 7.47
N GLY A 67 6.23 6.76 7.34
CA GLY A 67 5.85 5.55 6.65
C GLY A 67 5.05 4.62 7.54
N ASN A 68 3.91 5.12 8.01
CA ASN A 68 2.98 4.38 8.87
C ASN A 68 1.55 4.82 8.54
N TYR A 69 0.56 4.01 8.93
CA TYR A 69 -0.86 4.33 8.69
C TYR A 69 -1.70 3.92 9.90
N THR A 70 -2.91 4.50 9.99
CA THR A 70 -3.96 4.06 10.91
C THR A 70 -5.30 4.15 10.16
N ILE A 71 -5.93 3.00 9.91
CA ILE A 71 -7.30 2.91 9.34
C ILE A 71 -8.25 2.38 10.41
N ASP A 72 -9.37 3.08 10.59
CA ASP A 72 -10.44 2.70 11.50
C ASP A 72 -11.16 1.47 10.92
N ILE A 73 -10.96 0.28 11.53
CA ILE A 73 -11.62 -0.97 11.08
C ILE A 73 -13.14 -0.86 11.29
N PRO A 74 -13.96 -0.94 10.19
CA PRO A 74 -15.42 -0.74 10.26
C PRO A 74 -16.10 -1.90 11.01
N SER A 75 -17.08 -1.56 11.86
CA SER A 75 -17.80 -2.54 12.72
C SER A 75 -18.85 -3.37 11.93
N ASN A 76 -18.79 -3.29 10.59
CA ASN A 76 -19.59 -4.16 9.69
C ASN A 76 -18.84 -5.47 9.37
N VAL A 77 -17.49 -5.42 9.46
CA VAL A 77 -16.61 -6.56 9.13
C VAL A 77 -15.99 -7.16 10.41
N ASP A 78 -15.83 -8.50 10.43
CA ASP A 78 -15.22 -9.24 11.56
C ASP A 78 -13.96 -9.98 11.06
N LEU A 79 -12.95 -10.12 11.96
CA LEU A 79 -11.73 -10.90 11.68
C LEU A 79 -11.82 -12.25 12.42
N ASN A 80 -12.52 -13.21 11.79
CA ASN A 80 -12.71 -14.57 12.33
C ASN A 80 -11.38 -15.37 12.26
N GLY A 81 -11.10 -16.13 13.34
CA GLY A 81 -9.86 -16.87 13.48
C GLY A 81 -9.63 -17.89 12.37
N GLY A 82 -8.69 -17.58 11.47
CA GLY A 82 -8.38 -18.40 10.30
C GLY A 82 -8.12 -17.55 9.08
N GLU A 83 -8.75 -16.37 9.07
CA GLU A 83 -8.61 -15.38 7.99
C GLU A 83 -7.35 -14.51 8.18
N GLU A 84 -6.91 -13.89 7.08
CA GLU A 84 -5.65 -13.14 7.00
C GLU A 84 -5.90 -11.69 6.58
N LEU A 85 -5.59 -10.76 7.49
CA LEU A 85 -5.78 -9.32 7.29
C LEU A 85 -4.83 -8.82 6.18
N GLN A 86 -5.41 -8.55 5.01
CA GLN A 86 -4.66 -8.14 3.81
C GLN A 86 -4.60 -6.60 3.73
N VAL A 87 -3.37 -6.04 3.76
CA VAL A 87 -3.14 -4.59 3.66
C VAL A 87 -2.28 -4.32 2.42
N THR A 88 -2.57 -3.21 1.74
CA THR A 88 -1.85 -2.78 0.52
C THR A 88 -1.77 -1.24 0.53
N ALA A 89 -0.83 -0.66 -0.24
CA ALA A 89 -0.73 0.81 -0.40
C ALA A 89 -0.49 1.18 -1.86
N THR A 90 -1.10 2.27 -2.31
CA THR A 90 -0.98 2.76 -3.68
C THR A 90 0.01 3.92 -3.67
N ASP A 91 1.22 3.65 -4.18
CA ASP A 91 2.30 4.65 -4.34
C ASP A 91 1.81 5.88 -5.12
N LYS A 92 2.49 7.02 -4.90
CA LYS A 92 2.15 8.34 -5.48
C LYS A 92 2.24 8.39 -7.03
N ASP A 93 2.82 7.35 -7.66
CA ASP A 93 2.88 7.22 -9.14
C ASP A 93 1.70 6.38 -9.65
N GLY A 94 0.79 6.00 -8.74
CA GLY A 94 -0.38 5.18 -9.06
C GLY A 94 -0.06 3.70 -9.21
N ASN A 95 0.79 3.18 -8.31
CA ASN A 95 1.24 1.77 -8.34
C ASN A 95 0.80 1.05 -7.06
N THR A 96 -0.13 0.08 -7.22
CA THR A 96 -0.58 -0.82 -6.14
C THR A 96 0.58 -1.75 -5.74
N SER A 97 0.94 -1.75 -4.44
CA SER A 97 2.07 -2.56 -3.92
C SER A 97 1.63 -4.02 -3.69
N GLU A 98 2.50 -4.81 -3.05
CA GLU A 98 2.22 -6.19 -2.68
C GLU A 98 1.23 -6.26 -1.50
N SER A 99 0.23 -7.14 -1.62
CA SER A 99 -0.84 -7.30 -0.64
C SER A 99 -0.39 -8.18 0.56
N THR A 100 0.02 -7.52 1.66
CA THR A 100 0.46 -8.20 2.89
C THR A 100 -0.73 -8.82 3.64
N ASN A 101 -0.99 -10.08 3.35
CA ASN A 101 -2.00 -10.90 4.04
C ASN A 101 -1.36 -11.51 5.31
N THR A 102 -1.97 -11.27 6.48
CA THR A 102 -1.38 -11.67 7.78
C THR A 102 -2.45 -12.23 8.74
N THR A 103 -2.38 -13.55 9.02
CA THR A 103 -3.21 -14.20 10.04
C THR A 103 -2.71 -13.84 11.45
N ILE A 104 -3.34 -12.82 12.05
CA ILE A 104 -3.15 -12.50 13.49
C ILE A 104 -4.20 -13.28 14.29
N ILE A 105 -5.33 -13.51 13.61
CA ILE A 105 -6.48 -14.24 14.13
C ILE A 105 -6.42 -15.72 13.63
#